data_1GQG
#
_entry.id   1GQG
#
_cell.length_a   108.939
_cell.length_b   55.646
_cell.length_c   123.863
_cell.angle_alpha   90.00
_cell.angle_beta   98.26
_cell.angle_gamma   90.00
#
_symmetry.space_group_name_H-M   'P 1 21 1'
#
loop_
_entity.id
_entity.type
_entity.pdbx_description
1 polymer 'QUERCETIN 2,3-DIOXYGENASE'
2 branched beta-D-mannopyranose-(1-4)-2-acetamido-2-deoxy-beta-D-glucopyranose-(1-4)-2-acetamido-2-deoxy-beta-D-glucopyranose
3 branched 2-acetamido-2-deoxy-beta-D-glucopyranose-(1-4)-2-acetamido-2-deoxy-beta-D-glucopyranose
4 non-polymer 'DIETHYLCARBAMODITHIOIC ACID'
5 non-polymer 'COPPER (II) ION'
6 non-polymer 2-acetamido-2-deoxy-beta-D-glucopyranose
7 water water
#
_entity_poly.entity_id   1
_entity_poly.type   'polypeptide(L)'
_entity_poly.pdbx_seq_one_letter_code
;DTSSLIVEDAPDHVRPYVIRHYSHARAVTVDTQLYRFYVTGPSSGYAFTLMGTNAPHSDALGVLPHIHQKHYENFYCNKG
SFQLWAQSGNETQQTRVLSSGDYGSVPRNVTHTFQIQDPDTEMTGVIVPGGFEDLFYYLGTNATDTTHTPYIPSSSDSSS
TTGPDSSTISTLQSFDVYAELSFTPRTDTVNGTAPANTVWHTGANALASTAGDPYFIANGWGPKYLNSQYGYQIVAPFVT
ATQAQDTNYTLSTISMSTTPSTVTVPTWSFPGACAFQVQEGRVVVQIGDYAATELGSGDVAFIPGGVEFKYYSEAYFSKV
LFVSSGSDGLDQNLVNGGEEWSSVSFPADW
;
_entity_poly.pdbx_strand_id   A,B,C,D
#
loop_
_chem_comp.id
_chem_comp.type
_chem_comp.name
_chem_comp.formula
BMA D-saccharide, beta linking beta-D-mannopyranose 'C6 H12 O6'
CU non-polymer 'COPPER (II) ION' 'Cu 2'
DCD non-polymer 'DIETHYLCARBAMODITHIOIC ACID' 'C5 H11 N S2'
NAG D-saccharide, beta linking 2-acetamido-2-deoxy-beta-D-glucopyranose 'C8 H15 N O6'
#
# COMPACT_ATOMS: atom_id res chain seq x y z
N SER A 3 39.35 11.86 -34.67
CA SER A 3 40.13 12.12 -33.41
C SER A 3 39.28 12.17 -32.14
N SER A 4 37.96 12.12 -32.31
CA SER A 4 37.06 12.07 -31.17
C SER A 4 37.34 10.81 -30.36
N LEU A 5 36.91 10.81 -29.11
CA LEU A 5 37.13 9.67 -28.22
C LEU A 5 36.48 8.38 -28.71
N ILE A 6 35.25 8.48 -29.19
CA ILE A 6 34.53 7.31 -29.64
C ILE A 6 34.86 7.05 -31.09
N VAL A 7 35.25 5.81 -31.37
CA VAL A 7 35.64 5.37 -32.71
C VAL A 7 34.82 4.17 -33.17
N GLU A 8 34.77 3.97 -34.50
CA GLU A 8 34.02 2.84 -35.06
C GLU A 8 34.88 1.61 -35.30
N ASP A 9 36.20 1.82 -35.44
CA ASP A 9 37.16 0.74 -35.59
C ASP A 9 38.28 1.15 -34.67
N ALA A 10 38.98 0.20 -34.07
CA ALA A 10 40.08 0.52 -33.17
C ALA A 10 41.12 1.34 -33.95
N PRO A 11 41.72 2.34 -33.31
CA PRO A 11 42.73 3.17 -33.98
C PRO A 11 43.96 2.39 -34.46
N ASP A 12 44.73 2.98 -35.36
CA ASP A 12 45.91 2.31 -35.89
C ASP A 12 47.19 2.65 -35.11
N HIS A 13 47.02 3.29 -33.96
CA HIS A 13 48.13 3.69 -33.11
C HIS A 13 47.57 3.83 -31.70
N VAL A 14 48.46 3.95 -30.72
CA VAL A 14 48.05 4.01 -29.31
C VAL A 14 47.47 5.37 -28.95
N ARG A 15 46.26 5.37 -28.42
CA ARG A 15 45.59 6.59 -27.97
C ARG A 15 44.37 6.18 -27.14
N PRO A 16 43.87 7.07 -26.30
CA PRO A 16 42.64 6.78 -25.57
C PRO A 16 41.49 6.63 -26.55
N TYR A 17 40.60 5.67 -26.32
CA TYR A 17 39.39 5.61 -27.12
C TYR A 17 38.30 4.80 -26.45
N VAL A 18 37.08 5.00 -26.93
CA VAL A 18 35.94 4.20 -26.51
C VAL A 18 35.34 3.65 -27.80
N ILE A 19 34.94 2.38 -27.78
CA ILE A 19 34.30 1.81 -28.96
C ILE A 19 33.02 1.09 -28.51
N ARG A 20 31.88 1.47 -29.11
CA ARG A 20 30.59 0.93 -28.69
C ARG A 20 30.41 -0.53 -29.07
N HIS A 21 29.61 -1.24 -28.28
CA HIS A 21 29.27 -2.62 -28.58
C HIS A 21 28.75 -2.74 -30.01
N TYR A 22 29.23 -3.75 -30.74
CA TYR A 22 28.81 -4.00 -32.12
C TYR A 22 29.22 -2.93 -33.14
N SER A 23 30.19 -2.11 -32.78
CA SER A 23 30.75 -1.18 -33.77
C SER A 23 31.37 -2.07 -34.85
N HIS A 24 31.64 -1.48 -36.01
CA HIS A 24 32.27 -2.27 -37.07
C HIS A 24 33.52 -3.04 -36.62
N ALA A 25 34.47 -2.34 -36.00
CA ALA A 25 35.65 -2.97 -35.39
C ALA A 25 36.32 -4.00 -36.32
N ARG A 26 36.58 -3.56 -37.55
CA ARG A 26 37.21 -4.41 -38.59
C ARG A 26 36.57 -5.79 -38.67
N ALA A 27 35.24 -5.81 -38.74
CA ALA A 27 34.52 -7.07 -38.69
C ALA A 27 34.88 -8.03 -39.81
N VAL A 28 34.93 -9.32 -39.45
CA VAL A 28 35.06 -10.38 -40.44
C VAL A 28 34.10 -11.50 -40.05
N THR A 29 33.80 -12.39 -40.99
CA THR A 29 33.04 -13.59 -40.67
C THR A 29 33.91 -14.79 -40.95
N VAL A 30 33.74 -15.81 -40.13
CA VAL A 30 34.32 -17.11 -40.42
C VAL A 30 33.13 -18.04 -40.35
N ASP A 31 32.68 -18.50 -41.51
CA ASP A 31 31.45 -19.27 -41.58
C ASP A 31 30.31 -18.47 -40.94
N THR A 32 29.64 -19.03 -39.96
CA THR A 32 28.53 -18.32 -39.33
C THR A 32 28.92 -17.37 -38.21
N GLN A 33 30.19 -17.39 -37.81
CA GLN A 33 30.67 -16.55 -36.72
C GLN A 33 31.07 -15.15 -37.21
N LEU A 34 30.73 -14.13 -36.42
CA LEU A 34 31.15 -12.76 -36.75
C LEU A 34 32.09 -12.27 -35.65
N TYR A 35 33.29 -11.84 -36.07
CA TYR A 35 34.35 -11.38 -35.18
C TYR A 35 34.51 -9.87 -35.24
N ARG A 36 34.63 -9.26 -34.06
CA ARG A 36 34.89 -7.84 -33.97
C ARG A 36 36.14 -7.62 -33.12
N PHE A 37 36.97 -6.68 -33.52
CA PHE A 37 38.23 -6.43 -32.83
C PHE A 37 38.25 -5.08 -32.14
N TYR A 38 37.79 -5.08 -30.88
CA TYR A 38 37.64 -3.85 -30.13
C TYR A 38 38.99 -3.28 -29.71
N VAL A 39 39.93 -4.15 -29.36
CA VAL A 39 41.29 -3.73 -29.07
C VAL A 39 42.23 -4.59 -29.89
N THR A 40 43.15 -3.96 -30.62
CA THR A 40 44.07 -4.70 -31.49
C THR A 40 45.52 -4.56 -31.06
N GLY A 41 46.40 -5.28 -31.76
CA GLY A 41 47.82 -5.09 -31.54
C GLY A 41 48.19 -3.62 -31.75
N PRO A 42 47.95 -3.10 -32.94
CA PRO A 42 48.26 -1.68 -33.19
C PRO A 42 47.58 -0.73 -32.20
N SER A 43 46.34 -0.98 -31.83
CA SER A 43 45.67 0.00 -30.96
C SER A 43 46.16 -0.05 -29.52
N SER A 44 46.72 -1.20 -29.11
CA SER A 44 47.18 -1.33 -27.74
C SER A 44 48.71 -1.36 -27.62
N GLY A 45 49.42 -1.08 -28.72
CA GLY A 45 50.88 -1.16 -28.69
C GLY A 45 51.33 -2.59 -28.39
N TYR A 46 50.53 -3.52 -28.89
CA TYR A 46 50.78 -4.97 -28.78
C TYR A 46 50.63 -5.55 -27.39
N ALA A 47 49.99 -4.79 -26.52
CA ALA A 47 49.74 -5.28 -25.17
C ALA A 47 48.75 -6.45 -25.12
N PHE A 48 47.64 -6.31 -25.83
CA PHE A 48 46.63 -7.36 -25.82
C PHE A 48 45.61 -7.14 -26.93
N THR A 49 44.81 -8.16 -27.18
CA THR A 49 43.71 -8.11 -28.11
C THR A 49 42.43 -8.36 -27.32
N LEU A 50 41.41 -7.54 -27.56
CA LEU A 50 40.09 -7.78 -26.96
C LEU A 50 39.12 -7.92 -28.14
N MET A 51 38.56 -9.11 -28.32
CA MET A 51 37.68 -9.36 -29.45
C MET A 51 36.35 -9.90 -29.03
N GLY A 52 35.34 -9.71 -29.87
CA GLY A 52 34.03 -10.27 -29.58
C GLY A 52 33.60 -11.14 -30.74
N THR A 53 33.09 -12.33 -30.43
CA THR A 53 32.59 -13.25 -31.44
C THR A 53 31.13 -13.51 -31.18
N ASN A 54 30.28 -13.25 -32.18
CA ASN A 54 28.86 -13.53 -32.03
C ASN A 54 28.54 -14.64 -33.02
N ALA A 55 27.73 -15.61 -32.59
CA ALA A 55 27.45 -16.77 -33.44
C ALA A 55 26.20 -17.48 -32.99
N PRO A 56 25.54 -18.12 -33.94
CA PRO A 56 24.36 -18.94 -33.64
C PRO A 56 24.74 -20.33 -33.18
N HIS A 57 23.75 -21.09 -32.73
CA HIS A 57 23.99 -22.48 -32.35
C HIS A 57 24.65 -23.23 -33.49
N SER A 58 25.58 -24.12 -33.15
CA SER A 58 26.15 -25.01 -34.15
C SER A 58 26.21 -26.46 -33.62
N ASP A 59 25.97 -27.41 -34.51
CA ASP A 59 26.06 -28.82 -34.12
C ASP A 59 27.50 -29.30 -34.25
N ALA A 60 28.37 -28.44 -34.77
CA ALA A 60 29.77 -28.80 -34.97
C ALA A 60 30.73 -27.91 -34.17
N LEU A 61 31.95 -28.38 -33.96
CA LEU A 61 32.98 -27.56 -33.31
C LEU A 61 33.13 -26.26 -34.08
N GLY A 62 33.46 -25.20 -33.37
CA GLY A 62 33.65 -23.87 -33.95
C GLY A 62 35.03 -23.69 -34.56
N VAL A 63 35.92 -24.62 -34.22
CA VAL A 63 37.28 -24.61 -34.74
C VAL A 63 37.89 -25.99 -34.51
N LEU A 64 38.82 -26.41 -35.36
CA LEU A 64 39.47 -27.69 -35.08
C LEU A 64 40.41 -27.49 -33.89
N PRO A 65 40.63 -28.54 -33.10
CA PRO A 65 41.55 -28.47 -31.95
C PRO A 65 42.95 -27.98 -32.31
N HIS A 66 43.49 -27.08 -31.49
CA HIS A 66 44.80 -26.53 -31.79
C HIS A 66 45.46 -25.96 -30.55
N ILE A 67 46.71 -25.54 -30.71
CA ILE A 67 47.50 -24.88 -29.68
C ILE A 67 48.09 -23.57 -30.19
N HIS A 68 48.28 -22.60 -29.28
CA HIS A 68 49.06 -21.41 -29.57
C HIS A 68 50.26 -21.49 -28.62
N GLN A 69 51.47 -21.35 -29.17
CA GLN A 69 52.68 -21.47 -28.36
C GLN A 69 53.11 -20.16 -27.71
N LYS A 70 52.63 -19.04 -28.25
CA LYS A 70 53.10 -17.74 -27.79
C LYS A 70 51.99 -16.82 -27.34
N HIS A 71 50.75 -17.31 -27.36
CA HIS A 71 49.61 -16.52 -26.91
C HIS A 71 48.85 -17.25 -25.81
N TYR A 72 48.31 -16.46 -24.90
CA TYR A 72 47.47 -16.91 -23.80
C TYR A 72 46.08 -16.38 -24.12
N GLU A 73 45.10 -17.28 -24.28
CA GLU A 73 43.73 -16.84 -24.57
C GLU A 73 42.84 -16.94 -23.34
N ASN A 74 41.90 -16.02 -23.28
CA ASN A 74 40.93 -15.98 -22.20
C ASN A 74 39.54 -15.92 -22.80
N PHE A 75 38.68 -16.87 -22.43
CA PHE A 75 37.34 -16.96 -22.99
C PHE A 75 36.35 -16.48 -21.95
N TYR A 76 35.55 -15.49 -22.31
CA TYR A 76 34.53 -15.00 -21.40
C TYR A 76 33.18 -14.98 -22.10
N CYS A 77 32.17 -15.53 -21.46
CA CYS A 77 30.86 -15.60 -22.10
C CYS A 77 30.04 -14.35 -21.76
N ASN A 78 29.86 -13.48 -22.74
CA ASN A 78 29.07 -12.26 -22.53
C ASN A 78 27.58 -12.59 -22.40
N LYS A 79 27.13 -13.51 -23.24
CA LYS A 79 25.76 -13.98 -23.25
C LYS A 79 25.67 -15.29 -24.04
N GLY A 80 24.54 -15.98 -23.90
CA GLY A 80 24.36 -17.25 -24.58
C GLY A 80 25.19 -18.31 -23.87
N SER A 81 25.75 -19.23 -24.64
CA SER A 81 26.55 -20.28 -24.04
C SER A 81 27.37 -21.00 -25.10
N PHE A 82 28.57 -21.39 -24.71
CA PHE A 82 29.41 -22.21 -25.59
C PHE A 82 30.19 -23.19 -24.75
N GLN A 83 30.54 -24.33 -25.34
CA GLN A 83 31.33 -25.32 -24.65
C GLN A 83 32.78 -25.07 -24.99
N LEU A 84 33.65 -25.25 -24.00
CA LEU A 84 35.10 -25.09 -24.17
C LEU A 84 35.80 -26.36 -23.69
N TRP A 85 36.72 -26.88 -24.50
CA TRP A 85 37.52 -28.04 -24.11
C TRP A 85 38.98 -27.59 -24.03
N ALA A 86 39.72 -28.12 -23.05
CA ALA A 86 41.10 -27.72 -22.85
C ALA A 86 41.93 -28.85 -22.24
N GLN A 87 43.19 -28.96 -22.66
CA GLN A 87 44.10 -29.95 -22.08
C GLN A 87 45.54 -29.48 -22.12
N SER A 88 46.23 -29.65 -21.00
CA SER A 88 47.65 -29.37 -20.93
C SER A 88 48.43 -30.69 -20.81
N GLY A 89 49.46 -30.84 -21.62
CA GLY A 89 50.28 -32.05 -21.60
C GLY A 89 49.46 -33.33 -21.59
N ASN A 90 49.74 -34.18 -20.63
CA ASN A 90 48.99 -35.41 -20.49
C ASN A 90 48.00 -35.39 -19.36
N GLU A 91 47.77 -34.18 -18.81
CA GLU A 91 46.81 -34.01 -17.75
C GLU A 91 45.44 -34.36 -18.33
N THR A 92 44.51 -34.70 -17.45
CA THR A 92 43.16 -35.04 -17.86
C THR A 92 42.52 -33.91 -18.66
N GLN A 93 41.85 -34.25 -19.75
CA GLN A 93 41.15 -33.25 -20.58
C GLN A 93 39.94 -32.71 -19.81
N GLN A 94 39.77 -31.38 -19.82
CA GLN A 94 38.68 -30.71 -19.11
C GLN A 94 37.71 -30.05 -20.09
N THR A 95 36.42 -30.04 -19.76
CA THR A 95 35.47 -29.30 -20.57
C THR A 95 34.37 -28.71 -19.69
N ARG A 96 33.92 -27.52 -20.06
CA ARG A 96 32.85 -26.84 -19.36
C ARG A 96 31.95 -26.16 -20.39
N VAL A 97 30.67 -26.07 -20.05
CA VAL A 97 29.75 -25.27 -20.86
C VAL A 97 29.66 -23.94 -20.14
N LEU A 98 30.13 -22.89 -20.80
CA LEU A 98 30.09 -21.54 -20.23
C LEU A 98 28.79 -20.83 -20.60
N SER A 99 28.14 -20.23 -19.61
CA SER A 99 26.97 -19.39 -19.81
C SER A 99 27.35 -17.98 -19.34
N SER A 100 26.39 -17.06 -19.34
CA SER A 100 26.71 -15.63 -19.10
C SER A 100 27.58 -15.40 -17.87
N GLY A 101 28.71 -14.76 -18.08
CA GLY A 101 29.59 -14.41 -16.98
C GLY A 101 30.64 -15.44 -16.64
N ASP A 102 30.58 -16.61 -17.30
CA ASP A 102 31.56 -17.68 -17.04
C ASP A 102 32.88 -17.40 -17.77
N TYR A 103 33.96 -17.98 -17.26
CA TYR A 103 35.30 -17.68 -17.74
C TYR A 103 36.12 -18.96 -17.89
N GLY A 104 36.93 -19.01 -18.94
CA GLY A 104 37.81 -20.15 -19.21
C GLY A 104 39.19 -19.63 -19.56
N SER A 105 40.22 -20.13 -18.88
CA SER A 105 41.61 -19.72 -19.09
C SER A 105 42.38 -20.76 -19.91
N VAL A 106 43.02 -20.30 -21.00
CA VAL A 106 43.78 -21.21 -21.89
C VAL A 106 45.19 -20.68 -22.09
N PRO A 107 46.09 -21.04 -21.18
CA PRO A 107 47.51 -20.65 -21.27
C PRO A 107 48.19 -21.11 -22.55
N ARG A 108 49.39 -20.62 -22.81
CA ARG A 108 50.16 -21.13 -23.95
C ARG A 108 50.34 -22.66 -23.86
N ASN A 109 50.38 -23.30 -25.02
CA ASN A 109 50.59 -24.74 -25.12
C ASN A 109 49.47 -25.61 -24.54
N VAL A 110 48.25 -25.09 -24.54
CA VAL A 110 47.10 -25.84 -24.07
C VAL A 110 46.17 -26.13 -25.26
N THR A 111 45.93 -27.40 -25.54
CA THR A 111 45.02 -27.73 -26.64
C THR A 111 43.59 -27.30 -26.32
N HIS A 112 42.90 -26.72 -27.29
CA HIS A 112 41.54 -26.24 -27.04
C HIS A 112 40.69 -26.18 -28.30
N THR A 113 39.39 -26.15 -28.06
CA THR A 113 38.41 -25.91 -29.11
C THR A 113 37.14 -25.49 -28.38
N PHE A 114 36.12 -25.09 -29.13
CA PHE A 114 34.86 -24.65 -28.55
C PHE A 114 33.70 -24.99 -29.50
N GLN A 115 32.48 -24.87 -28.98
CA GLN A 115 31.29 -25.14 -29.76
C GLN A 115 30.19 -24.21 -29.28
N ILE A 116 29.61 -23.45 -30.19
CA ILE A 116 28.54 -22.50 -29.83
C ILE A 116 27.23 -23.24 -29.57
N GLN A 117 26.64 -23.03 -28.38
CA GLN A 117 25.41 -23.72 -28.01
C GLN A 117 24.12 -22.92 -28.20
N ASP A 118 24.06 -21.71 -27.67
CA ASP A 118 22.83 -20.91 -27.74
C ASP A 118 22.75 -19.96 -28.93
N PRO A 119 21.53 -19.69 -29.38
CA PRO A 119 21.33 -18.83 -30.55
C PRO A 119 21.92 -17.44 -30.44
N ASP A 120 21.88 -16.81 -29.26
CA ASP A 120 22.41 -15.46 -29.14
C ASP A 120 23.67 -15.52 -28.28
N THR A 121 24.69 -16.18 -28.80
CA THR A 121 25.92 -16.35 -28.04
C THR A 121 26.97 -15.31 -28.38
N GLU A 122 27.63 -14.80 -27.35
CA GLU A 122 28.70 -13.86 -27.54
C GLU A 122 29.86 -14.27 -26.67
N MET A 123 31.01 -14.44 -27.32
CA MET A 123 32.24 -14.86 -26.67
C MET A 123 33.21 -13.68 -26.70
N THR A 124 33.64 -13.19 -25.55
CA THR A 124 34.64 -12.13 -25.53
C THR A 124 35.98 -12.81 -25.34
N GLY A 125 36.93 -12.50 -26.22
CA GLY A 125 38.24 -13.10 -26.11
C GLY A 125 39.30 -12.08 -25.79
N VAL A 126 40.09 -12.35 -24.76
CA VAL A 126 41.19 -11.47 -24.43
C VAL A 126 42.45 -12.30 -24.65
N ILE A 127 43.32 -11.83 -25.54
CA ILE A 127 44.49 -12.60 -25.90
C ILE A 127 45.71 -11.77 -25.64
N VAL A 128 46.73 -12.41 -25.09
CA VAL A 128 47.96 -11.73 -24.75
C VAL A 128 49.14 -12.51 -25.30
N PRO A 129 50.08 -11.87 -25.99
CA PRO A 129 50.08 -10.44 -26.30
C PRO A 129 49.16 -10.08 -27.46
N GLY A 130 49.10 -8.79 -27.80
CA GLY A 130 48.21 -8.37 -28.87
C GLY A 130 48.75 -8.65 -30.24
N GLY A 131 47.87 -8.61 -31.22
CA GLY A 131 48.28 -8.81 -32.60
C GLY A 131 47.84 -10.15 -33.13
N PHE A 132 47.26 -10.97 -32.26
CA PHE A 132 46.81 -12.30 -32.63
C PHE A 132 45.68 -12.22 -33.65
N GLU A 133 45.00 -11.08 -33.69
CA GLU A 133 43.85 -10.91 -34.58
C GLU A 133 44.21 -11.09 -36.06
N ASP A 134 45.49 -11.05 -36.41
CA ASP A 134 45.87 -11.21 -37.82
C ASP A 134 45.32 -12.52 -38.38
N LEU A 135 45.27 -13.52 -37.51
CA LEU A 135 44.80 -14.85 -37.88
C LEU A 135 43.37 -14.77 -38.35
N PHE A 136 42.57 -13.97 -37.65
CA PHE A 136 41.18 -13.83 -38.01
C PHE A 136 40.95 -12.97 -39.23
N TYR A 137 41.77 -11.94 -39.43
CA TYR A 137 41.72 -11.19 -40.69
C TYR A 137 41.99 -12.17 -41.84
N TYR A 138 43.04 -12.96 -41.66
CA TYR A 138 43.51 -13.91 -42.67
C TYR A 138 42.45 -14.95 -43.06
N LEU A 139 41.95 -15.69 -42.08
CA LEU A 139 40.95 -16.73 -42.33
C LEU A 139 39.54 -16.18 -42.54
N GLY A 140 39.32 -14.94 -42.11
CA GLY A 140 38.03 -14.29 -42.22
C GLY A 140 37.72 -13.65 -43.56
N THR A 141 36.45 -13.33 -43.75
CA THR A 141 36.01 -12.61 -44.93
C THR A 141 35.51 -11.27 -44.39
N ASN A 142 36.00 -10.18 -44.95
CA ASN A 142 35.56 -8.87 -44.51
C ASN A 142 34.03 -8.76 -44.48
N ALA A 143 33.51 -8.07 -43.47
CA ALA A 143 32.08 -7.91 -43.38
C ALA A 143 31.77 -6.43 -43.22
N THR A 144 30.94 -5.91 -44.12
CA THR A 144 30.58 -4.51 -44.06
C THR A 144 29.57 -4.31 -42.92
N ASP A 145 28.63 -5.24 -42.83
CA ASP A 145 27.59 -5.23 -41.80
C ASP A 145 27.02 -3.82 -41.52
N THR A 146 26.36 -3.29 -42.53
CA THR A 146 25.84 -1.94 -42.49
C THR A 146 24.95 -1.65 -41.28
N THR A 147 24.07 -2.59 -40.93
CA THR A 147 23.12 -2.37 -39.83
C THR A 147 23.70 -2.68 -38.47
N HIS A 148 24.93 -3.13 -38.43
CA HIS A 148 25.57 -3.50 -37.17
C HIS A 148 24.88 -4.64 -36.45
N THR A 149 24.28 -5.56 -37.20
CA THR A 149 23.63 -6.70 -36.58
C THR A 149 24.69 -7.59 -35.91
N PRO A 150 24.41 -8.15 -34.73
CA PRO A 150 25.43 -8.92 -34.00
C PRO A 150 26.09 -10.00 -34.83
N TYR A 151 25.31 -10.78 -35.56
CA TYR A 151 25.90 -11.72 -36.54
C TYR A 151 24.95 -11.82 -37.70
N ILE A 152 25.44 -12.35 -38.82
CA ILE A 152 24.64 -12.46 -40.02
C ILE A 152 23.61 -13.58 -39.91
N PRO A 153 22.34 -13.26 -40.07
CA PRO A 153 21.27 -14.27 -39.96
C PRO A 153 21.41 -15.38 -41.00
N SER A 154 21.13 -16.62 -40.60
CA SER A 154 21.23 -17.78 -41.49
C SER A 154 21.00 -19.09 -40.73
N SER A 170 48.14 -29.04 -40.80
CA SER A 170 47.81 -27.62 -40.78
C SER A 170 49.08 -26.80 -41.02
N THR A 171 48.91 -25.56 -41.44
CA THR A 171 50.02 -24.76 -41.95
C THR A 171 49.99 -23.30 -41.51
N LEU A 172 49.39 -23.04 -40.35
CA LEU A 172 49.21 -21.68 -39.88
C LEU A 172 50.20 -21.34 -38.76
N GLN A 173 51.33 -22.02 -38.76
CA GLN A 173 52.31 -21.79 -37.71
C GLN A 173 52.74 -20.32 -37.61
N SER A 174 52.79 -19.63 -38.75
CA SER A 174 53.19 -18.22 -38.73
C SER A 174 52.26 -17.34 -37.89
N PHE A 175 50.99 -17.77 -37.78
CA PHE A 175 50.00 -17.05 -36.97
C PHE A 175 49.92 -17.66 -35.57
N ASP A 176 50.90 -18.50 -35.23
CA ASP A 176 50.96 -19.15 -33.92
C ASP A 176 49.80 -20.11 -33.69
N VAL A 177 49.45 -20.86 -34.73
CA VAL A 177 48.43 -21.90 -34.62
C VAL A 177 49.05 -23.22 -35.03
N TYR A 178 48.94 -24.20 -34.14
CA TYR A 178 49.50 -25.53 -34.38
C TYR A 178 48.38 -26.55 -34.22
N ALA A 179 48.18 -27.36 -35.24
CA ALA A 179 47.08 -28.33 -35.22
C ALA A 179 47.30 -29.42 -34.19
N GLU A 180 46.21 -29.87 -33.59
CA GLU A 180 46.25 -31.00 -32.65
C GLU A 180 45.19 -32.00 -33.08
N LEU A 181 45.45 -32.63 -34.22
CA LEU A 181 44.52 -33.58 -34.82
C LEU A 181 44.30 -34.86 -34.00
N SER A 182 45.16 -35.13 -33.03
CA SER A 182 44.97 -36.30 -32.19
C SER A 182 44.01 -36.04 -31.02
N PHE A 183 43.61 -34.78 -30.85
CA PHE A 183 42.73 -34.43 -29.73
C PHE A 183 41.28 -34.77 -30.06
N THR A 184 40.64 -35.52 -29.16
CA THR A 184 39.23 -35.86 -29.30
C THR A 184 38.46 -35.21 -28.16
N PRO A 185 37.68 -34.17 -28.46
CA PRO A 185 36.88 -33.51 -27.42
C PRO A 185 36.01 -34.54 -26.72
N ARG A 186 36.07 -34.56 -25.39
CA ARG A 186 35.33 -35.59 -24.65
C ARG A 186 33.83 -35.34 -24.76
N THR A 187 33.06 -36.41 -24.63
CA THR A 187 31.64 -36.34 -24.89
C THR A 187 30.84 -36.88 -23.72
N ASP A 188 31.38 -36.76 -22.53
CA ASP A 188 30.70 -37.30 -21.36
C ASP A 188 30.25 -36.16 -20.47
N THR A 189 29.91 -35.06 -21.11
CA THR A 189 29.39 -33.90 -20.42
C THR A 189 28.09 -34.17 -19.68
N VAL A 190 28.03 -33.74 -18.43
CA VAL A 190 26.81 -33.78 -17.63
C VAL A 190 26.71 -32.50 -16.80
N ASN A 191 25.54 -31.88 -16.78
CA ASN A 191 25.37 -30.62 -16.07
C ASN A 191 26.46 -29.63 -16.42
N GLY A 192 26.87 -29.63 -17.69
CA GLY A 192 27.83 -28.65 -18.18
C GLY A 192 29.29 -28.86 -17.86
N THR A 193 29.68 -30.07 -17.44
CA THR A 193 31.09 -30.28 -17.13
C THR A 193 31.48 -31.74 -17.31
N ALA A 194 32.76 -31.96 -17.57
CA ALA A 194 33.40 -33.30 -17.57
C ALA A 194 34.88 -33.02 -17.30
N PRO A 195 35.58 -33.93 -16.60
CA PRO A 195 35.00 -35.17 -16.10
C PRO A 195 34.14 -34.93 -14.89
N ALA A 196 33.54 -36.01 -14.38
CA ALA A 196 32.57 -35.88 -13.31
C ALA A 196 33.13 -35.26 -12.02
N ASN A 197 34.40 -35.52 -11.72
CA ASN A 197 34.99 -34.99 -10.47
C ASN A 197 35.43 -33.52 -10.54
N THR A 198 34.56 -32.66 -11.05
CA THR A 198 34.88 -31.24 -11.20
C THR A 198 33.78 -30.41 -10.57
N VAL A 199 34.07 -29.14 -10.35
CA VAL A 199 33.15 -28.21 -9.73
C VAL A 199 32.75 -27.15 -10.76
N TRP A 200 31.46 -27.12 -11.11
CA TRP A 200 30.99 -26.14 -12.09
C TRP A 200 29.59 -25.67 -11.74
N HIS A 201 29.51 -24.43 -11.24
CA HIS A 201 28.27 -23.80 -10.80
C HIS A 201 27.68 -24.48 -9.57
N THR A 202 28.48 -25.31 -8.90
CA THR A 202 28.02 -26.02 -7.73
C THR A 202 28.94 -25.77 -6.55
N GLY A 203 29.89 -24.87 -6.70
CA GLY A 203 30.84 -24.63 -5.62
C GLY A 203 31.98 -23.73 -6.06
N ALA A 204 32.86 -23.40 -5.12
CA ALA A 204 33.94 -22.45 -5.40
C ALA A 204 34.94 -22.95 -6.44
N ASN A 205 35.42 -22.03 -7.27
CA ASN A 205 36.46 -22.35 -8.25
C ASN A 205 37.73 -21.60 -7.88
N ALA A 206 38.87 -22.29 -7.91
CA ALA A 206 40.15 -21.64 -7.68
C ALA A 206 40.85 -21.39 -9.00
N LEU A 207 41.71 -20.36 -9.05
CA LEU A 207 42.60 -20.19 -10.21
C LEU A 207 43.66 -21.31 -10.15
N ALA A 208 44.29 -21.62 -11.28
CA ALA A 208 45.29 -22.68 -11.30
C ALA A 208 46.41 -22.33 -10.33
N SER A 209 46.98 -23.36 -9.74
CA SER A 209 48.06 -23.19 -8.77
C SER A 209 49.36 -22.72 -9.42
N THR A 210 49.49 -22.89 -10.73
CA THR A 210 50.69 -22.43 -11.43
C THR A 210 50.38 -22.17 -12.89
N ALA A 211 51.32 -21.52 -13.58
CA ALA A 211 51.13 -21.21 -14.99
C ALA A 211 51.16 -22.47 -15.87
N GLY A 212 50.40 -22.41 -16.96
CA GLY A 212 50.44 -23.50 -17.93
C GLY A 212 49.23 -24.39 -17.94
N ASP A 213 48.48 -24.40 -16.85
CA ASP A 213 47.32 -25.27 -16.72
C ASP A 213 46.02 -24.50 -16.99
N PRO A 214 45.12 -25.07 -17.78
CA PRO A 214 43.84 -24.39 -17.99
C PRO A 214 43.02 -24.45 -16.71
N TYR A 215 42.05 -23.54 -16.58
CA TYR A 215 41.12 -23.54 -15.45
C TYR A 215 39.90 -22.72 -15.84
N PHE A 216 38.84 -22.90 -15.06
CA PHE A 216 37.56 -22.27 -15.38
C PHE A 216 36.96 -21.72 -14.11
N ILE A 217 36.28 -20.58 -14.24
CA ILE A 217 35.63 -19.94 -13.11
C ILE A 217 34.21 -19.60 -13.51
N ALA A 218 33.24 -20.20 -12.82
CA ALA A 218 31.84 -19.94 -13.10
C ALA A 218 31.46 -18.63 -12.45
N ASN A 219 30.52 -17.93 -13.06
CA ASN A 219 30.13 -16.58 -12.64
C ASN A 219 29.83 -16.50 -11.14
N GLY A 220 30.68 -15.78 -10.41
CA GLY A 220 30.48 -15.53 -8.99
C GLY A 220 31.05 -16.57 -8.05
N TRP A 221 31.73 -17.57 -8.59
CA TRP A 221 32.20 -18.67 -7.75
C TRP A 221 33.71 -18.64 -7.48
N GLY A 222 34.41 -17.69 -8.09
CA GLY A 222 35.85 -17.58 -7.88
C GLY A 222 36.14 -16.68 -6.67
N PRO A 223 37.43 -16.54 -6.33
CA PRO A 223 37.78 -15.71 -5.17
C PRO A 223 37.48 -14.23 -5.46
N LYS A 224 37.13 -13.51 -4.41
CA LYS A 224 36.79 -12.09 -4.55
C LYS A 224 37.45 -11.26 -3.49
N TYR A 225 37.66 -9.97 -3.81
CA TYR A 225 38.24 -9.02 -2.86
C TYR A 225 37.37 -7.77 -2.84
N LEU A 226 37.13 -7.23 -1.65
CA LEU A 226 36.36 -5.99 -1.52
C LEU A 226 37.30 -4.84 -1.26
N ASN A 227 37.20 -3.80 -2.08
CA ASN A 227 37.96 -2.58 -1.85
C ASN A 227 36.98 -1.50 -1.47
N SER A 228 37.23 -0.83 -0.34
CA SER A 228 36.31 0.19 0.15
C SER A 228 36.92 1.59 0.17
N GLN A 229 37.96 1.81 -0.61
CA GLN A 229 38.67 3.08 -0.59
C GLN A 229 37.91 4.17 -1.36
N TYR A 230 37.16 3.75 -2.38
CA TYR A 230 36.50 4.72 -3.28
C TYR A 230 35.06 4.30 -3.53
N GLY A 231 34.27 4.12 -2.48
CA GLY A 231 32.98 3.48 -2.66
C GLY A 231 33.35 1.99 -2.56
N TYR A 232 32.44 1.10 -2.95
CA TYR A 232 32.74 -0.33 -2.85
C TYR A 232 33.03 -0.88 -4.22
N GLN A 233 34.11 -1.64 -4.35
CA GLN A 233 34.40 -2.31 -5.61
C GLN A 233 34.82 -3.73 -5.25
N ILE A 234 34.32 -4.69 -6.00
CA ILE A 234 34.66 -6.10 -5.79
C ILE A 234 35.41 -6.59 -7.00
N VAL A 235 36.65 -7.01 -6.77
CA VAL A 235 37.47 -7.57 -7.83
C VAL A 235 37.38 -9.08 -7.75
N ALA A 236 37.14 -9.70 -8.89
CA ALA A 236 37.11 -11.16 -8.97
C ALA A 236 38.22 -11.51 -9.95
N PRO A 237 39.41 -11.80 -9.43
CA PRO A 237 40.53 -12.12 -10.33
C PRO A 237 40.29 -13.34 -11.20
N PHE A 238 40.71 -13.22 -12.46
CA PHE A 238 40.71 -14.34 -13.40
C PHE A 238 42.15 -14.77 -13.70
N VAL A 239 43.04 -13.79 -13.93
CA VAL A 239 44.45 -14.06 -14.15
C VAL A 239 45.27 -13.15 -13.24
N THR A 240 46.21 -13.74 -12.52
CA THR A 240 47.15 -12.99 -11.68
C THR A 240 48.57 -13.30 -12.14
N ALA A 241 49.57 -12.74 -11.42
CA ALA A 241 50.98 -12.95 -11.79
C ALA A 241 51.31 -14.43 -11.78
N THR A 242 50.67 -15.18 -10.91
CA THR A 242 50.95 -16.60 -10.81
C THR A 242 50.73 -17.29 -12.14
N GLN A 243 49.60 -16.99 -12.77
CA GLN A 243 49.24 -17.62 -14.05
C GLN A 243 49.84 -16.90 -15.24
N ALA A 244 49.95 -15.59 -15.16
CA ALA A 244 50.48 -14.86 -16.31
C ALA A 244 51.98 -15.00 -16.51
N GLN A 245 52.72 -14.99 -15.42
CA GLN A 245 54.18 -15.03 -15.48
C GLN A 245 54.73 -14.05 -16.51
N ASP A 246 55.56 -14.53 -17.45
CA ASP A 246 56.16 -13.60 -18.40
C ASP A 246 55.21 -12.92 -19.37
N THR A 247 53.97 -13.42 -19.49
CA THR A 247 53.01 -12.75 -20.35
C THR A 247 52.59 -11.42 -19.70
N ASN A 248 52.79 -11.29 -18.39
CA ASN A 248 52.81 -9.97 -17.77
C ASN A 248 51.52 -9.18 -17.96
N TYR A 249 50.43 -9.71 -17.40
CA TYR A 249 49.15 -9.04 -17.44
C TYR A 249 48.27 -9.49 -16.30
N THR A 250 47.16 -8.80 -16.10
CA THR A 250 46.14 -9.30 -15.18
C THR A 250 44.78 -9.21 -15.87
N LEU A 251 43.83 -9.97 -15.36
CA LEU A 251 42.49 -9.98 -15.93
C LEU A 251 41.54 -10.30 -14.80
N SER A 252 40.40 -9.60 -14.73
CA SER A 252 39.43 -9.85 -13.66
C SER A 252 38.11 -9.22 -14.07
N THR A 253 37.08 -9.43 -13.24
CA THR A 253 35.96 -8.50 -13.32
C THR A 253 36.04 -7.58 -12.14
N ILE A 254 35.53 -6.37 -12.34
CA ILE A 254 35.41 -5.40 -11.25
C ILE A 254 33.95 -4.98 -11.19
N SER A 255 33.34 -5.15 -10.03
CA SER A 255 31.98 -4.73 -9.76
C SER A 255 32.07 -3.45 -8.96
N MET A 256 31.16 -2.54 -9.21
CA MET A 256 31.25 -1.23 -8.58
C MET A 256 29.94 -0.71 -8.05
N SER A 257 30.01 -0.09 -6.88
CA SER A 257 28.88 0.68 -6.36
C SER A 257 28.99 2.09 -6.92
N THR A 258 28.01 2.94 -6.61
CA THR A 258 28.18 4.35 -6.92
C THR A 258 29.24 4.90 -5.98
N THR A 259 29.77 6.08 -6.31
CA THR A 259 30.74 6.75 -5.45
C THR A 259 30.00 7.76 -4.57
N PRO A 260 30.09 7.61 -3.25
CA PRO A 260 29.43 8.55 -2.33
C PRO A 260 29.89 10.00 -2.60
N SER A 261 28.99 10.95 -2.40
CA SER A 261 29.29 12.34 -2.67
C SER A 261 30.49 12.87 -1.89
N THR A 262 30.77 12.27 -0.74
CA THR A 262 31.89 12.69 0.09
C THR A 262 33.22 12.08 -0.31
N VAL A 263 33.18 11.16 -1.28
CA VAL A 263 34.39 10.49 -1.73
C VAL A 263 34.82 11.03 -3.07
N THR A 264 36.09 11.40 -3.18
CA THR A 264 36.62 11.88 -4.44
C THR A 264 36.87 10.68 -5.37
N VAL A 265 36.41 10.78 -6.60
CA VAL A 265 36.67 9.73 -7.59
C VAL A 265 38.17 9.84 -7.90
N PRO A 266 38.89 8.75 -7.70
CA PRO A 266 40.36 8.78 -7.87
C PRO A 266 40.80 8.89 -9.31
N THR A 267 41.96 9.53 -9.50
CA THR A 267 42.59 9.54 -10.81
C THR A 267 43.64 8.43 -10.81
N TRP A 268 43.74 7.71 -11.92
CA TRP A 268 44.71 6.64 -12.06
C TRP A 268 45.64 6.90 -13.23
N SER A 269 46.89 6.48 -13.08
CA SER A 269 47.84 6.51 -14.19
C SER A 269 48.78 5.32 -14.03
N PHE A 270 48.70 4.36 -14.93
CA PHE A 270 49.47 3.11 -14.81
C PHE A 270 50.58 2.97 -15.82
N PRO A 271 51.59 2.18 -15.49
CA PRO A 271 52.70 1.94 -16.43
C PRO A 271 52.23 1.33 -17.74
N GLY A 272 51.31 0.39 -17.65
CA GLY A 272 50.84 -0.33 -18.83
C GLY A 272 49.45 0.03 -19.28
N ALA A 273 49.16 -0.31 -20.54
CA ALA A 273 47.83 -0.13 -21.08
C ALA A 273 46.80 -0.99 -20.34
N CYS A 274 45.56 -0.52 -20.29
CA CYS A 274 44.48 -1.33 -19.73
C CYS A 274 43.19 -1.05 -20.52
N ALA A 275 42.18 -1.86 -20.32
CA ALA A 275 40.91 -1.73 -21.02
C ALA A 275 39.84 -2.44 -20.25
N PHE A 276 38.59 -2.04 -20.45
CA PHE A 276 37.51 -2.80 -19.89
C PHE A 276 36.33 -2.82 -20.82
N GLN A 277 35.53 -3.88 -20.69
CA GLN A 277 34.30 -3.99 -21.43
C GLN A 277 33.20 -4.07 -20.41
N VAL A 278 32.27 -3.12 -20.44
CA VAL A 278 31.13 -3.19 -19.50
C VAL A 278 30.28 -4.47 -19.73
N GLN A 279 29.96 -5.18 -18.65
CA GLN A 279 29.06 -6.33 -18.76
C GLN A 279 27.66 -5.97 -18.30
N GLU A 280 27.59 -5.29 -17.16
CA GLU A 280 26.32 -4.89 -16.59
C GLU A 280 26.46 -3.46 -16.09
N GLY A 281 25.42 -2.66 -16.28
CA GLY A 281 25.44 -1.32 -15.71
C GLY A 281 25.88 -0.19 -16.61
N ARG A 282 26.29 0.92 -15.98
CA ARG A 282 26.59 2.16 -16.69
C ARG A 282 27.81 2.77 -16.02
N VAL A 283 28.91 2.84 -16.75
CA VAL A 283 30.17 3.27 -16.16
C VAL A 283 30.69 4.46 -16.94
N VAL A 284 30.99 5.54 -16.21
CA VAL A 284 31.52 6.74 -16.84
C VAL A 284 33.02 6.69 -16.80
N VAL A 285 33.63 6.98 -17.95
CA VAL A 285 35.07 7.06 -18.00
C VAL A 285 35.51 8.42 -18.50
N GLN A 286 36.53 9.00 -17.84
CA GLN A 286 37.07 10.29 -18.27
C GLN A 286 38.56 10.09 -18.46
N ILE A 287 38.97 9.98 -19.72
CA ILE A 287 40.36 9.68 -20.03
C ILE A 287 41.10 10.86 -20.60
N GLY A 288 42.27 11.17 -20.03
CA GLY A 288 43.08 12.28 -20.55
C GLY A 288 42.28 13.57 -20.59
N ASP A 289 42.28 14.24 -21.74
CA ASP A 289 41.53 15.49 -21.85
C ASP A 289 40.19 15.29 -22.58
N TYR A 290 39.77 14.04 -22.76
CA TYR A 290 38.48 13.76 -23.41
C TYR A 290 37.29 13.91 -22.45
N ALA A 291 36.10 14.09 -23.02
CA ALA A 291 34.89 14.24 -22.22
C ALA A 291 34.55 12.99 -21.45
N ALA A 292 33.99 13.18 -20.25
CA ALA A 292 33.50 12.04 -19.48
C ALA A 292 32.45 11.39 -20.37
N THR A 293 32.53 10.07 -20.52
CA THR A 293 31.66 9.35 -21.47
C THR A 293 31.09 8.13 -20.78
N GLU A 294 29.79 7.91 -20.95
CA GLU A 294 29.12 6.81 -20.27
C GLU A 294 29.03 5.59 -21.16
N LEU A 295 29.43 4.44 -20.63
CA LEU A 295 29.48 3.20 -21.38
C LEU A 295 28.43 2.25 -20.85
N GLY A 296 27.75 1.54 -21.77
CA GLY A 296 26.75 0.54 -21.40
C GLY A 296 27.19 -0.83 -21.86
N SER A 297 26.24 -1.77 -21.91
CA SER A 297 26.63 -3.16 -22.14
C SER A 297 27.44 -3.41 -23.39
N GLY A 298 28.56 -4.09 -23.20
CA GLY A 298 29.43 -4.48 -24.31
C GLY A 298 30.34 -3.37 -24.78
N ASP A 299 30.17 -2.14 -24.29
CA ASP A 299 31.02 -1.05 -24.74
C ASP A 299 32.40 -1.22 -24.11
N VAL A 300 33.42 -0.76 -24.84
CA VAL A 300 34.82 -0.93 -24.43
C VAL A 300 35.58 0.38 -24.30
N ALA A 301 36.37 0.51 -23.22
CA ALA A 301 37.22 1.70 -23.07
C ALA A 301 38.66 1.24 -23.06
N PHE A 302 39.52 1.97 -23.76
CA PHE A 302 40.94 1.65 -23.80
C PHE A 302 41.76 2.83 -23.30
N ILE A 303 42.65 2.58 -22.34
CA ILE A 303 43.51 3.64 -21.80
C ILE A 303 44.99 3.29 -21.96
N PRO A 304 45.74 4.04 -22.74
CA PRO A 304 47.17 3.76 -22.89
C PRO A 304 47.89 3.91 -21.56
N GLY A 305 48.99 3.18 -21.42
CA GLY A 305 49.84 3.35 -20.26
C GLY A 305 50.34 4.79 -20.21
N GLY A 306 50.40 5.33 -18.99
CA GLY A 306 50.90 6.69 -18.85
C GLY A 306 49.85 7.77 -19.07
N VAL A 307 48.60 7.38 -19.35
CA VAL A 307 47.54 8.35 -19.53
C VAL A 307 46.62 8.33 -18.30
N GLU A 308 46.34 9.53 -17.74
CA GLU A 308 45.51 9.67 -16.54
C GLU A 308 44.06 9.42 -16.86
N PHE A 309 43.33 8.76 -15.97
CA PHE A 309 41.89 8.57 -16.16
C PHE A 309 41.16 8.40 -14.84
N LYS A 310 39.84 8.57 -14.92
CA LYS A 310 38.93 8.37 -13.79
C LYS A 310 37.76 7.61 -14.31
N TYR A 311 37.18 6.76 -13.48
CA TYR A 311 35.96 6.06 -13.86
C TYR A 311 35.09 5.97 -12.62
N TYR A 312 33.79 5.87 -12.83
CA TYR A 312 32.88 5.66 -11.71
C TYR A 312 31.59 5.06 -12.27
N SER A 313 30.80 4.43 -11.41
CA SER A 313 29.56 3.84 -11.85
C SER A 313 28.39 4.79 -11.65
N GLU A 314 27.66 5.04 -12.72
CA GLU A 314 26.45 5.82 -12.63
C GLU A 314 25.32 4.90 -12.16
N ALA A 315 25.35 3.65 -12.62
CA ALA A 315 24.36 2.66 -12.15
C ALA A 315 24.64 2.31 -10.70
N TYR A 316 23.63 1.86 -9.99
CA TYR A 316 23.84 1.46 -8.59
C TYR A 316 24.77 0.24 -8.43
N PHE A 317 24.87 -0.58 -9.48
CA PHE A 317 25.80 -1.70 -9.51
C PHE A 317 26.20 -1.88 -10.95
N SER A 318 27.51 -1.90 -11.20
CA SER A 318 28.02 -2.17 -12.54
C SER A 318 29.08 -3.26 -12.44
N LYS A 319 29.27 -4.02 -13.51
CA LYS A 319 30.31 -5.02 -13.51
C LYS A 319 31.02 -4.93 -14.85
N VAL A 320 32.35 -4.87 -14.83
CA VAL A 320 33.11 -4.82 -16.10
C VAL A 320 34.14 -5.96 -16.15
N LEU A 321 34.52 -6.34 -17.37
CA LEU A 321 35.61 -7.29 -17.60
C LEU A 321 36.83 -6.40 -17.82
N PHE A 322 37.88 -6.62 -17.03
CA PHE A 322 39.03 -5.71 -17.02
C PHE A 322 40.34 -6.41 -17.35
N VAL A 323 41.12 -5.82 -18.26
CA VAL A 323 42.44 -6.38 -18.59
C VAL A 323 43.51 -5.29 -18.48
N SER A 324 44.68 -5.67 -17.98
CA SER A 324 45.79 -4.73 -17.84
C SER A 324 47.14 -5.36 -18.15
N SER A 325 47.98 -4.61 -18.87
CA SER A 325 49.36 -5.03 -19.14
C SER A 325 50.21 -4.61 -17.93
N GLY A 326 51.06 -5.52 -17.45
CA GLY A 326 51.87 -5.26 -16.28
C GLY A 326 51.34 -6.11 -15.14
N SER A 327 52.04 -6.08 -14.02
CA SER A 327 51.60 -6.86 -12.89
C SER A 327 50.90 -6.02 -11.85
N ASP A 328 50.90 -4.70 -12.01
CA ASP A 328 50.31 -3.87 -10.98
C ASP A 328 49.26 -2.89 -11.46
N GLY A 329 48.40 -3.40 -12.34
CA GLY A 329 47.28 -2.65 -12.86
C GLY A 329 46.17 -2.39 -11.85
N LEU A 330 45.06 -1.87 -12.35
CA LEU A 330 43.96 -1.39 -11.50
C LEU A 330 43.39 -2.50 -10.63
N ASP A 331 43.15 -3.66 -11.21
CA ASP A 331 42.57 -4.75 -10.42
C ASP A 331 43.48 -5.16 -9.26
N GLN A 332 44.75 -5.39 -9.54
CA GLN A 332 45.71 -5.76 -8.49
C GLN A 332 45.83 -4.66 -7.44
N ASN A 333 45.82 -3.41 -7.88
CA ASN A 333 45.87 -2.29 -6.94
C ASN A 333 44.68 -2.31 -5.99
N LEU A 334 43.49 -2.54 -6.53
CA LEU A 334 42.28 -2.58 -5.69
C LEU A 334 42.32 -3.78 -4.75
N VAL A 335 42.82 -4.90 -5.24
CA VAL A 335 42.97 -6.08 -4.39
C VAL A 335 43.95 -5.80 -3.23
N ASN A 336 45.11 -5.25 -3.56
CA ASN A 336 46.12 -5.00 -2.54
C ASN A 336 45.65 -4.00 -1.49
N GLY A 337 44.75 -3.11 -1.89
CA GLY A 337 44.21 -2.10 -0.98
C GLY A 337 42.92 -2.53 -0.30
N GLY A 338 42.47 -3.74 -0.61
CA GLY A 338 41.24 -4.27 -0.05
C GLY A 338 41.39 -5.46 0.88
N GLU A 339 40.37 -6.31 0.93
CA GLU A 339 40.37 -7.48 1.82
C GLU A 339 39.68 -8.63 1.13
N GLU A 340 39.95 -9.87 1.56
CA GLU A 340 39.19 -11.00 1.01
C GLU A 340 37.69 -10.81 1.29
N TRP A 341 36.86 -11.25 0.36
CA TRP A 341 35.43 -10.99 0.45
C TRP A 341 34.64 -12.18 -0.11
N SER A 342 33.55 -12.57 0.55
CA SER A 342 32.88 -13.79 0.11
C SER A 342 31.57 -13.63 -0.65
N SER A 343 31.23 -12.41 -1.05
CA SER A 343 29.96 -12.16 -1.75
C SER A 343 30.12 -11.41 -3.06
N VAL A 344 29.19 -11.61 -3.99
CA VAL A 344 29.18 -10.82 -5.19
C VAL A 344 28.54 -9.47 -4.92
N SER A 345 27.93 -9.30 -3.75
CA SER A 345 27.32 -8.01 -3.39
C SER A 345 28.22 -7.32 -2.36
N PHE A 346 28.23 -5.99 -2.37
CA PHE A 346 28.99 -5.22 -1.39
C PHE A 346 28.13 -4.89 -0.17
N PRO A 347 28.71 -4.40 0.93
CA PRO A 347 27.90 -4.11 2.13
C PRO A 347 26.78 -3.11 1.85
N ALA A 348 25.70 -3.24 2.62
CA ALA A 348 24.53 -2.38 2.48
C ALA A 348 24.73 -0.98 3.05
N ASP A 349 25.76 -0.81 3.89
CA ASP A 349 26.07 0.48 4.50
C ASP A 349 27.49 0.90 4.15
N TRP A 350 27.70 2.20 4.01
CA TRP A 350 29.04 2.72 3.70
C TRP A 350 29.97 2.56 4.90
N SER B 4 -1.10 -9.14 21.16
CA SER B 4 -2.12 -8.11 21.52
C SER B 4 -3.18 -7.94 20.43
N LEU B 5 -4.43 -8.05 20.82
CA LEU B 5 -5.55 -7.82 19.90
C LEU B 5 -5.54 -6.36 19.41
N ILE B 6 -5.22 -5.45 20.32
CA ILE B 6 -5.22 -4.02 19.98
C ILE B 6 -4.02 -3.59 19.16
N VAL B 7 -4.27 -2.82 18.10
CA VAL B 7 -3.23 -2.31 17.23
C VAL B 7 -3.43 -0.82 16.99
N GLU B 8 -2.36 -0.10 16.65
CA GLU B 8 -2.46 1.35 16.42
C GLU B 8 -2.70 1.68 14.95
N ASP B 9 -2.38 0.75 14.06
CA ASP B 9 -2.63 0.91 12.63
C ASP B 9 -3.15 -0.41 12.12
N ALA B 10 -3.96 -0.39 11.08
CA ALA B 10 -4.47 -1.64 10.51
C ALA B 10 -3.29 -2.50 10.06
N PRO B 11 -3.35 -3.78 10.37
CA PRO B 11 -2.28 -4.72 9.99
C PRO B 11 -2.09 -4.83 8.48
N ASP B 12 -0.93 -5.32 8.06
CA ASP B 12 -0.66 -5.47 6.64
C ASP B 12 -1.09 -6.84 6.12
N HIS B 13 -1.90 -7.56 6.91
CA HIS B 13 -2.38 -8.88 6.52
C HIS B 13 -3.61 -9.17 7.35
N VAL B 14 -4.32 -10.26 7.04
CA VAL B 14 -5.56 -10.58 7.74
C VAL B 14 -5.32 -11.25 9.09
N ARG B 15 -5.92 -10.69 10.15
CA ARG B 15 -5.83 -11.24 11.50
C ARG B 15 -6.87 -10.56 12.34
N PRO B 16 -7.28 -11.19 13.43
CA PRO B 16 -8.19 -10.50 14.37
C PRO B 16 -7.52 -9.27 14.93
N TYR B 17 -8.25 -8.16 15.01
CA TYR B 17 -7.74 -6.97 15.66
C TYR B 17 -8.81 -5.99 16.13
N VAL B 18 -8.41 -5.16 17.09
CA VAL B 18 -9.22 -4.05 17.53
C VAL B 18 -8.37 -2.80 17.37
N ILE B 19 -8.96 -1.76 16.80
CA ILE B 19 -8.27 -0.48 16.69
C ILE B 19 -9.14 0.59 17.34
N ARG B 20 -8.53 1.28 18.30
CA ARG B 20 -9.26 2.28 19.07
C ARG B 20 -9.57 3.51 18.26
N HIS B 21 -10.68 4.15 18.60
CA HIS B 21 -11.09 5.40 17.97
C HIS B 21 -9.94 6.39 17.99
N TYR B 22 -9.65 6.98 16.85
CA TYR B 22 -8.60 8.00 16.73
C TYR B 22 -7.17 7.47 16.83
N SER B 23 -7.00 6.15 16.71
CA SER B 23 -5.66 5.59 16.63
C SER B 23 -5.02 6.18 15.38
N HIS B 24 -3.71 6.08 15.27
CA HIS B 24 -3.00 6.66 14.13
C HIS B 24 -3.61 6.19 12.81
N ALA B 25 -3.78 4.87 12.67
CA ALA B 25 -4.47 4.31 11.51
C ALA B 25 -3.95 4.88 10.18
N ARG B 26 -2.62 4.92 10.05
CA ARG B 26 -1.97 5.38 8.83
C ARG B 26 -2.55 6.72 8.33
N ALA B 27 -2.88 7.60 9.26
CA ALA B 27 -3.51 8.88 8.95
C ALA B 27 -2.86 9.72 7.87
N VAL B 28 -3.71 10.40 7.10
CA VAL B 28 -3.28 11.41 6.14
C VAL B 28 -4.24 12.58 6.25
N THR B 29 -3.79 13.76 5.84
CA THR B 29 -4.67 14.91 5.75
C THR B 29 -4.84 15.27 4.30
N VAL B 30 -6.05 15.69 3.96
CA VAL B 30 -6.34 16.23 2.65
C VAL B 30 -6.95 17.57 2.97
N ASP B 31 -6.16 18.62 2.81
CA ASP B 31 -6.61 19.95 3.21
C ASP B 31 -6.96 19.91 4.69
N THR B 32 -8.17 20.28 5.09
CA THR B 32 -8.51 20.29 6.52
C THR B 32 -8.99 18.94 7.02
N GLN B 33 -9.20 18.00 6.11
CA GLN B 33 -9.75 16.69 6.48
C GLN B 33 -8.68 15.72 6.94
N LEU B 34 -8.95 15.00 8.02
CA LEU B 34 -8.05 13.94 8.49
C LEU B 34 -8.71 12.59 8.29
N TYR B 35 -8.03 11.71 7.54
CA TYR B 35 -8.52 10.39 7.21
C TYR B 35 -7.78 9.33 8.00
N ARG B 36 -8.53 8.41 8.61
CA ARG B 36 -7.93 7.30 9.34
C ARG B 36 -8.41 6.01 8.70
N PHE B 37 -7.49 5.08 8.47
CA PHE B 37 -7.87 3.86 7.80
C PHE B 37 -7.96 2.69 8.77
N TYR B 38 -9.13 2.52 9.39
CA TYR B 38 -9.27 1.49 10.41
C TYR B 38 -9.24 0.06 9.86
N VAL B 39 -9.85 -0.13 8.70
CA VAL B 39 -9.77 -1.41 7.98
C VAL B 39 -9.35 -1.09 6.54
N THR B 40 -8.37 -1.82 6.04
CA THR B 40 -7.85 -1.59 4.69
C THR B 40 -7.99 -2.82 3.81
N GLY B 41 -7.53 -2.71 2.56
CA GLY B 41 -7.53 -3.84 1.66
C GLY B 41 -6.68 -4.96 2.26
N PRO B 42 -5.42 -4.66 2.53
CA PRO B 42 -4.54 -5.66 3.14
C PRO B 42 -5.08 -6.22 4.45
N SER B 43 -5.61 -5.37 5.32
CA SER B 43 -6.10 -5.86 6.62
C SER B 43 -7.38 -6.69 6.52
N SER B 44 -8.15 -6.53 5.46
CA SER B 44 -9.39 -7.29 5.33
C SER B 44 -9.36 -8.35 4.23
N GLY B 45 -8.20 -8.57 3.62
CA GLY B 45 -8.12 -9.49 2.50
C GLY B 45 -8.95 -8.95 1.34
N TYR B 46 -8.98 -7.62 1.22
CA TYR B 46 -9.64 -6.89 0.14
C TYR B 46 -11.17 -6.94 0.16
N ALA B 47 -11.72 -7.35 1.29
CA ALA B 47 -13.16 -7.44 1.43
C ALA B 47 -13.79 -6.06 1.48
N PHE B 48 -13.24 -5.16 2.28
CA PHE B 48 -13.82 -3.83 2.40
C PHE B 48 -12.86 -2.87 3.07
N THR B 49 -13.17 -1.58 2.95
CA THR B 49 -12.41 -0.54 3.62
C THR B 49 -13.35 0.14 4.60
N LEU B 50 -12.84 0.46 5.78
CA LEU B 50 -13.63 1.22 6.75
C LEU B 50 -12.72 2.34 7.19
N MET B 51 -13.12 3.57 6.86
CA MET B 51 -12.29 4.71 7.20
C MET B 51 -13.10 5.77 7.94
N GLY B 52 -12.40 6.56 8.74
CA GLY B 52 -13.00 7.65 9.49
C GLY B 52 -12.43 8.95 8.95
N THR B 53 -13.30 9.90 8.69
CA THR B 53 -12.84 11.20 8.20
C THR B 53 -13.36 12.23 9.18
N ASN B 54 -12.45 12.95 9.84
CA ASN B 54 -12.83 14.03 10.76
C ASN B 54 -12.45 15.35 10.14
N ALA B 55 -13.34 16.34 10.22
CA ALA B 55 -13.09 17.61 9.56
C ALA B 55 -13.94 18.72 10.12
N PRO B 56 -13.47 19.95 9.96
CA PRO B 56 -14.20 21.13 10.41
C PRO B 56 -15.18 21.63 9.34
N HIS B 57 -15.99 22.61 9.72
CA HIS B 57 -16.90 23.21 8.75
C HIS B 57 -16.10 23.68 7.55
N SER B 58 -16.69 23.56 6.36
CA SER B 58 -16.07 24.12 5.17
C SER B 58 -17.15 24.81 4.34
N ASP B 59 -16.80 25.91 3.70
CA ASP B 59 -17.75 26.57 2.81
C ASP B 59 -17.63 26.04 1.38
N ALA B 60 -16.72 25.11 1.17
CA ALA B 60 -16.49 24.52 -0.15
C ALA B 60 -16.81 23.02 -0.11
N LEU B 61 -17.06 22.43 -1.28
CA LEU B 61 -17.27 20.99 -1.37
C LEU B 61 -16.05 20.30 -0.81
N GLY B 62 -16.25 19.14 -0.19
CA GLY B 62 -15.14 18.38 0.36
C GLY B 62 -14.40 17.55 -0.68
N VAL B 63 -14.98 17.45 -1.87
CA VAL B 63 -14.37 16.71 -2.98
C VAL B 63 -15.10 17.10 -4.28
N LEU B 64 -14.38 17.09 -5.40
CA LEU B 64 -15.03 17.43 -6.66
C LEU B 64 -15.95 16.26 -7.04
N PRO B 65 -17.13 16.58 -7.57
CA PRO B 65 -18.10 15.53 -7.93
C PRO B 65 -17.49 14.44 -8.82
N HIS B 66 -17.79 13.18 -8.53
CA HIS B 66 -17.22 12.07 -9.26
C HIS B 66 -18.07 10.82 -9.15
N ILE B 67 -17.68 9.81 -9.91
CA ILE B 67 -18.34 8.52 -9.91
C ILE B 67 -17.29 7.45 -9.65
N HIS B 68 -17.67 6.34 -9.02
CA HIS B 68 -16.81 5.16 -8.93
C HIS B 68 -17.54 4.08 -9.72
N GLN B 69 -16.88 3.47 -10.69
CA GLN B 69 -17.57 2.48 -11.51
C GLN B 69 -17.53 1.09 -10.90
N LYS B 70 -16.56 0.88 -10.00
CA LYS B 70 -16.33 -0.45 -9.43
C LYS B 70 -16.34 -0.51 -7.91
N HIS B 71 -16.68 0.59 -7.25
CA HIS B 71 -16.79 0.56 -5.80
C HIS B 71 -18.15 1.09 -5.37
N TYR B 72 -18.64 0.56 -4.24
CA TYR B 72 -19.90 0.97 -3.64
C TYR B 72 -19.50 1.63 -2.34
N GLU B 73 -19.93 2.88 -2.15
CA GLU B 73 -19.58 3.60 -0.93
C GLU B 73 -20.77 3.81 -0.04
N ASN B 74 -20.46 3.84 1.23
CA ASN B 74 -21.46 4.02 2.25
C ASN B 74 -21.01 5.15 3.14
N PHE B 75 -21.87 6.15 3.32
CA PHE B 75 -21.57 7.31 4.16
C PHE B 75 -22.35 7.19 5.45
N TYR B 76 -21.66 7.23 6.58
CA TYR B 76 -22.33 7.15 7.87
C TYR B 76 -21.85 8.30 8.72
N CYS B 77 -22.78 9.05 9.31
CA CYS B 77 -22.37 10.17 10.10
C CYS B 77 -22.22 9.76 11.56
N ASN B 78 -20.99 9.76 12.07
CA ASN B 78 -20.77 9.43 13.48
C ASN B 78 -21.17 10.55 14.40
N LYS B 79 -20.84 11.77 13.99
CA LYS B 79 -21.18 12.96 14.76
C LYS B 79 -21.04 14.16 13.85
N GLY B 80 -21.59 15.29 14.29
CA GLY B 80 -21.51 16.50 13.51
C GLY B 80 -22.48 16.43 12.35
N SER B 81 -22.15 16.98 11.20
CA SER B 81 -23.08 16.89 10.08
C SER B 81 -22.38 17.20 8.78
N PHE B 82 -22.83 16.57 7.71
CA PHE B 82 -22.31 16.88 6.38
C PHE B 82 -23.43 16.68 5.37
N GLN B 83 -23.38 17.46 4.31
CA GLN B 83 -24.35 17.32 3.22
C GLN B 83 -23.78 16.35 2.21
N LEU B 84 -24.65 15.52 1.63
CA LEU B 84 -24.26 14.54 0.62
C LEU B 84 -25.20 14.76 -0.58
N TRP B 85 -24.65 14.79 -1.79
CA TRP B 85 -25.45 14.92 -3.02
C TRP B 85 -25.18 13.66 -3.83
N ALA B 86 -26.21 13.15 -4.49
CA ALA B 86 -26.06 11.93 -5.27
C ALA B 86 -27.02 11.90 -6.44
N GLN B 87 -26.56 11.36 -7.56
CA GLN B 87 -27.41 11.23 -8.73
C GLN B 87 -27.05 10.02 -9.57
N SER B 88 -28.07 9.24 -9.92
CA SER B 88 -27.89 8.10 -10.81
C SER B 88 -28.39 8.50 -12.17
N GLY B 89 -27.49 8.52 -13.15
CA GLY B 89 -27.84 8.82 -14.52
C GLY B 89 -28.66 10.10 -14.65
N ASN B 90 -29.82 10.00 -15.29
CA ASN B 90 -30.66 11.19 -15.45
C ASN B 90 -31.77 11.32 -14.42
N GLU B 91 -31.69 10.49 -13.38
CA GLU B 91 -32.67 10.57 -12.31
C GLU B 91 -32.51 11.87 -11.54
N THR B 92 -33.57 12.29 -10.88
CA THR B 92 -33.50 13.50 -10.09
C THR B 92 -32.34 13.44 -9.13
N GLN B 93 -31.56 14.52 -9.08
CA GLN B 93 -30.47 14.61 -8.13
C GLN B 93 -30.99 14.79 -6.72
N GLN B 94 -30.47 13.98 -5.80
CA GLN B 94 -30.92 13.99 -4.42
C GLN B 94 -29.88 14.56 -3.50
N THR B 95 -30.31 15.21 -2.44
CA THR B 95 -29.35 15.63 -1.43
C THR B 95 -29.93 15.57 -0.03
N ARG B 96 -29.10 15.24 0.95
CA ARG B 96 -29.54 15.21 2.34
C ARG B 96 -28.43 15.73 3.20
N VAL B 97 -28.80 16.40 4.29
CA VAL B 97 -27.82 16.81 5.27
C VAL B 97 -27.89 15.75 6.37
N LEU B 98 -26.82 14.96 6.49
CA LEU B 98 -26.77 13.90 7.48
C LEU B 98 -26.24 14.40 8.81
N SER B 99 -26.94 14.06 9.89
CA SER B 99 -26.48 14.32 11.24
C SER B 99 -26.23 12.98 11.94
N SER B 100 -25.92 13.00 13.22
CA SER B 100 -25.48 11.77 13.90
C SER B 100 -26.37 10.58 13.69
N GLY B 101 -25.79 9.47 13.22
CA GLY B 101 -26.53 8.25 13.01
C GLY B 101 -27.19 8.11 11.64
N ASP B 102 -27.13 9.15 10.81
CA ASP B 102 -27.72 9.09 9.47
C ASP B 102 -26.81 8.36 8.49
N TYR B 103 -27.43 7.88 7.41
CA TYR B 103 -26.76 6.99 6.46
C TYR B 103 -27.10 7.35 5.02
N GLY B 104 -26.08 7.31 4.14
CA GLY B 104 -26.26 7.57 2.71
C GLY B 104 -25.60 6.46 1.93
N SER B 105 -26.31 5.90 0.94
CA SER B 105 -25.83 4.75 0.17
C SER B 105 -25.53 5.22 -1.24
N VAL B 106 -24.32 4.91 -1.73
CA VAL B 106 -23.88 5.37 -3.04
C VAL B 106 -23.34 4.20 -3.87
N PRO B 107 -24.24 3.53 -4.57
CA PRO B 107 -23.86 2.42 -5.44
C PRO B 107 -22.89 2.84 -6.53
N ARG B 108 -22.39 1.84 -7.25
CA ARG B 108 -21.53 2.11 -8.39
C ARG B 108 -22.27 2.98 -9.38
N ASN B 109 -21.53 3.84 -10.07
CA ASN B 109 -22.07 4.68 -11.13
C ASN B 109 -23.08 5.71 -10.65
N VAL B 110 -22.85 6.21 -9.44
CA VAL B 110 -23.69 7.27 -8.92
C VAL B 110 -22.80 8.47 -8.65
N THR B 111 -23.11 9.58 -9.31
CA THR B 111 -22.36 10.81 -9.09
C THR B 111 -22.59 11.31 -7.67
N HIS B 112 -21.54 11.73 -6.99
CA HIS B 112 -21.69 12.22 -5.63
C HIS B 112 -20.60 13.20 -5.23
N THR B 113 -20.90 13.94 -4.18
CA THR B 113 -19.93 14.80 -3.50
C THR B 113 -20.50 15.10 -2.11
N PHE B 114 -19.70 15.71 -1.25
CA PHE B 114 -20.16 16.03 0.10
C PHE B 114 -19.60 17.37 0.55
N GLN B 115 -20.12 17.89 1.64
CA GLN B 115 -19.62 19.13 2.20
C GLN B 115 -19.77 19.06 3.72
N ILE B 116 -18.69 19.30 4.44
CA ILE B 116 -18.71 19.22 5.91
C ILE B 116 -19.38 20.45 6.51
N GLN B 117 -20.40 20.25 7.34
CA GLN B 117 -21.12 21.40 7.92
C GLN B 117 -20.72 21.79 9.34
N ASP B 118 -20.71 20.85 10.27
CA ASP B 118 -20.44 21.21 11.66
C ASP B 118 -18.96 21.10 12.05
N PRO B 119 -18.55 21.86 13.05
CA PRO B 119 -17.17 21.87 13.51
C PRO B 119 -16.62 20.51 13.91
N ASP B 120 -17.40 19.71 14.63
CA ASP B 120 -16.91 18.40 15.06
C ASP B 120 -17.56 17.29 14.25
N THR B 121 -17.27 17.25 12.96
CA THR B 121 -17.89 16.26 12.08
C THR B 121 -17.02 15.03 11.84
N GLU B 122 -17.66 13.87 11.88
CA GLU B 122 -16.97 12.61 11.61
C GLU B 122 -17.81 11.78 10.67
N MET B 123 -17.19 11.37 9.58
CA MET B 123 -17.82 10.61 8.53
C MET B 123 -17.14 9.23 8.52
N THR B 124 -17.91 8.17 8.67
CA THR B 124 -17.35 6.82 8.60
C THR B 124 -17.70 6.34 7.20
N GLY B 125 -16.68 5.99 6.42
CA GLY B 125 -16.88 5.55 5.06
C GLY B 125 -16.64 4.06 4.98
N VAL B 126 -17.61 3.32 4.47
CA VAL B 126 -17.41 1.88 4.24
C VAL B 126 -17.49 1.68 2.74
N ILE B 127 -16.41 1.16 2.16
CA ILE B 127 -16.32 0.99 0.71
C ILE B 127 -16.04 -0.47 0.36
N VAL B 128 -16.74 -0.95 -0.65
CA VAL B 128 -16.60 -2.35 -1.07
C VAL B 128 -16.37 -2.35 -2.57
N PRO B 129 -15.39 -3.12 -3.06
CA PRO B 129 -14.49 -3.93 -2.23
C PRO B 129 -13.40 -3.07 -1.60
N GLY B 130 -12.52 -3.70 -0.81
CA GLY B 130 -11.44 -3.01 -0.13
C GLY B 130 -10.28 -2.59 -1.03
N GLY B 131 -9.44 -1.70 -0.54
CA GLY B 131 -8.29 -1.25 -1.32
C GLY B 131 -8.46 0.14 -1.89
N PHE B 132 -9.69 0.64 -1.85
CA PHE B 132 -10.05 1.95 -2.36
C PHE B 132 -9.20 3.06 -1.72
N GLU B 133 -8.74 2.81 -0.50
CA GLU B 133 -7.97 3.79 0.25
C GLU B 133 -6.68 4.24 -0.44
N ASP B 134 -6.21 3.46 -1.41
CA ASP B 134 -5.03 3.86 -2.19
C ASP B 134 -5.19 5.28 -2.72
N LEU B 135 -6.42 5.65 -3.06
CA LEU B 135 -6.72 6.98 -3.56
C LEU B 135 -6.32 8.06 -2.54
N PHE B 136 -6.68 7.85 -1.29
CA PHE B 136 -6.39 8.82 -0.25
C PHE B 136 -4.92 8.86 0.17
N TYR B 137 -4.21 7.75 -0.02
CA TYR B 137 -2.78 7.73 0.24
C TYR B 137 -2.14 8.69 -0.76
N TYR B 138 -2.67 8.70 -1.98
CA TYR B 138 -2.17 9.58 -3.01
C TYR B 138 -2.59 11.03 -2.79
N LEU B 139 -3.86 11.22 -2.49
CA LEU B 139 -4.38 12.57 -2.32
C LEU B 139 -3.87 13.22 -1.05
N GLY B 140 -3.62 12.41 -0.04
CA GLY B 140 -3.26 12.94 1.26
C GLY B 140 -1.79 12.98 1.60
N THR B 141 -1.51 13.69 2.69
CA THR B 141 -0.18 13.85 3.21
C THR B 141 -0.12 13.13 4.54
N ASN B 142 0.86 12.25 4.72
CA ASN B 142 0.98 11.55 5.99
C ASN B 142 0.93 12.52 7.16
N ALA B 143 0.24 12.14 8.22
CA ALA B 143 0.13 12.96 9.41
C ALA B 143 0.57 12.16 10.62
N THR B 144 1.53 12.71 11.37
CA THR B 144 2.00 12.02 12.58
C THR B 144 0.94 12.10 13.69
N ASP B 145 0.32 13.27 13.81
CA ASP B 145 -0.71 13.51 14.83
C ASP B 145 -0.39 12.82 16.15
N THR B 146 0.69 13.27 16.76
CA THR B 146 1.18 12.69 18.01
C THR B 146 0.16 12.63 19.13
N THR B 147 -0.66 13.68 19.27
CA THR B 147 -1.65 13.71 20.33
C THR B 147 -2.96 12.99 20.00
N HIS B 148 -3.08 12.47 18.78
CA HIS B 148 -4.30 11.78 18.36
C HIS B 148 -5.51 12.71 18.33
N THR B 149 -5.30 13.99 18.07
CA THR B 149 -6.42 14.89 18.00
C THR B 149 -7.26 14.52 16.77
N PRO B 150 -8.59 14.60 16.88
CA PRO B 150 -9.46 14.17 15.78
C PRO B 150 -9.06 14.73 14.42
N TYR B 151 -8.86 16.04 14.33
CA TYR B 151 -8.30 16.65 13.12
C TYR B 151 -7.39 17.80 13.52
N ILE B 152 -6.51 18.20 12.61
CA ILE B 152 -5.53 19.25 12.90
C ILE B 152 -6.24 20.59 12.91
N PRO B 153 -6.21 21.29 14.05
CA PRO B 153 -6.91 22.57 14.17
C PRO B 153 -6.36 23.69 13.27
N SER B 167 -1.42 14.71 -15.08
CA SER B 167 -2.48 14.03 -15.83
C SER B 167 -3.42 13.35 -14.86
N THR B 168 -4.13 14.19 -14.13
CA THR B 168 -5.04 13.78 -13.07
C THR B 168 -6.10 12.79 -13.56
N ILE B 169 -7.02 13.23 -14.41
CA ILE B 169 -8.03 12.33 -14.96
C ILE B 169 -7.46 10.92 -15.18
N SER B 170 -6.24 10.87 -15.69
CA SER B 170 -5.57 9.60 -15.92
C SER B 170 -5.24 8.90 -14.61
N THR B 171 -4.68 9.63 -13.66
CA THR B 171 -4.36 8.96 -12.41
C THR B 171 -5.62 8.76 -11.60
N LEU B 172 -6.59 9.67 -11.74
CA LEU B 172 -7.83 9.48 -10.99
C LEU B 172 -8.61 8.29 -11.52
N GLN B 173 -8.67 8.12 -12.83
CA GLN B 173 -9.40 7.00 -13.39
C GLN B 173 -8.79 5.67 -12.94
N SER B 174 -7.46 5.64 -12.80
CA SER B 174 -6.80 4.43 -12.32
C SER B 174 -7.20 4.06 -10.89
N PHE B 175 -7.68 5.05 -10.14
CA PHE B 175 -8.17 4.86 -8.78
C PHE B 175 -9.68 4.67 -8.74
N ASP B 176 -10.26 4.49 -9.93
CA ASP B 176 -11.70 4.30 -10.08
C ASP B 176 -12.44 5.58 -9.70
N VAL B 177 -11.86 6.71 -10.07
CA VAL B 177 -12.48 8.01 -9.82
C VAL B 177 -12.69 8.68 -11.16
N TYR B 178 -13.96 8.84 -11.52
CA TYR B 178 -14.33 9.44 -12.79
C TYR B 178 -15.03 10.77 -12.53
N ALA B 179 -14.35 11.86 -12.86
CA ALA B 179 -14.90 13.18 -12.56
C ALA B 179 -16.16 13.51 -13.35
N GLU B 180 -17.06 14.25 -12.72
CA GLU B 180 -18.29 14.71 -13.35
C GLU B 180 -18.28 16.22 -13.26
N LEU B 181 -17.60 16.86 -14.20
CA LEU B 181 -17.43 18.31 -14.18
C LEU B 181 -18.71 19.09 -14.41
N SER B 182 -19.68 18.49 -15.11
CA SER B 182 -20.94 19.19 -15.36
C SER B 182 -21.93 19.10 -14.19
N PHE B 183 -21.53 18.42 -13.12
CA PHE B 183 -22.42 18.23 -11.98
C PHE B 183 -22.56 19.47 -11.13
N THR B 184 -23.80 19.93 -10.97
CA THR B 184 -24.05 21.11 -10.17
C THR B 184 -24.85 20.69 -8.95
N PRO B 185 -24.19 20.61 -7.79
CA PRO B 185 -24.87 20.24 -6.56
C PRO B 185 -26.06 21.15 -6.37
N ARG B 186 -27.22 20.57 -6.14
CA ARG B 186 -28.41 21.41 -6.06
C ARG B 186 -28.32 22.38 -4.90
N THR B 187 -28.85 23.58 -5.13
CA THR B 187 -28.77 24.67 -4.17
C THR B 187 -30.16 25.09 -3.71
N ASP B 188 -31.08 24.14 -3.61
CA ASP B 188 -32.43 24.41 -3.12
C ASP B 188 -32.71 23.58 -1.87
N THR B 189 -31.66 23.36 -1.09
CA THR B 189 -31.80 22.60 0.13
C THR B 189 -32.68 23.39 1.09
N VAL B 190 -33.63 22.69 1.70
CA VAL B 190 -34.51 23.25 2.72
C VAL B 190 -34.73 22.12 3.75
N ASN B 191 -34.67 22.43 5.05
CA ASN B 191 -34.78 21.42 6.12
C ASN B 191 -33.85 20.20 5.94
N GLY B 192 -32.70 20.40 5.34
CA GLY B 192 -31.76 19.29 5.20
C GLY B 192 -32.07 18.34 4.07
N THR B 193 -32.98 18.72 3.17
CA THR B 193 -33.26 17.83 2.03
C THR B 193 -33.75 18.54 0.76
N ALA B 194 -33.51 17.89 -0.38
CA ALA B 194 -34.00 18.37 -1.67
C ALA B 194 -33.96 17.17 -2.59
N PRO B 195 -34.89 17.05 -3.54
CA PRO B 195 -35.95 18.03 -3.76
C PRO B 195 -37.08 17.95 -2.73
N ALA B 196 -38.12 18.74 -2.97
CA ALA B 196 -39.26 18.87 -2.07
C ALA B 196 -39.96 17.55 -1.74
N ASN B 197 -40.05 16.64 -2.71
CA ASN B 197 -40.80 15.40 -2.51
C ASN B 197 -40.02 14.26 -1.85
N THR B 198 -39.21 14.61 -0.85
CA THR B 198 -38.42 13.60 -0.17
C THR B 198 -38.79 13.51 1.30
N VAL B 199 -38.38 12.39 1.90
CA VAL B 199 -38.64 12.11 3.31
C VAL B 199 -37.32 12.06 4.06
N TRP B 200 -37.12 13.01 4.97
CA TRP B 200 -35.87 13.08 5.71
C TRP B 200 -36.10 13.52 7.15
N HIS B 201 -36.00 12.56 8.06
CA HIS B 201 -36.25 12.79 9.48
C HIS B 201 -37.72 13.10 9.76
N THR B 202 -38.60 12.90 8.77
CA THR B 202 -40.02 13.18 8.93
C THR B 202 -40.90 11.97 8.67
N GLY B 203 -40.29 10.82 8.40
CA GLY B 203 -41.02 9.63 8.06
C GLY B 203 -40.13 8.47 7.70
N ALA B 204 -40.75 7.33 7.41
CA ALA B 204 -40.01 6.11 7.10
C ALA B 204 -39.14 6.17 5.84
N ASN B 205 -37.96 5.56 5.91
CA ASN B 205 -37.09 5.44 4.74
C ASN B 205 -36.94 3.97 4.35
N ALA B 206 -37.26 3.64 3.10
CA ALA B 206 -37.05 2.28 2.64
C ALA B 206 -35.71 2.17 1.91
N LEU B 207 -35.15 0.98 1.89
CA LEU B 207 -33.95 0.71 1.11
C LEU B 207 -34.37 0.73 -0.36
N ALA B 208 -33.53 1.29 -1.23
CA ALA B 208 -33.91 1.34 -2.65
C ALA B 208 -34.19 -0.05 -3.20
N SER B 209 -35.26 -0.16 -3.97
CA SER B 209 -35.60 -1.43 -4.56
C SER B 209 -34.92 -1.52 -5.92
N THR B 210 -34.54 -0.36 -6.46
CA THR B 210 -33.88 -0.31 -7.76
C THR B 210 -32.36 -0.33 -7.58
N ALA B 211 -31.73 -1.35 -8.12
CA ALA B 211 -30.29 -1.47 -8.01
C ALA B 211 -29.66 -0.30 -8.74
N GLY B 212 -28.63 0.28 -8.13
CA GLY B 212 -27.90 1.37 -8.76
C GLY B 212 -28.36 2.72 -8.28
N ASP B 213 -29.49 2.75 -7.56
CA ASP B 213 -30.04 4.02 -7.09
C ASP B 213 -29.52 4.33 -5.73
N PRO B 214 -29.13 5.58 -5.50
CA PRO B 214 -28.73 6.00 -4.17
C PRO B 214 -29.97 6.04 -3.29
N TYR B 215 -29.77 6.01 -2.00
CA TYR B 215 -30.85 6.12 -1.03
C TYR B 215 -30.26 6.51 0.31
N PHE B 216 -31.11 7.03 1.19
CA PHE B 216 -30.66 7.56 2.46
C PHE B 216 -31.58 7.09 3.56
N ILE B 217 -31.00 6.85 4.73
CA ILE B 217 -31.79 6.41 5.86
C ILE B 217 -31.43 7.28 7.05
N ALA B 218 -32.40 8.06 7.52
CA ALA B 218 -32.22 8.91 8.70
C ALA B 218 -32.25 8.04 9.95
N ASN B 219 -31.45 8.41 10.94
CA ASN B 219 -31.32 7.65 12.16
C ASN B 219 -32.63 7.17 12.76
N GLY B 220 -32.85 5.85 12.75
CA GLY B 220 -34.02 5.25 13.34
C GLY B 220 -35.27 5.17 12.47
N TRP B 221 -35.18 5.65 11.22
CA TRP B 221 -36.34 5.71 10.33
C TRP B 221 -36.43 4.59 9.28
N GLY B 222 -35.42 3.72 9.24
CA GLY B 222 -35.41 2.61 8.29
C GLY B 222 -36.02 1.34 8.85
N PRO B 223 -36.07 0.28 8.05
CA PRO B 223 -36.61 -1.02 8.49
C PRO B 223 -35.81 -1.59 9.63
N LYS B 224 -36.48 -2.29 10.55
CA LYS B 224 -35.79 -2.90 11.68
C LYS B 224 -36.31 -4.30 11.94
N TYR B 225 -35.43 -5.15 12.49
CA TYR B 225 -35.78 -6.51 12.89
C TYR B 225 -35.36 -6.72 14.33
N LEU B 226 -36.25 -7.33 15.12
CA LEU B 226 -35.92 -7.69 16.49
C LEU B 226 -35.57 -9.18 16.53
N ASN B 227 -34.38 -9.47 17.02
CA ASN B 227 -33.96 -10.84 17.23
C ASN B 227 -33.99 -11.07 18.73
N SER B 228 -34.66 -12.13 19.18
CA SER B 228 -34.79 -12.34 20.62
C SER B 228 -34.12 -13.64 21.07
N GLN B 229 -33.18 -14.14 20.28
CA GLN B 229 -32.54 -15.42 20.58
C GLN B 229 -31.47 -15.36 21.68
N TYR B 230 -30.75 -14.24 21.76
CA TYR B 230 -29.64 -14.07 22.71
C TYR B 230 -29.77 -12.73 23.38
N GLY B 231 -30.85 -12.57 24.14
CA GLY B 231 -31.21 -11.27 24.64
C GLY B 231 -31.87 -10.59 23.44
N TYR B 232 -32.04 -9.29 23.50
CA TYR B 232 -32.65 -8.57 22.38
C TYR B 232 -31.63 -7.86 21.53
N GLN B 233 -31.72 -8.05 20.21
CA GLN B 233 -30.86 -7.30 19.30
C GLN B 233 -31.72 -6.76 18.19
N ILE B 234 -31.53 -5.50 17.85
CA ILE B 234 -32.33 -4.90 16.78
C ILE B 234 -31.38 -4.60 15.63
N VAL B 235 -31.64 -5.22 14.48
CA VAL B 235 -30.85 -4.97 13.28
C VAL B 235 -31.59 -3.95 12.41
N ALA B 236 -30.89 -2.88 12.02
CA ALA B 236 -31.42 -1.92 11.07
C ALA B 236 -30.63 -2.07 9.78
N PRO B 237 -31.14 -2.81 8.80
CA PRO B 237 -30.40 -3.03 7.55
C PRO B 237 -30.17 -1.74 6.78
N PHE B 238 -28.97 -1.54 6.25
CA PHE B 238 -28.65 -0.40 5.40
C PHE B 238 -28.40 -0.90 3.97
N VAL B 239 -27.70 -2.04 3.85
CA VAL B 239 -27.45 -2.68 2.55
C VAL B 239 -27.75 -4.17 2.68
N THR B 240 -28.57 -4.68 1.77
CA THR B 240 -28.89 -6.10 1.66
C THR B 240 -28.53 -6.56 0.26
N ALA B 241 -28.74 -7.85 -0.01
CA ALA B 241 -28.41 -8.39 -1.33
C ALA B 241 -29.09 -7.63 -2.47
N THR B 242 -30.27 -7.10 -2.19
CA THR B 242 -31.02 -6.38 -3.23
C THR B 242 -30.16 -5.26 -3.79
N GLN B 243 -29.49 -4.54 -2.89
CA GLN B 243 -28.68 -3.40 -3.29
C GLN B 243 -27.21 -3.76 -3.61
N ALA B 244 -26.63 -4.67 -2.84
CA ALA B 244 -25.22 -5.05 -3.05
C ALA B 244 -24.98 -5.78 -4.36
N GLN B 245 -25.89 -6.68 -4.70
CA GLN B 245 -25.76 -7.52 -5.87
C GLN B 245 -24.39 -8.21 -5.83
N ASP B 246 -23.64 -8.12 -6.91
CA ASP B 246 -22.35 -8.81 -6.99
C ASP B 246 -21.26 -8.28 -6.07
N THR B 247 -21.46 -7.10 -5.47
CA THR B 247 -20.49 -6.60 -4.50
C THR B 247 -20.52 -7.44 -3.23
N ASN B 248 -21.61 -8.19 -3.05
CA ASN B 248 -21.58 -9.30 -2.11
C ASN B 248 -21.22 -8.94 -0.68
N TYR B 249 -22.02 -8.07 -0.07
CA TYR B 249 -21.80 -7.69 1.33
C TYR B 249 -23.12 -7.23 1.95
N THR B 250 -23.13 -7.07 3.27
CA THR B 250 -24.28 -6.45 3.96
C THR B 250 -23.76 -5.39 4.89
N LEU B 251 -24.63 -4.43 5.22
CA LEU B 251 -24.29 -3.34 6.10
C LEU B 251 -25.52 -3.01 6.92
N SER B 252 -25.33 -2.72 8.20
CA SER B 252 -26.45 -2.38 9.09
C SER B 252 -25.97 -1.84 10.42
N THR B 253 -26.89 -1.37 11.27
CA THR B 253 -26.52 -1.21 12.67
C THR B 253 -27.15 -2.36 13.44
N ILE B 254 -26.50 -2.72 14.54
CA ILE B 254 -27.05 -3.73 15.43
C ILE B 254 -27.08 -3.08 16.80
N SER B 255 -28.27 -3.02 17.40
CA SER B 255 -28.45 -2.50 18.73
C SER B 255 -28.63 -3.69 19.64
N MET B 256 -28.10 -3.61 20.86
CA MET B 256 -28.06 -4.79 21.71
C MET B 256 -28.46 -4.50 23.16
N SER B 257 -29.18 -5.43 23.77
CA SER B 257 -29.48 -5.36 25.20
C SER B 257 -28.39 -6.17 25.91
N THR B 258 -28.47 -6.27 27.23
CA THR B 258 -27.57 -7.19 27.94
C THR B 258 -28.04 -8.63 27.71
N THR B 259 -27.21 -9.58 28.09
CA THR B 259 -27.52 -10.99 27.94
C THR B 259 -28.19 -11.45 29.24
N PRO B 260 -29.43 -11.91 29.13
CA PRO B 260 -30.22 -12.21 30.33
C PRO B 260 -30.09 -13.62 30.92
N SER B 261 -30.75 -13.79 32.06
CA SER B 261 -30.77 -15.07 32.77
C SER B 261 -31.09 -16.25 31.86
N THR B 262 -30.29 -17.31 32.01
CA THR B 262 -30.34 -18.59 31.24
C THR B 262 -29.75 -18.53 29.83
N VAL B 263 -29.44 -17.34 29.36
CA VAL B 263 -28.88 -17.18 28.02
C VAL B 263 -27.36 -17.13 28.08
N THR B 264 -26.71 -17.92 27.22
CA THR B 264 -25.26 -17.92 27.14
C THR B 264 -24.86 -17.09 25.92
N VAL B 265 -23.82 -16.28 26.06
CA VAL B 265 -23.36 -15.50 24.91
C VAL B 265 -22.89 -16.51 23.86
N PRO B 266 -23.48 -16.46 22.67
CA PRO B 266 -23.18 -17.44 21.62
C PRO B 266 -21.88 -17.20 20.89
N THR B 267 -21.36 -18.25 20.29
CA THR B 267 -20.15 -18.16 19.50
C THR B 267 -20.57 -18.17 18.04
N TRP B 268 -19.96 -17.28 17.26
CA TRP B 268 -20.29 -17.14 15.84
C TRP B 268 -19.11 -17.43 14.94
N SER B 269 -19.42 -17.81 13.69
CA SER B 269 -18.40 -18.05 12.68
C SER B 269 -19.06 -17.88 11.31
N PHE B 270 -18.48 -17.05 10.45
CA PHE B 270 -19.01 -16.81 9.10
C PHE B 270 -17.88 -16.86 8.07
N PRO B 271 -18.19 -17.23 6.82
CA PRO B 271 -17.16 -17.44 5.80
C PRO B 271 -16.45 -16.15 5.43
N GLY B 272 -17.20 -15.05 5.42
CA GLY B 272 -16.62 -13.77 5.07
C GLY B 272 -16.12 -12.96 6.24
N ALA B 273 -15.12 -12.11 5.99
CA ALA B 273 -14.69 -11.15 6.99
C ALA B 273 -15.84 -10.23 7.40
N CYS B 274 -15.77 -9.73 8.63
CA CYS B 274 -16.76 -8.74 9.09
C CYS B 274 -16.10 -7.82 10.08
N ALA B 275 -16.73 -6.67 10.36
CA ALA B 275 -16.19 -5.71 11.30
C ALA B 275 -17.32 -4.86 11.85
N PHE B 276 -17.08 -4.27 13.01
CA PHE B 276 -18.05 -3.30 13.49
C PHE B 276 -17.35 -2.17 14.19
N GLN B 277 -18.01 -1.01 14.15
CA GLN B 277 -17.55 0.17 14.87
C GLN B 277 -18.64 0.53 15.89
N VAL B 278 -18.26 0.58 17.14
CA VAL B 278 -19.21 0.95 18.18
C VAL B 278 -19.65 2.40 18.01
N GLN B 279 -20.96 2.63 18.05
CA GLN B 279 -21.48 3.99 17.98
C GLN B 279 -21.86 4.51 19.36
N GLU B 280 -22.56 3.67 20.13
CA GLU B 280 -23.03 4.01 21.47
C GLU B 280 -22.86 2.79 22.34
N GLY B 281 -22.48 2.99 23.60
CA GLY B 281 -22.43 1.87 24.50
C GLY B 281 -21.06 1.25 24.73
N ARG B 282 -21.09 0.02 25.24
CA ARG B 282 -19.88 -0.70 25.62
C ARG B 282 -20.07 -2.14 25.22
N VAL B 283 -19.21 -2.60 24.32
CA VAL B 283 -19.36 -3.93 23.76
C VAL B 283 -18.08 -4.74 23.95
N VAL B 284 -18.23 -5.94 24.49
CA VAL B 284 -17.08 -6.81 24.69
C VAL B 284 -17.01 -7.76 23.50
N VAL B 285 -15.84 -7.88 22.89
CA VAL B 285 -15.64 -8.78 21.77
C VAL B 285 -14.51 -9.76 22.12
N GLN B 286 -14.66 -11.01 21.71
CA GLN B 286 -13.64 -12.03 21.95
C GLN B 286 -13.51 -12.74 20.62
N ILE B 287 -12.32 -12.67 20.02
CA ILE B 287 -12.10 -13.20 18.67
C ILE B 287 -10.93 -14.18 18.69
N GLY B 288 -11.13 -15.36 18.10
CA GLY B 288 -10.07 -16.36 18.05
C GLY B 288 -9.54 -16.70 19.44
N ASP B 289 -8.22 -16.79 19.57
CA ASP B 289 -7.59 -17.10 20.84
C ASP B 289 -7.13 -15.87 21.61
N TYR B 290 -7.58 -14.69 21.18
CA TYR B 290 -7.19 -13.44 21.82
C TYR B 290 -8.00 -13.14 23.08
N ALA B 291 -7.44 -12.34 23.97
CA ALA B 291 -8.17 -11.93 25.17
C ALA B 291 -9.35 -11.04 24.83
N ALA B 292 -10.45 -11.19 25.58
CA ALA B 292 -11.62 -10.35 25.37
C ALA B 292 -11.24 -8.88 25.58
N THR B 293 -11.91 -7.98 24.86
CA THR B 293 -11.62 -6.55 24.97
C THR B 293 -12.92 -5.78 24.93
N GLU B 294 -13.04 -4.77 25.80
CA GLU B 294 -14.24 -3.95 25.80
C GLU B 294 -14.02 -2.75 24.89
N LEU B 295 -14.97 -2.51 23.99
CA LEU B 295 -14.90 -1.40 23.03
C LEU B 295 -15.86 -0.29 23.41
N GLY B 296 -15.43 0.95 23.19
CA GLY B 296 -16.26 2.13 23.42
C GLY B 296 -16.47 2.91 22.13
N SER B 297 -16.92 4.15 22.24
CA SER B 297 -17.30 4.86 21.02
C SER B 297 -16.20 4.96 19.99
N GLY B 298 -16.58 4.60 18.77
CA GLY B 298 -15.70 4.72 17.63
C GLY B 298 -14.66 3.63 17.52
N ASP B 299 -14.57 2.75 18.51
CA ASP B 299 -13.61 1.63 18.44
C ASP B 299 -14.10 0.62 17.40
N VAL B 300 -13.15 -0.01 16.70
CA VAL B 300 -13.45 -0.94 15.61
C VAL B 300 -12.89 -2.30 15.90
N ALA B 301 -13.68 -3.34 15.62
CA ALA B 301 -13.24 -4.72 15.77
C ALA B 301 -13.29 -5.36 14.40
N PHE B 302 -12.26 -6.10 14.05
CA PHE B 302 -12.23 -6.80 12.76
C PHE B 302 -12.09 -8.30 12.96
N ILE B 303 -12.95 -9.06 12.29
CA ILE B 303 -12.95 -10.51 12.44
C ILE B 303 -12.77 -11.19 11.08
N PRO B 304 -11.64 -11.85 10.87
CA PRO B 304 -11.39 -12.56 9.61
C PRO B 304 -12.44 -13.60 9.34
N GLY B 305 -12.74 -13.84 8.07
CA GLY B 305 -13.65 -14.92 7.72
C GLY B 305 -13.20 -16.26 8.29
N GLY B 306 -14.16 -16.99 8.85
CA GLY B 306 -13.85 -18.31 9.36
C GLY B 306 -13.33 -18.36 10.79
N VAL B 307 -13.14 -17.21 11.41
CA VAL B 307 -12.64 -17.18 12.79
C VAL B 307 -13.80 -17.05 13.76
N GLU B 308 -13.79 -17.86 14.82
CA GLU B 308 -14.86 -17.79 15.81
C GLU B 308 -14.77 -16.52 16.64
N PHE B 309 -15.94 -15.98 16.96
CA PHE B 309 -16.02 -14.80 17.80
C PHE B 309 -17.29 -14.75 18.64
N LYS B 310 -17.22 -14.00 19.73
CA LYS B 310 -18.34 -13.77 20.63
C LYS B 310 -18.35 -12.29 20.95
N TYR B 311 -19.53 -11.70 21.05
CA TYR B 311 -19.68 -10.31 21.48
C TYR B 311 -20.90 -10.22 22.37
N TYR B 312 -20.89 -9.24 23.25
CA TYR B 312 -22.04 -8.97 24.10
C TYR B 312 -21.96 -7.53 24.57
N SER B 313 -23.08 -7.00 25.03
CA SER B 313 -23.11 -5.61 25.51
C SER B 313 -22.98 -5.55 27.02
N GLU B 314 -22.01 -4.80 27.50
CA GLU B 314 -21.91 -4.55 28.93
C GLU B 314 -22.83 -3.38 29.29
N ALA B 315 -23.00 -2.45 28.36
CA ALA B 315 -23.93 -1.35 28.58
C ALA B 315 -25.35 -1.90 28.47
N TYR B 316 -26.30 -1.27 29.15
CA TYR B 316 -27.68 -1.69 29.04
C TYR B 316 -28.22 -1.56 27.62
N PHE B 317 -27.64 -0.66 26.82
CA PHE B 317 -28.01 -0.55 25.40
C PHE B 317 -26.77 -0.12 24.64
N SER B 318 -26.42 -0.85 23.60
CA SER B 318 -25.29 -0.48 22.73
C SER B 318 -25.78 -0.52 21.29
N LYS B 319 -25.09 0.21 20.42
CA LYS B 319 -25.41 0.22 19.00
C LYS B 319 -24.10 0.23 18.24
N VAL B 320 -23.97 -0.65 17.26
CA VAL B 320 -22.75 -0.69 16.45
C VAL B 320 -23.09 -0.58 14.97
N LEU B 321 -22.15 -0.08 14.18
CA LEU B 321 -22.25 -0.11 12.71
C LEU B 321 -21.54 -1.38 12.26
N PHE B 322 -22.20 -2.19 11.45
CA PHE B 322 -21.70 -3.53 11.13
C PHE B 322 -21.63 -3.78 9.65
N VAL B 323 -20.51 -4.36 9.20
CA VAL B 323 -20.29 -4.69 7.79
C VAL B 323 -19.81 -6.12 7.68
N SER B 324 -20.33 -6.84 6.68
CA SER B 324 -19.96 -8.23 6.47
C SER B 324 -19.76 -8.53 4.99
N SER B 325 -18.69 -9.24 4.67
CA SER B 325 -18.49 -9.74 3.32
C SER B 325 -19.27 -11.03 3.19
N GLY B 326 -19.99 -11.20 2.08
CA GLY B 326 -20.85 -12.36 1.89
C GLY B 326 -22.30 -11.96 2.04
N SER B 327 -23.20 -12.86 1.68
CA SER B 327 -24.63 -12.56 1.78
C SER B 327 -25.25 -12.96 3.11
N ASP B 328 -24.56 -13.77 3.91
CA ASP B 328 -25.19 -14.31 5.11
C ASP B 328 -24.37 -14.20 6.38
N GLY B 329 -23.86 -13.01 6.61
CA GLY B 329 -23.10 -12.72 7.81
C GLY B 329 -24.02 -12.51 9.00
N LEU B 330 -23.44 -12.09 10.11
CA LEU B 330 -24.16 -11.95 11.35
C LEU B 330 -25.48 -11.17 11.28
N ASP B 331 -25.45 -10.00 10.64
CA ASP B 331 -26.65 -9.18 10.62
C ASP B 331 -27.80 -9.88 9.90
N GLN B 332 -27.52 -10.46 8.75
CA GLN B 332 -28.55 -11.18 8.01
C GLN B 332 -29.01 -12.39 8.82
N ASN B 333 -28.09 -13.02 9.54
CA ASN B 333 -28.45 -14.15 10.37
C ASN B 333 -29.45 -13.75 11.46
N LEU B 334 -29.14 -12.65 12.13
CA LEU B 334 -30.02 -12.12 13.18
C LEU B 334 -31.38 -11.73 12.58
N VAL B 335 -31.36 -11.10 11.41
CA VAL B 335 -32.63 -10.77 10.75
C VAL B 335 -33.45 -12.03 10.43
N ASN B 336 -32.81 -13.02 9.84
CA ASN B 336 -33.49 -14.26 9.47
C ASN B 336 -34.06 -14.98 10.69
N GLY B 337 -33.39 -14.85 11.83
CA GLY B 337 -33.86 -15.49 13.05
C GLY B 337 -34.78 -14.62 13.88
N GLY B 338 -35.10 -13.44 13.37
CA GLY B 338 -35.94 -12.52 14.11
C GLY B 338 -37.23 -12.17 13.37
N GLU B 339 -37.85 -11.07 13.75
CA GLU B 339 -39.11 -10.65 13.15
C GLU B 339 -39.07 -9.14 12.96
N GLU B 340 -39.79 -8.65 11.95
CA GLU B 340 -39.85 -7.21 11.69
C GLU B 340 -40.32 -6.49 12.95
N TRP B 341 -39.80 -5.29 13.16
CA TRP B 341 -40.00 -4.57 14.42
C TRP B 341 -40.06 -3.07 14.18
N SER B 342 -40.87 -2.37 14.96
CA SER B 342 -41.12 -0.97 14.62
C SER B 342 -40.52 0.05 15.57
N SER B 343 -39.59 -0.36 16.43
CA SER B 343 -38.99 0.56 17.41
C SER B 343 -37.47 0.45 17.48
N VAL B 344 -36.82 1.57 17.78
CA VAL B 344 -35.39 1.55 18.06
C VAL B 344 -35.12 0.96 19.46
N SER B 345 -36.16 0.87 20.29
CA SER B 345 -36.05 0.24 21.60
C SER B 345 -36.58 -1.19 21.59
N PHE B 346 -36.00 -2.03 22.46
CA PHE B 346 -36.49 -3.41 22.61
C PHE B 346 -37.56 -3.51 23.70
N PRO B 347 -38.26 -4.64 23.77
CA PRO B 347 -39.31 -4.80 24.78
C PRO B 347 -38.77 -4.57 26.20
N ALA B 348 -39.64 -4.14 27.09
CA ALA B 348 -39.26 -3.87 28.47
C ALA B 348 -39.21 -5.15 29.31
N ASP B 349 -39.72 -6.25 28.75
CA ASP B 349 -39.69 -7.54 29.44
C ASP B 349 -38.99 -8.57 28.60
N TRP B 350 -38.33 -9.52 29.26
CA TRP B 350 -37.66 -10.61 28.56
C TRP B 350 -38.73 -11.60 28.07
N SER C 3 8.27 17.09 -12.95
CA SER C 3 9.29 17.28 -11.86
C SER C 3 10.55 16.49 -12.17
N SER C 4 10.40 15.18 -12.28
CA SER C 4 11.47 14.32 -12.74
C SER C 4 10.91 12.98 -13.17
N LEU C 5 11.18 12.63 -14.42
CA LEU C 5 10.81 11.33 -14.95
C LEU C 5 11.39 10.20 -14.10
N ILE C 6 12.62 10.38 -13.61
CA ILE C 6 13.26 9.34 -12.82
C ILE C 6 12.83 9.40 -11.36
N VAL C 7 12.49 8.24 -10.82
CA VAL C 7 12.06 8.11 -9.43
C VAL C 7 12.85 6.99 -8.72
N GLU C 8 12.92 7.08 -7.39
CA GLU C 8 13.66 6.09 -6.60
C GLU C 8 12.80 4.94 -6.10
N ASP C 9 11.50 5.19 -6.00
CA ASP C 9 10.51 4.19 -5.64
C ASP C 9 9.35 4.38 -6.61
N ALA C 10 8.62 3.32 -6.91
CA ALA C 10 7.46 3.42 -7.78
C ALA C 10 6.50 4.42 -7.16
N PRO C 11 5.93 5.31 -7.96
CA PRO C 11 4.97 6.29 -7.47
C PRO C 11 3.73 5.63 -6.86
N ASP C 12 3.03 6.38 -6.02
CA ASP C 12 1.81 5.88 -5.41
C ASP C 12 0.56 6.14 -6.26
N HIS C 13 0.76 6.39 -7.56
CA HIS C 13 -0.33 6.71 -8.49
C HIS C 13 0.22 6.55 -9.90
N VAL C 14 -0.66 6.56 -10.90
CA VAL C 14 -0.23 6.37 -12.29
C VAL C 14 0.37 7.64 -12.89
N ARG C 15 1.53 7.49 -13.52
CA ARG C 15 2.24 8.61 -14.17
C ARG C 15 3.43 8.02 -14.93
N PRO C 16 3.91 8.71 -15.95
CA PRO C 16 5.12 8.27 -16.62
C PRO C 16 6.29 8.24 -15.63
N TYR C 17 7.08 7.18 -15.66
CA TYR C 17 8.29 7.17 -14.86
C TYR C 17 9.33 6.18 -15.36
N VAL C 18 10.54 6.40 -14.91
CA VAL C 18 11.65 5.51 -15.15
C VAL C 18 12.22 5.25 -13.76
N ILE C 19 12.55 4.01 -13.46
CA ILE C 19 13.20 3.69 -12.22
C ILE C 19 14.44 2.88 -12.56
N ARG C 20 15.60 3.36 -12.10
CA ARG C 20 16.86 2.72 -12.43
C ARG C 20 17.04 1.40 -11.74
N HIS C 21 17.78 0.52 -12.38
CA HIS C 21 18.11 -0.79 -11.81
C HIS C 21 18.66 -0.62 -10.39
N TYR C 22 18.16 -1.46 -9.48
CA TYR C 22 18.60 -1.43 -8.06
C TYR C 22 18.22 -0.16 -7.29
N SER C 23 17.27 0.62 -7.79
CA SER C 23 16.75 1.74 -7.00
C SER C 23 16.13 1.13 -5.76
N HIS C 24 15.93 1.93 -4.73
CA HIS C 24 15.35 1.42 -3.50
C HIS C 24 14.08 0.60 -3.75
N ALA C 25 13.16 1.18 -4.51
CA ALA C 25 11.96 0.49 -4.95
C ALA C 25 11.24 -0.26 -3.81
N ARG C 26 11.03 0.46 -2.71
CA ARG C 26 10.33 -0.06 -1.52
C ARG C 26 10.83 -1.45 -1.11
N ALA C 27 12.14 -1.62 -1.18
CA ALA C 27 12.78 -2.93 -0.93
C ALA C 27 12.43 -3.62 0.38
N VAL C 28 12.28 -4.94 0.30
CA VAL C 28 12.16 -5.75 1.50
C VAL C 28 13.06 -6.96 1.31
N THR C 29 13.44 -7.58 2.42
CA THR C 29 14.17 -8.85 2.37
C THR C 29 13.29 -9.95 2.93
N VAL C 30 13.35 -11.11 2.28
CA VAL C 30 12.73 -12.32 2.82
C VAL C 30 13.90 -13.28 2.95
N ASP C 31 14.37 -13.45 4.19
CA ASP C 31 15.57 -14.23 4.45
C ASP C 31 16.74 -13.65 3.63
N THR C 32 17.41 -14.43 2.79
CA THR C 32 18.54 -13.87 2.02
C THR C 32 18.14 -13.15 0.75
N GLN C 33 16.86 -13.20 0.39
CA GLN C 33 16.41 -12.61 -0.88
C GLN C 33 16.04 -11.13 -0.72
N LEU C 34 16.41 -10.31 -1.69
CA LEU C 34 16.03 -8.89 -1.65
C LEU C 34 15.06 -8.59 -2.80
N TYR C 35 13.87 -8.07 -2.46
CA TYR C 35 12.83 -7.80 -3.45
C TYR C 35 12.69 -6.30 -3.70
N ARG C 36 12.68 -5.91 -4.97
CA ARG C 36 12.44 -4.52 -5.34
C ARG C 36 11.17 -4.44 -6.20
N PHE C 37 10.33 -3.44 -5.93
CA PHE C 37 9.05 -3.33 -6.61
C PHE C 37 9.09 -2.17 -7.60
N TYR C 38 9.53 -2.50 -8.82
CA TYR C 38 9.71 -1.49 -9.84
C TYR C 38 8.39 -0.96 -10.38
N VAL C 39 7.42 -1.87 -10.49
CA VAL C 39 6.06 -1.51 -10.89
C VAL C 39 5.10 -2.18 -9.92
N THR C 40 4.21 -1.39 -9.34
CA THR C 40 3.25 -1.88 -8.33
C THR C 40 1.81 -1.72 -8.78
N GLY C 41 0.89 -2.15 -7.93
CA GLY C 41 -0.52 -1.96 -8.21
C GLY C 41 -0.81 -0.48 -8.32
N PRO C 42 -0.47 0.30 -7.30
CA PRO C 42 -0.75 1.73 -7.36
C PRO C 42 -0.02 2.41 -8.52
N SER C 43 1.21 2.04 -8.80
CA SER C 43 1.92 2.70 -9.89
C SER C 43 1.43 2.32 -11.28
N SER C 44 0.76 1.18 -11.42
CA SER C 44 0.29 0.75 -12.74
C SER C 44 -1.23 0.78 -12.87
N GLY C 45 -1.92 1.28 -11.86
CA GLY C 45 -3.37 1.29 -11.91
C GLY C 45 -3.86 -0.15 -11.87
N TYR C 46 -3.11 -0.98 -11.13
CA TYR C 46 -3.45 -2.37 -10.87
C TYR C 46 -3.34 -3.30 -12.08
N ALA C 47 -2.73 -2.79 -13.14
CA ALA C 47 -2.56 -3.56 -14.37
C ALA C 47 -1.60 -4.73 -14.17
N PHE C 48 -0.43 -4.46 -13.59
CA PHE C 48 0.55 -5.51 -13.37
C PHE C 48 1.60 -5.12 -12.35
N THR C 49 2.35 -6.12 -11.90
CA THR C 49 3.44 -5.94 -10.97
C THR C 49 4.72 -6.37 -11.67
N LEU C 50 5.80 -5.60 -11.52
CA LEU C 50 7.08 -6.00 -12.09
C LEU C 50 8.09 -5.86 -10.96
N MET C 51 8.63 -6.98 -10.49
CA MET C 51 9.54 -6.95 -9.36
C MET C 51 10.84 -7.62 -9.69
N GLY C 52 11.90 -7.24 -8.97
CA GLY C 52 13.21 -7.84 -9.14
C GLY C 52 13.57 -8.51 -7.83
N THR C 53 14.02 -9.76 -7.91
CA THR C 53 14.46 -10.47 -6.73
C THR C 53 15.91 -10.84 -6.95
N ASN C 54 16.78 -10.41 -6.05
CA ASN C 54 18.21 -10.71 -6.12
C ASN C 54 18.53 -11.55 -4.91
N ALA C 55 19.30 -12.63 -5.13
CA ALA C 55 19.58 -13.57 -4.06
C ALA C 55 20.81 -14.40 -4.34
N PRO C 56 21.43 -14.88 -3.26
CA PRO C 56 22.59 -15.78 -3.37
C PRO C 56 22.16 -17.22 -3.53
N HIS C 57 23.14 -18.10 -3.75
CA HIS C 57 22.83 -19.51 -3.83
C HIS C 57 22.15 -19.98 -2.56
N SER C 58 21.18 -20.88 -2.69
CA SER C 58 20.56 -21.48 -1.53
C SER C 58 20.43 -22.97 -1.77
N ASP C 59 20.62 -23.75 -0.70
CA ASP C 59 20.49 -25.19 -0.75
C ASP C 59 19.03 -25.59 -0.51
N ALA C 60 18.21 -24.60 -0.20
CA ALA C 60 16.80 -24.82 0.08
C ALA C 60 15.90 -24.11 -0.92
N LEU C 61 14.66 -24.58 -1.00
CA LEU C 61 13.66 -23.96 -1.86
C LEU C 61 13.53 -22.53 -1.44
N GLY C 62 13.28 -21.65 -2.42
CA GLY C 62 13.13 -20.23 -2.15
C GLY C 62 11.76 -19.84 -1.63
N VAL C 63 10.81 -20.77 -1.70
CA VAL C 63 9.44 -20.58 -1.24
C VAL C 63 8.75 -21.95 -1.17
N LEU C 64 7.85 -22.14 -0.21
CA LEU C 64 7.13 -23.39 -0.13
C LEU C 64 6.20 -23.47 -1.34
N PRO C 65 6.08 -24.65 -1.94
CA PRO C 65 5.22 -24.85 -3.11
C PRO C 65 3.81 -24.35 -2.88
N HIS C 66 3.27 -23.67 -3.89
CA HIS C 66 1.96 -23.04 -3.76
C HIS C 66 1.31 -22.77 -5.11
N ILE C 67 0.07 -22.32 -5.04
CA ILE C 67 -0.73 -21.97 -6.21
C ILE C 67 -1.29 -20.55 -6.05
N HIS C 68 -1.44 -19.84 -7.16
CA HIS C 68 -2.20 -18.59 -7.15
C HIS C 68 -3.41 -18.83 -8.06
N GLN C 69 -4.60 -18.59 -7.54
CA GLN C 69 -5.82 -18.87 -8.32
C GLN C 69 -6.21 -17.71 -9.23
N LYS C 70 -5.76 -16.52 -8.89
CA LYS C 70 -6.18 -15.31 -9.59
C LYS C 70 -5.05 -14.47 -10.14
N HIS C 71 -3.82 -14.96 -10.04
CA HIS C 71 -2.69 -14.25 -10.61
C HIS C 71 -1.91 -15.17 -11.55
N TYR C 72 -1.35 -14.57 -12.58
CA TYR C 72 -0.54 -15.28 -13.57
C TYR C 72 0.88 -14.75 -13.35
N GLU C 73 1.83 -15.63 -13.06
CA GLU C 73 3.21 -15.21 -12.82
C GLU C 73 4.10 -15.52 -13.99
N ASN C 74 5.09 -14.67 -14.16
CA ASN C 74 6.07 -14.84 -15.22
C ASN C 74 7.46 -14.71 -14.62
N PHE C 75 8.30 -15.71 -14.83
CA PHE C 75 9.64 -15.72 -14.27
C PHE C 75 10.65 -15.47 -15.37
N TYR C 76 11.45 -14.43 -15.21
CA TYR C 76 12.48 -14.11 -16.21
C TYR C 76 13.84 -13.99 -15.52
N CYS C 77 14.84 -14.69 -16.04
CA CYS C 77 16.14 -14.68 -15.41
C CYS C 77 17.01 -13.58 -16.01
N ASN C 78 17.24 -12.52 -15.25
CA ASN C 78 18.09 -11.42 -15.70
C ASN C 78 19.55 -11.85 -15.75
N LYS C 79 19.96 -12.56 -14.71
CA LYS C 79 21.33 -13.05 -14.59
C LYS C 79 21.39 -14.15 -13.55
N GLY C 80 22.49 -14.89 -13.54
CA GLY C 80 22.64 -15.98 -12.61
C GLY C 80 21.79 -17.16 -13.03
N SER C 81 21.24 -17.88 -12.07
CA SER C 81 20.41 -19.01 -12.42
C SER C 81 19.56 -19.45 -11.26
N PHE C 82 18.36 -19.90 -11.58
CA PHE C 82 17.48 -20.49 -10.57
C PHE C 82 16.68 -21.59 -11.21
N GLN C 83 16.32 -22.58 -10.40
CA GLN C 83 15.49 -23.68 -10.86
C GLN C 83 14.04 -23.33 -10.55
N LEU C 84 13.16 -23.73 -11.46
CA LEU C 84 11.73 -23.50 -11.33
C LEU C 84 10.99 -24.82 -11.57
N TRP C 85 10.07 -25.14 -10.67
CA TRP C 85 9.22 -26.33 -10.80
C TRP C 85 7.78 -25.88 -11.05
N ALA C 86 7.06 -26.59 -11.90
CA ALA C 86 5.68 -26.21 -12.20
C ALA C 86 4.83 -27.41 -12.59
N GLN C 87 3.56 -27.38 -12.20
CA GLN C 87 2.66 -28.46 -12.54
C GLN C 87 1.21 -28.01 -12.58
N SER C 88 0.55 -28.30 -13.69
CA SER C 88 -0.87 -28.01 -13.83
C SER C 88 -1.64 -29.28 -13.50
N GLY C 89 -2.49 -29.22 -12.48
CA GLY C 89 -3.30 -30.35 -12.08
C GLY C 89 -2.58 -31.68 -12.10
N ASN C 90 -3.11 -32.62 -12.87
CA ASN C 90 -2.60 -33.98 -12.94
C ASN C 90 -1.55 -34.22 -14.03
N GLU C 91 -1.12 -33.16 -14.69
CA GLU C 91 -0.12 -33.29 -15.74
C GLU C 91 1.24 -33.55 -15.12
N THR C 92 2.14 -34.06 -15.95
CA THR C 92 3.52 -34.34 -15.57
C THR C 92 4.17 -33.11 -14.94
N GLN C 93 4.87 -33.28 -13.83
CA GLN C 93 5.57 -32.15 -13.21
C GLN C 93 6.77 -31.75 -14.05
N GLN C 94 6.86 -30.46 -14.37
CA GLN C 94 7.96 -29.94 -15.17
C GLN C 94 8.93 -29.11 -14.34
N THR C 95 10.21 -29.20 -14.67
CA THR C 95 11.22 -28.35 -14.04
C THR C 95 12.34 -27.98 -15.01
N ARG C 96 12.80 -26.74 -14.92
CA ARG C 96 13.91 -26.26 -15.74
C ARG C 96 14.81 -25.40 -14.89
N VAL C 97 16.09 -25.38 -15.25
CA VAL C 97 17.03 -24.45 -14.61
C VAL C 97 17.18 -23.29 -15.56
N LEU C 98 16.76 -22.11 -15.12
CA LEU C 98 16.79 -20.92 -15.96
C LEU C 98 18.12 -20.21 -15.79
N SER C 99 18.73 -19.85 -16.91
CA SER C 99 19.93 -19.02 -16.86
C SER C 99 19.58 -17.71 -17.57
N SER C 100 20.57 -16.87 -17.79
CA SER C 100 20.31 -15.51 -18.30
C SER C 100 19.45 -15.49 -19.55
N GLY C 101 18.35 -14.75 -19.49
CA GLY C 101 17.46 -14.58 -20.64
C GLY C 101 16.39 -15.64 -20.78
N ASP C 102 16.41 -16.65 -19.91
CA ASP C 102 15.42 -17.72 -19.93
C ASP C 102 14.10 -17.28 -19.28
N TYR C 103 13.02 -17.93 -19.70
CA TYR C 103 11.67 -17.55 -19.29
C TYR C 103 10.81 -18.74 -18.83
N GLY C 104 10.03 -18.51 -17.76
CA GLY C 104 9.11 -19.53 -17.27
C GLY C 104 7.73 -18.95 -17.08
N SER C 105 6.72 -19.66 -17.59
CA SER C 105 5.34 -19.19 -17.54
C SER C 105 4.51 -20.01 -16.54
N VAL C 106 3.85 -19.32 -15.61
CA VAL C 106 3.06 -19.97 -14.58
C VAL C 106 1.63 -19.41 -14.54
N PRO C 107 0.75 -19.98 -15.36
CA PRO C 107 -0.66 -19.58 -15.38
C PRO C 107 -1.36 -19.78 -14.02
N ARG C 108 -2.58 -19.25 -13.88
CA ARG C 108 -3.33 -19.47 -12.65
C ARG C 108 -3.50 -20.97 -12.39
N ASN C 109 -3.60 -21.33 -11.11
CA ASN C 109 -3.82 -22.72 -10.71
C ASN C 109 -2.68 -23.69 -11.08
N VAL C 110 -1.46 -23.17 -11.09
CA VAL C 110 -0.31 -24.01 -11.37
C VAL C 110 0.61 -24.06 -10.13
N THR C 111 0.85 -25.25 -9.61
CA THR C 111 1.74 -25.39 -8.47
C THR C 111 3.17 -25.04 -8.89
N HIS C 112 3.85 -24.21 -8.09
CA HIS C 112 5.22 -23.86 -8.43
C HIS C 112 6.07 -23.55 -7.21
N THR C 113 7.38 -23.59 -7.41
CA THR C 113 8.37 -23.14 -6.43
C THR C 113 9.67 -22.93 -7.19
N PHE C 114 10.66 -22.33 -6.54
CA PHE C 114 11.92 -22.07 -7.20
C PHE C 114 13.04 -22.24 -6.21
N GLN C 115 14.26 -22.28 -6.72
CA GLN C 115 15.45 -22.40 -5.88
C GLN C 115 16.57 -21.63 -6.57
N ILE C 116 17.17 -20.72 -5.83
CA ILE C 116 18.30 -19.94 -6.37
C ILE C 116 19.59 -20.75 -6.43
N GLN C 117 20.20 -20.80 -7.61
CA GLN C 117 21.40 -21.60 -7.84
C GLN C 117 22.70 -20.81 -7.83
N ASP C 118 22.81 -19.77 -8.66
CA ASP C 118 24.07 -19.02 -8.76
C ASP C 118 24.19 -17.85 -7.77
N PRO C 119 25.43 -17.50 -7.42
CA PRO C 119 25.66 -16.43 -6.44
C PRO C 119 25.11 -15.05 -6.81
N ASP C 120 25.15 -14.68 -8.08
CA ASP C 120 24.63 -13.38 -8.50
C ASP C 120 23.35 -13.58 -9.31
N THR C 121 22.30 -14.04 -8.65
CA THR C 121 21.08 -14.35 -9.38
C THR C 121 20.07 -13.23 -9.27
N GLU C 122 19.42 -12.93 -10.39
CA GLU C 122 18.35 -11.94 -10.40
C GLU C 122 17.17 -12.50 -11.20
N MET C 123 16.02 -12.51 -10.53
CA MET C 123 14.78 -13.05 -11.06
C MET C 123 13.81 -11.88 -11.22
N THR C 124 13.38 -11.59 -12.45
CA THR C 124 12.39 -10.54 -12.68
C THR C 124 11.04 -11.23 -12.73
N GLY C 125 10.11 -10.79 -11.90
CA GLY C 125 8.79 -11.39 -11.84
C GLY C 125 7.80 -10.43 -12.42
N VAL C 126 6.98 -10.90 -13.35
CA VAL C 126 5.91 -10.08 -13.90
C VAL C 126 4.62 -10.81 -13.55
N ILE C 127 3.77 -10.16 -12.77
CA ILE C 127 2.54 -10.78 -12.28
C ILE C 127 1.35 -9.96 -12.71
N VAL C 128 0.28 -10.64 -13.11
CA VAL C 128 -0.92 -9.97 -13.60
C VAL C 128 -2.10 -10.61 -12.87
N PRO C 129 -3.02 -9.82 -12.32
CA PRO C 129 -2.99 -8.35 -12.34
C PRO C 129 -2.05 -7.79 -11.27
N GLY C 130 -1.98 -6.46 -11.17
CA GLY C 130 -1.08 -5.85 -10.21
C GLY C 130 -1.57 -5.86 -8.78
N GLY C 131 -0.67 -5.54 -7.86
CA GLY C 131 -0.99 -5.49 -6.44
C GLY C 131 -0.61 -6.74 -5.69
N PHE C 132 -0.13 -7.75 -6.41
CA PHE C 132 0.27 -9.02 -5.81
C PHE C 132 1.38 -8.80 -4.77
N GLU C 133 2.15 -7.73 -4.96
CA GLU C 133 3.28 -7.41 -4.09
C GLU C 133 2.91 -7.23 -2.62
N ASP C 134 1.63 -7.05 -2.31
CA ASP C 134 1.23 -6.90 -0.92
C ASP C 134 1.71 -8.12 -0.13
N LEU C 135 1.74 -9.27 -0.78
CA LEU C 135 2.18 -10.49 -0.11
C LEU C 135 3.61 -10.33 0.39
N PHE C 136 4.46 -9.74 -0.43
CA PHE C 136 5.85 -9.58 -0.06
C PHE C 136 6.06 -8.46 0.95
N TYR C 137 5.16 -7.47 0.96
CA TYR C 137 5.24 -6.44 1.98
C TYR C 137 5.00 -7.13 3.34
N TYR C 138 4.15 -8.14 3.35
CA TYR C 138 3.84 -8.88 4.57
C TYR C 138 4.96 -9.85 4.97
N LEU C 139 5.40 -10.67 4.03
CA LEU C 139 6.44 -11.66 4.29
C LEU C 139 7.79 -10.99 4.56
N GLY C 140 8.00 -9.86 3.91
CA GLY C 140 9.30 -9.21 3.96
C GLY C 140 9.52 -8.18 5.02
N THR C 141 10.79 -7.87 5.26
CA THR C 141 11.17 -6.87 6.23
C THR C 141 11.76 -5.72 5.45
N ASN C 142 11.29 -4.51 5.69
CA ASN C 142 11.82 -3.34 4.98
C ASN C 142 13.33 -3.26 5.06
N ALA C 143 13.95 -2.93 3.93
CA ALA C 143 15.40 -2.80 3.86
C ALA C 143 15.74 -1.39 3.39
N THR C 144 16.56 -0.69 4.16
CA THR C 144 17.02 0.64 3.78
C THR C 144 18.01 0.54 2.61
N ASP C 145 18.88 -0.48 2.66
CA ASP C 145 19.92 -0.72 1.66
C ASP C 145 20.51 0.59 1.13
N THR C 146 21.19 1.32 2.01
CA THR C 146 21.70 2.63 1.65
C THR C 146 22.59 2.63 0.41
N THR C 147 23.42 1.60 0.25
CA THR C 147 24.39 1.57 -0.86
C THR C 147 23.80 1.01 -2.15
N HIS C 148 22.55 0.59 -2.07
CA HIS C 148 21.86 -0.02 -3.21
C HIS C 148 22.52 -1.32 -3.66
N THR C 149 23.10 -2.06 -2.74
CA THR C 149 23.73 -3.32 -3.11
C THR C 149 22.63 -4.30 -3.58
N PRO C 150 22.90 -5.09 -4.63
CA PRO C 150 21.85 -5.97 -5.17
C PRO C 150 21.15 -6.81 -4.12
N TYR C 151 21.90 -7.47 -3.24
CA TYR C 151 21.29 -8.14 -2.08
C TYR C 151 22.22 -8.00 -0.88
N ILE C 152 21.71 -8.26 0.32
CA ILE C 152 22.53 -8.06 1.52
C ILE C 152 23.47 -9.24 1.69
N PRO C 153 24.77 -8.98 1.73
CA PRO C 153 25.75 -10.07 1.86
C PRO C 153 25.54 -10.86 3.16
N SER C 154 25.64 -12.19 3.10
CA SER C 154 25.37 -13.04 4.26
C SER C 154 24.21 -12.47 5.07
N SER C 166 -2.10 -22.90 9.59
CA SER C 166 -2.96 -22.55 10.72
C SER C 166 -3.30 -21.06 10.70
N SER C 167 -2.57 -20.30 11.50
CA SER C 167 -2.74 -18.85 11.57
C SER C 167 -2.44 -18.20 10.23
N THR C 168 -1.28 -18.55 9.68
CA THR C 168 -0.83 -18.03 8.40
C THR C 168 -1.71 -18.55 7.28
N ILE C 169 -2.17 -19.79 7.41
CA ILE C 169 -2.99 -20.40 6.36
C ILE C 169 -4.04 -19.42 5.81
N SER C 170 -4.82 -18.84 6.72
CA SER C 170 -5.85 -17.88 6.37
C SER C 170 -5.26 -16.60 5.78
N THR C 171 -4.20 -16.10 6.41
CA THR C 171 -3.52 -14.89 5.95
C THR C 171 -3.02 -15.05 4.51
N LEU C 172 -2.41 -16.19 4.22
CA LEU C 172 -1.87 -16.42 2.90
C LEU C 172 -2.95 -16.53 1.83
N GLN C 173 -4.08 -17.17 2.17
CA GLN C 173 -5.15 -17.31 1.20
C GLN C 173 -5.71 -15.94 0.78
N SER C 174 -5.80 -15.02 1.74
CA SER C 174 -6.26 -13.68 1.43
C SER C 174 -5.32 -12.95 0.46
N PHE C 175 -4.08 -13.44 0.33
CA PHE C 175 -3.10 -12.89 -0.62
C PHE C 175 -3.04 -13.74 -1.90
N ASP C 176 -4.02 -14.62 -2.07
CA ASP C 176 -4.08 -15.50 -3.23
C ASP C 176 -2.91 -16.47 -3.26
N VAL C 177 -2.57 -17.00 -2.08
CA VAL C 177 -1.50 -17.99 -1.97
C VAL C 177 -2.10 -19.23 -1.32
N TYR C 178 -2.11 -20.34 -2.06
CA TYR C 178 -2.67 -21.58 -1.56
C TYR C 178 -1.58 -22.66 -1.52
N ALA C 179 -1.21 -23.08 -0.32
CA ALA C 179 -0.14 -24.06 -0.16
C ALA C 179 -0.48 -25.41 -0.77
N GLU C 180 0.54 -26.07 -1.31
CA GLU C 180 0.43 -27.42 -1.84
C GLU C 180 1.43 -28.27 -1.06
N LEU C 181 1.04 -28.69 0.13
CA LEU C 181 1.93 -29.45 1.00
C LEU C 181 2.37 -30.81 0.43
N SER C 182 1.51 -31.45 -0.36
CA SER C 182 1.84 -32.76 -0.91
C SER C 182 2.80 -32.70 -2.10
N PHE C 183 3.09 -31.51 -2.59
CA PHE C 183 3.96 -31.33 -3.74
C PHE C 183 5.43 -31.52 -3.39
N THR C 184 6.07 -32.45 -4.08
CA THR C 184 7.49 -32.71 -3.88
C THR C 184 8.21 -32.38 -5.18
N PRO C 185 9.01 -31.33 -5.16
CA PRO C 185 9.74 -30.92 -6.36
C PRO C 185 10.60 -32.07 -6.86
N ARG C 186 10.52 -32.39 -8.15
CA ARG C 186 11.24 -33.56 -8.64
C ARG C 186 12.74 -33.37 -8.55
N THR C 187 13.42 -34.48 -8.29
CA THR C 187 14.86 -34.45 -8.04
C THR C 187 15.67 -35.23 -9.05
N ASP C 188 15.16 -35.34 -10.28
CA ASP C 188 15.85 -36.11 -11.32
C ASP C 188 16.28 -35.22 -12.48
N THR C 189 16.66 -33.99 -12.14
CA THR C 189 17.11 -33.03 -13.13
C THR C 189 18.39 -33.50 -13.78
N VAL C 190 18.48 -33.34 -15.10
CA VAL C 190 19.67 -33.66 -15.89
C VAL C 190 19.84 -32.57 -16.96
N ASN C 191 21.01 -31.95 -17.03
CA ASN C 191 21.25 -30.85 -17.96
C ASN C 191 20.21 -29.75 -17.82
N GLY C 192 19.81 -29.47 -16.58
CA GLY C 192 18.89 -28.38 -16.32
C GLY C 192 17.41 -28.60 -16.64
N THR C 193 17.01 -29.85 -16.83
CA THR C 193 15.62 -30.12 -17.14
C THR C 193 15.14 -31.52 -16.72
N ALA C 194 13.84 -31.62 -16.44
CA ALA C 194 13.18 -32.90 -16.15
C ALA C 194 11.70 -32.67 -16.41
N PRO C 195 10.97 -33.69 -16.89
CA PRO C 195 11.52 -35.03 -17.16
C PRO C 195 12.36 -35.12 -18.43
N ALA C 196 12.83 -36.33 -18.76
CA ALA C 196 13.73 -36.52 -19.89
C ALA C 196 13.20 -36.09 -21.27
N ASN C 197 11.93 -36.30 -21.55
CA ASN C 197 11.39 -35.94 -22.85
C ASN C 197 11.04 -34.46 -22.98
N THR C 198 12.00 -33.59 -22.68
CA THR C 198 11.78 -32.16 -22.79
C THR C 198 12.90 -31.48 -23.57
N VAL C 199 12.62 -30.26 -24.03
CA VAL C 199 13.58 -29.50 -24.81
C VAL C 199 14.03 -28.27 -24.02
N TRP C 200 15.31 -28.23 -23.68
CA TRP C 200 15.83 -27.11 -22.89
C TRP C 200 17.23 -26.73 -23.37
N HIS C 201 17.30 -25.60 -24.09
CA HIS C 201 18.54 -25.11 -24.67
C HIS C 201 19.09 -26.00 -25.77
N THR C 202 18.28 -26.93 -26.25
CA THR C 202 18.74 -27.87 -27.29
C THR C 202 17.79 -27.92 -28.48
N GLY C 203 16.84 -27.01 -28.54
CA GLY C 203 15.87 -27.01 -29.61
C GLY C 203 14.78 -25.97 -29.39
N ALA C 204 13.86 -25.86 -30.34
CA ALA C 204 12.80 -24.85 -30.25
C ALA C 204 11.81 -25.07 -29.11
N ASN C 205 11.40 -23.99 -28.48
CA ASN C 205 10.36 -24.04 -27.45
C ASN C 205 9.13 -23.33 -27.98
N ALA C 206 7.98 -23.98 -27.89
CA ALA C 206 6.75 -23.35 -28.33
C ALA C 206 5.98 -22.86 -27.12
N LEU C 207 5.24 -21.77 -27.27
CA LEU C 207 4.38 -21.32 -26.19
C LEU C 207 3.34 -22.41 -26.02
N ALA C 208 2.83 -22.61 -24.80
CA ALA C 208 1.84 -23.65 -24.58
C ALA C 208 0.58 -23.39 -25.39
N SER C 209 0.13 -24.39 -26.13
CA SER C 209 -1.07 -24.22 -26.93
C SER C 209 -2.33 -24.36 -26.07
N THR C 210 -2.18 -24.89 -24.86
CA THR C 210 -3.31 -25.09 -23.96
C THR C 210 -3.30 -24.10 -22.80
N ALA C 211 -4.38 -23.36 -22.63
CA ALA C 211 -4.45 -22.41 -21.53
C ALA C 211 -4.37 -23.14 -20.20
N GLY C 212 -3.68 -22.55 -19.24
CA GLY C 212 -3.55 -23.14 -17.92
C GLY C 212 -2.32 -24.02 -17.72
N ASP C 213 -1.61 -24.33 -18.81
CA ASP C 213 -0.41 -25.15 -18.72
C ASP C 213 0.85 -24.30 -18.59
N PRO C 214 1.77 -24.71 -17.72
CA PRO C 214 3.03 -23.97 -17.60
C PRO C 214 3.87 -24.26 -18.84
N TYR C 215 4.80 -23.37 -19.14
CA TYR C 215 5.71 -23.61 -20.26
C TYR C 215 6.96 -22.78 -20.04
N PHE C 216 8.03 -23.16 -20.73
CA PHE C 216 9.31 -22.49 -20.55
C PHE C 216 9.92 -22.18 -21.89
N ILE C 217 10.60 -21.06 -21.99
CA ILE C 217 11.26 -20.68 -23.22
C ILE C 217 12.71 -20.34 -22.91
N ALA C 218 13.63 -21.10 -23.48
CA ALA C 218 15.04 -20.84 -23.30
C ALA C 218 15.44 -19.66 -24.19
N ASN C 219 16.40 -18.88 -23.72
CA ASN C 219 16.83 -17.65 -24.39
C ASN C 219 17.13 -17.84 -25.88
N GLY C 220 16.32 -17.22 -26.73
CA GLY C 220 16.53 -17.30 -28.16
C GLY C 220 15.94 -18.52 -28.86
N TRP C 221 15.27 -19.39 -28.13
CA TRP C 221 14.73 -20.63 -28.71
C TRP C 221 13.23 -20.62 -28.98
N GLY C 222 12.54 -19.54 -28.59
CA GLY C 222 11.11 -19.43 -28.86
C GLY C 222 10.86 -18.82 -30.24
N PRO C 223 9.59 -18.70 -30.63
CA PRO C 223 9.27 -18.13 -31.94
C PRO C 223 9.56 -16.64 -31.94
N LYS C 224 9.94 -16.11 -33.10
CA LYS C 224 10.28 -14.71 -33.22
C LYS C 224 9.64 -14.08 -34.45
N TYR C 225 9.51 -12.77 -34.44
CA TYR C 225 8.96 -12.04 -35.58
C TYR C 225 9.83 -10.83 -35.87
N LEU C 226 10.09 -10.58 -37.15
CA LEU C 226 10.87 -9.41 -37.55
C LEU C 226 9.97 -8.30 -38.06
N ASN C 227 10.06 -7.13 -37.45
CA ASN C 227 9.34 -5.96 -37.92
C ASN C 227 10.34 -5.01 -38.56
N SER C 228 10.09 -4.59 -39.80
CA SER C 228 11.03 -3.73 -40.50
C SER C 228 10.47 -2.33 -40.81
N GLN C 229 9.42 -1.94 -40.09
CA GLN C 229 8.76 -0.65 -40.35
C GLN C 229 9.51 0.58 -39.80
N TYR C 230 10.19 0.41 -38.67
CA TYR C 230 10.88 1.53 -38.03
C TYR C 230 12.28 1.06 -37.65
N GLY C 231 13.06 0.69 -38.65
CA GLY C 231 14.34 0.05 -38.39
C GLY C 231 13.97 -1.41 -38.18
N TYR C 232 14.87 -2.22 -37.66
CA TYR C 232 14.55 -3.62 -37.40
C TYR C 232 14.25 -3.85 -35.94
N GLN C 233 13.17 -4.55 -35.67
CA GLN C 233 12.86 -4.97 -34.31
C GLN C 233 12.43 -6.42 -34.34
N ILE C 234 12.90 -7.19 -33.38
CA ILE C 234 12.57 -8.60 -33.32
C ILE C 234 11.78 -8.86 -32.04
N VAL C 235 10.54 -9.30 -32.20
CA VAL C 235 9.69 -9.60 -31.06
C VAL C 235 9.75 -11.08 -30.79
N ALA C 236 10.00 -11.44 -29.54
CA ALA C 236 9.99 -12.85 -29.13
C ALA C 236 8.87 -13.00 -28.11
N PRO C 237 7.69 -13.41 -28.56
CA PRO C 237 6.54 -13.53 -27.65
C PRO C 237 6.74 -14.53 -26.52
N PHE C 238 6.32 -14.13 -25.32
CA PHE C 238 6.34 -15.02 -24.16
C PHE C 238 4.90 -15.36 -23.78
N VAL C 239 4.03 -14.35 -23.79
CA VAL C 239 2.62 -14.56 -23.50
C VAL C 239 1.76 -13.85 -24.56
N THR C 240 0.81 -14.57 -25.12
CA THR C 240 -0.14 -14.01 -26.08
C THR C 240 -1.57 -14.22 -25.57
N ALA C 241 -2.55 -13.78 -26.34
CA ALA C 241 -3.96 -13.94 -25.95
C ALA C 241 -4.25 -15.41 -25.66
N THR C 242 -3.67 -16.28 -26.48
CA THR C 242 -3.88 -17.71 -26.32
C THR C 242 -3.68 -18.16 -24.89
N GLN C 243 -2.61 -17.66 -24.26
CA GLN C 243 -2.27 -18.05 -22.90
C GLN C 243 -2.88 -17.15 -21.84
N ALA C 244 -2.87 -15.84 -22.09
CA ALA C 244 -3.39 -14.88 -21.12
C ALA C 244 -4.89 -15.00 -20.87
N GLN C 245 -5.65 -15.20 -21.94
CA GLN C 245 -7.09 -15.25 -21.87
C GLN C 245 -7.59 -13.97 -21.19
N ASP C 246 -8.48 -14.15 -20.22
CA ASP C 246 -9.08 -13.00 -19.52
C ASP C 246 -8.11 -12.16 -18.69
N THR C 247 -6.89 -12.65 -18.44
CA THR C 247 -5.92 -11.80 -17.72
C THR C 247 -5.48 -10.65 -18.62
N ASN C 248 -5.71 -10.81 -19.93
CA ASN C 248 -5.69 -9.67 -20.84
C ASN C 248 -4.39 -8.88 -20.83
N TYR C 249 -3.31 -9.50 -21.31
CA TYR C 249 -2.01 -8.84 -21.39
C TYR C 249 -1.10 -9.60 -22.33
N THR C 250 -0.01 -8.97 -22.73
CA THR C 250 1.03 -9.63 -23.52
C THR C 250 2.38 -9.44 -22.86
N LEU C 251 3.29 -10.37 -23.13
CA LEU C 251 4.65 -10.30 -22.59
C LEU C 251 5.59 -10.84 -23.65
N SER C 252 6.73 -10.18 -23.84
CA SER C 252 7.69 -10.62 -24.85
C SER C 252 9.02 -9.91 -24.63
N THR C 253 10.04 -10.25 -25.41
CA THR C 253 11.20 -9.37 -25.46
C THR C 253 11.15 -8.72 -26.83
N ILE C 254 11.66 -7.50 -26.89
CA ILE C 254 11.77 -6.79 -28.13
C ILE C 254 13.25 -6.42 -28.29
N SER C 255 13.84 -6.87 -29.40
CA SER C 255 15.23 -6.54 -29.72
C SER C 255 15.18 -5.45 -30.76
N MET C 256 16.13 -4.53 -30.72
CA MET C 256 16.08 -3.37 -31.63
C MET C 256 17.41 -3.02 -32.28
N SER C 257 17.36 -2.62 -33.55
CA SER C 257 18.51 -2.04 -34.22
C SER C 257 18.45 -0.54 -33.95
N THR C 258 19.40 0.22 -34.47
CA THR C 258 19.25 1.67 -34.45
C THR C 258 18.18 2.05 -35.45
N THR C 259 17.69 3.28 -35.35
CA THR C 259 16.72 3.77 -36.32
C THR C 259 17.49 4.57 -37.36
N PRO C 260 17.42 4.18 -38.63
CA PRO C 260 18.10 4.95 -39.68
C PRO C 260 17.62 6.40 -39.68
N SER C 261 18.51 7.31 -40.09
CA SER C 261 18.22 8.73 -40.11
C SER C 261 17.05 9.08 -41.05
N THR C 262 16.80 8.21 -42.03
CA THR C 262 15.73 8.43 -43.01
C THR C 262 14.38 7.95 -42.50
N VAL C 263 14.38 7.30 -41.35
CA VAL C 263 13.17 6.76 -40.76
C VAL C 263 12.73 7.58 -39.56
N THR C 264 11.46 7.94 -39.53
CA THR C 264 10.94 8.70 -38.40
C THR C 264 10.64 7.77 -37.23
N VAL C 265 11.18 8.08 -36.05
CA VAL C 265 10.88 7.29 -34.87
C VAL C 265 9.38 7.51 -34.61
N PRO C 266 8.64 6.42 -34.57
CA PRO C 266 7.18 6.48 -34.44
C PRO C 266 6.72 6.90 -33.05
N THR C 267 5.53 7.48 -32.98
CA THR C 267 4.94 7.86 -31.72
C THR C 267 3.84 6.86 -31.43
N TRP C 268 3.87 6.29 -30.24
CA TRP C 268 2.91 5.27 -29.88
C TRP C 268 1.98 5.71 -28.76
N SER C 269 0.77 5.13 -28.78
CA SER C 269 -0.22 5.33 -27.75
C SER C 269 -1.13 4.10 -27.76
N PHE C 270 -1.34 3.52 -26.58
CA PHE C 270 -2.18 2.35 -26.45
C PHE C 270 -3.07 2.52 -25.23
N PRO C 271 -4.24 1.91 -25.27
CA PRO C 271 -5.22 2.04 -24.18
C PRO C 271 -4.69 1.54 -22.85
N GLY C 272 -3.93 0.45 -22.86
CA GLY C 272 -3.44 -0.14 -21.62
C GLY C 272 -2.04 0.31 -21.25
N ALA C 273 -1.77 0.33 -19.94
CA ALA C 273 -0.43 0.63 -19.48
C ALA C 273 0.55 -0.39 -20.01
N CYS C 274 1.80 0.02 -20.19
CA CYS C 274 2.83 -0.91 -20.61
C CYS C 274 4.14 -0.50 -19.93
N ALA C 275 5.11 -1.40 -19.96
CA ALA C 275 6.39 -1.12 -19.34
C ALA C 275 7.47 -2.01 -19.93
N PHE C 276 8.71 -1.60 -19.75
CA PHE C 276 9.78 -2.48 -20.18
C PHE C 276 10.99 -2.32 -19.30
N GLN C 277 11.77 -3.40 -19.21
CA GLN C 277 13.03 -3.39 -18.48
C GLN C 277 14.11 -3.73 -19.49
N VAL C 278 15.11 -2.86 -19.61
CA VAL C 278 16.20 -3.14 -20.56
C VAL C 278 17.01 -4.33 -20.05
N GLN C 279 17.33 -5.26 -20.95
CA GLN C 279 18.18 -6.39 -20.60
C GLN C 279 19.59 -6.14 -21.14
N GLU C 280 19.66 -5.73 -22.41
CA GLU C 280 20.93 -5.43 -23.06
C GLU C 280 20.81 -4.12 -23.85
N GLY C 281 21.88 -3.35 -23.90
CA GLY C 281 21.87 -2.15 -24.71
C GLY C 281 21.54 -0.86 -24.01
N ARG C 282 21.14 0.11 -24.84
CA ARG C 282 20.92 1.49 -24.41
C ARG C 282 19.72 2.00 -25.20
N VAL C 283 18.63 2.24 -24.49
CA VAL C 283 17.36 2.59 -25.10
C VAL C 283 16.85 3.94 -24.58
N VAL C 284 16.56 4.85 -25.51
CA VAL C 284 16.08 6.17 -25.14
C VAL C 284 14.57 6.14 -25.19
N VAL C 285 13.95 6.66 -24.14
CA VAL C 285 12.51 6.68 -24.05
C VAL C 285 12.05 8.11 -23.84
N GLN C 286 10.99 8.50 -24.54
CA GLN C 286 10.42 9.84 -24.38
C GLN C 286 8.94 9.63 -24.13
N ILE C 287 8.50 9.93 -22.91
CA ILE C 287 7.12 9.67 -22.54
C ILE C 287 6.39 10.97 -22.19
N GLY C 288 5.23 11.19 -22.79
CA GLY C 288 4.46 12.41 -22.53
C GLY C 288 5.28 13.66 -22.78
N ASP C 289 5.21 14.61 -21.83
CA ASP C 289 5.94 15.86 -21.95
C ASP C 289 7.24 15.87 -21.14
N TYR C 290 7.73 14.68 -20.80
CA TYR C 290 8.97 14.57 -20.05
C TYR C 290 10.17 14.59 -20.99
N ALA C 291 11.34 14.93 -20.46
CA ALA C 291 12.57 14.92 -21.24
C ALA C 291 12.96 13.48 -21.58
N ALA C 292 13.52 13.28 -22.77
CA ALA C 292 13.97 11.96 -23.20
C ALA C 292 15.02 11.48 -22.21
N THR C 293 15.04 10.18 -21.95
CA THR C 293 16.00 9.62 -21.00
C THR C 293 16.52 8.31 -21.56
N GLU C 294 17.81 8.07 -21.36
CA GLU C 294 18.44 6.86 -21.85
C GLU C 294 18.52 5.83 -20.73
N LEU C 295 18.07 4.62 -21.00
CA LEU C 295 18.04 3.55 -20.04
C LEU C 295 19.13 2.52 -20.35
N GLY C 296 19.67 1.95 -19.29
CA GLY C 296 20.67 0.90 -19.41
C GLY C 296 20.17 -0.37 -18.72
N SER C 297 21.11 -1.30 -18.51
CA SER C 297 20.84 -2.62 -17.92
C SER C 297 19.90 -2.60 -16.73
N GLY C 298 18.76 -3.28 -16.81
CA GLY C 298 17.86 -3.41 -15.67
C GLY C 298 16.99 -2.21 -15.36
N ASP C 299 17.19 -1.09 -16.05
CA ASP C 299 16.35 0.08 -15.85
C ASP C 299 14.97 -0.19 -16.41
N VAL C 300 13.96 0.36 -15.73
CA VAL C 300 12.57 0.12 -16.09
C VAL C 300 11.86 1.39 -16.47
N ALA C 301 11.11 1.33 -17.57
CA ALA C 301 10.30 2.50 -17.97
C ALA C 301 8.83 2.13 -17.88
N PHE C 302 8.03 3.02 -17.34
CA PHE C 302 6.59 2.77 -17.23
C PHE C 302 5.75 3.81 -17.96
N ILE C 303 4.86 3.34 -18.84
CA ILE C 303 4.01 4.23 -19.63
C ILE C 303 2.54 3.97 -19.33
N PRO C 304 1.84 4.96 -18.79
CA PRO C 304 0.40 4.81 -18.53
C PRO C 304 -0.36 4.65 -19.82
N GLY C 305 -1.46 3.91 -19.79
CA GLY C 305 -2.30 3.78 -20.97
C GLY C 305 -2.79 5.14 -21.42
N GLY C 306 -2.78 5.36 -22.73
CA GLY C 306 -3.28 6.59 -23.30
C GLY C 306 -2.23 7.68 -23.40
N VAL C 307 -1.04 7.42 -22.87
CA VAL C 307 0.02 8.41 -22.93
C VAL C 307 0.92 8.13 -24.14
N GLU C 308 1.23 9.16 -24.89
CA GLU C 308 2.08 9.01 -26.08
C GLU C 308 3.54 8.82 -25.68
N PHE C 309 4.22 7.92 -26.39
CA PHE C 309 5.63 7.68 -26.12
C PHE C 309 6.41 7.32 -27.39
N LYS C 310 7.71 7.55 -27.34
CA LYS C 310 8.64 7.22 -28.41
C LYS C 310 9.80 6.52 -27.75
N TYR C 311 10.39 5.55 -28.44
CA TYR C 311 11.60 4.91 -27.94
C TYR C 311 12.44 4.57 -29.15
N TYR C 312 13.75 4.50 -28.93
CA TYR C 312 14.67 4.05 -29.97
C TYR C 312 15.93 3.57 -29.30
N SER C 313 16.70 2.77 -30.01
CA SER C 313 17.92 2.27 -29.43
C SER C 313 19.11 3.10 -29.86
N GLU C 314 19.90 3.53 -28.88
CA GLU C 314 21.13 4.24 -29.17
C GLU C 314 22.22 3.18 -29.41
N ALA C 315 22.11 2.04 -28.73
CA ALA C 315 23.05 0.94 -28.96
C ALA C 315 22.76 0.33 -30.32
N TYR C 316 23.78 -0.29 -30.92
CA TYR C 316 23.60 -0.94 -32.22
C TYR C 316 22.63 -2.14 -32.10
N PHE C 317 22.55 -2.71 -30.90
CA PHE C 317 21.59 -3.79 -30.61
C PHE C 317 21.14 -3.64 -29.16
N SER C 318 19.85 -3.62 -28.94
CA SER C 318 19.32 -3.58 -27.57
C SER C 318 18.25 -4.63 -27.46
N LYS C 319 17.99 -5.12 -26.24
CA LYS C 319 16.93 -6.08 -25.99
C LYS C 319 16.23 -5.69 -24.71
N VAL C 320 14.91 -5.67 -24.74
CA VAL C 320 14.13 -5.32 -23.54
C VAL C 320 13.09 -6.38 -23.25
N LEU C 321 12.70 -6.49 -21.98
CA LEU C 321 11.58 -7.34 -21.56
C LEU C 321 10.36 -6.42 -21.53
N PHE C 322 9.32 -6.78 -22.26
CA PHE C 322 8.18 -5.90 -22.42
C PHE C 322 6.84 -6.51 -21.96
N VAL C 323 6.08 -5.75 -21.18
CA VAL C 323 4.73 -6.19 -20.75
C VAL C 323 3.71 -5.11 -21.07
N SER C 324 2.53 -5.53 -21.50
CA SER C 324 1.47 -4.59 -21.85
C SER C 324 0.12 -5.11 -21.40
N SER C 325 -0.68 -4.23 -20.80
CA SER C 325 -2.05 -4.57 -20.45
C SER C 325 -2.90 -4.40 -21.70
N GLY C 326 -3.75 -5.38 -22.00
CA GLY C 326 -4.54 -5.35 -23.21
C GLY C 326 -4.08 -6.42 -24.20
N SER C 327 -4.84 -6.62 -25.27
CA SER C 327 -4.50 -7.66 -26.24
C SER C 327 -3.68 -7.13 -27.40
N ASP C 328 -3.67 -5.82 -27.59
CA ASP C 328 -2.99 -5.26 -28.76
C ASP C 328 -2.02 -4.13 -28.47
N GLY C 329 -1.11 -4.37 -27.53
CA GLY C 329 -0.11 -3.38 -27.20
C GLY C 329 1.03 -3.37 -28.21
N LEU C 330 2.13 -2.73 -27.84
CA LEU C 330 3.26 -2.54 -28.74
C LEU C 330 3.79 -3.84 -29.35
N ASP C 331 4.05 -4.83 -28.51
CA ASP C 331 4.63 -6.06 -29.04
C ASP C 331 3.72 -6.73 -30.07
N GLN C 332 2.43 -6.82 -29.76
CA GLN C 332 1.48 -7.43 -30.69
C GLN C 332 1.41 -6.61 -31.99
N ASN C 333 1.46 -5.29 -31.85
CA ASN C 333 1.42 -4.43 -33.00
C ASN C 333 2.60 -4.69 -33.94
N LEU C 334 3.80 -4.75 -33.37
CA LEU C 334 5.00 -5.01 -34.16
C LEU C 334 4.93 -6.37 -34.84
N VAL C 335 4.44 -7.37 -34.12
CA VAL C 335 4.26 -8.70 -34.69
C VAL C 335 3.30 -8.67 -35.87
N ASN C 336 2.14 -8.04 -35.67
CA ASN C 336 1.13 -7.97 -36.73
C ASN C 336 1.65 -7.23 -37.95
N GLY C 337 2.56 -6.30 -37.73
CA GLY C 337 3.12 -5.55 -38.84
C GLY C 337 4.41 -6.17 -39.37
N GLY C 338 4.75 -7.35 -38.86
CA GLY C 338 5.99 -7.99 -39.23
C GLY C 338 5.83 -9.34 -39.90
N GLU C 339 6.87 -10.16 -39.83
CA GLU C 339 6.87 -11.47 -40.48
C GLU C 339 7.58 -12.50 -39.59
N GLU C 340 7.25 -13.76 -39.77
CA GLU C 340 7.94 -14.80 -39.01
C GLU C 340 9.43 -14.70 -39.31
N TRP C 341 10.25 -14.92 -38.28
CA TRP C 341 11.69 -14.75 -38.39
C TRP C 341 12.40 -15.85 -37.59
N SER C 342 13.50 -16.39 -38.11
CA SER C 342 14.18 -17.48 -37.42
C SER C 342 15.53 -17.14 -36.79
N SER C 343 15.85 -15.86 -36.65
CA SER C 343 17.13 -15.46 -36.06
C SER C 343 16.99 -14.43 -34.93
N VAL C 344 17.94 -14.44 -33.99
CA VAL C 344 17.97 -13.43 -32.92
C VAL C 344 18.64 -12.16 -33.42
N SER C 345 19.25 -12.24 -34.60
CA SER C 345 19.88 -11.09 -35.21
C SER C 345 19.03 -10.60 -36.37
N PHE C 346 19.11 -9.31 -36.69
CA PHE C 346 18.35 -8.77 -37.81
C PHE C 346 19.23 -8.76 -39.08
N PRO C 347 18.66 -8.48 -40.25
CA PRO C 347 19.46 -8.48 -41.48
C PRO C 347 20.62 -7.48 -41.44
N ALA C 348 21.67 -7.76 -42.19
CA ALA C 348 22.86 -6.92 -42.26
C ALA C 348 22.66 -5.69 -43.13
N ASP C 349 21.60 -5.70 -43.95
CA ASP C 349 21.30 -4.54 -44.79
C ASP C 349 19.91 -4.01 -44.47
N TRP C 350 19.73 -2.70 -44.60
CA TRP C 350 18.44 -2.07 -44.35
C TRP C 350 17.43 -2.44 -45.44
N SER D 4 -19.78 -0.20 47.04
CA SER D 4 -19.71 -0.11 45.55
C SER D 4 -19.97 1.29 45.01
N LEU D 5 -19.04 1.80 44.22
CA LEU D 5 -19.21 3.11 43.58
C LEU D 5 -20.43 3.11 42.66
N ILE D 6 -20.64 1.99 41.97
CA ILE D 6 -21.70 1.92 40.98
C ILE D 6 -23.04 1.61 41.64
N VAL D 7 -24.05 2.42 41.32
CA VAL D 7 -25.40 2.27 41.86
C VAL D 7 -26.39 2.16 40.71
N GLU D 8 -27.58 1.59 40.96
CA GLU D 8 -28.60 1.43 39.91
C GLU D 8 -29.67 2.54 39.97
N ASP D 9 -29.79 3.19 41.12
CA ASP D 9 -30.65 4.36 41.30
C ASP D 9 -29.80 5.34 42.08
N ALA D 10 -30.01 6.64 41.89
CA ALA D 10 -29.23 7.61 42.65
C ALA D 10 -29.52 7.45 44.13
N PRO D 11 -28.48 7.56 44.95
CA PRO D 11 -28.62 7.39 46.40
C PRO D 11 -29.52 8.44 47.04
N ASP D 12 -29.97 8.12 48.26
CA ASP D 12 -30.86 8.98 49.01
C ASP D 12 -30.13 9.98 49.91
N HIS D 13 -28.82 10.03 49.74
CA HIS D 13 -27.98 10.93 50.50
C HIS D 13 -26.76 11.22 49.65
N VAL D 14 -25.98 12.21 50.08
CA VAL D 14 -24.82 12.62 49.32
C VAL D 14 -23.63 11.69 49.52
N ARG D 15 -23.09 11.18 48.42
CA ARG D 15 -21.94 10.30 48.43
C ARG D 15 -21.37 10.17 47.01
N PRO D 16 -20.13 9.77 46.88
CA PRO D 16 -19.55 9.53 45.54
C PRO D 16 -20.29 8.38 44.87
N TYR D 17 -20.67 8.54 43.61
CA TYR D 17 -21.26 7.41 42.90
C TYR D 17 -21.13 7.52 41.41
N VAL D 18 -21.27 6.38 40.74
CA VAL D 18 -21.32 6.33 39.29
C VAL D 18 -22.61 5.60 38.98
N ILE D 19 -23.35 6.09 37.99
CA ILE D 19 -24.56 5.40 37.56
C ILE D 19 -24.49 5.23 36.05
N ARG D 20 -24.61 3.99 35.60
CA ARG D 20 -24.49 3.67 34.19
C ARG D 20 -25.66 4.15 33.36
N HIS D 21 -25.38 4.46 32.11
CA HIS D 21 -26.42 4.85 31.19
C HIS D 21 -27.56 3.82 31.19
N TYR D 22 -28.79 4.31 31.24
CA TYR D 22 -29.98 3.46 31.20
C TYR D 22 -30.18 2.59 32.44
N SER D 23 -29.49 2.91 33.53
CA SER D 23 -29.81 2.24 34.78
C SER D 23 -31.26 2.60 35.13
N HIS D 24 -31.87 1.86 36.05
CA HIS D 24 -33.24 2.12 36.44
C HIS D 24 -33.48 3.59 36.80
N ALA D 25 -32.65 4.11 37.71
CA ALA D 25 -32.67 5.53 38.04
C ALA D 25 -34.09 6.07 38.31
N ARG D 26 -34.85 5.34 39.13
CA ARG D 26 -36.21 5.75 39.52
C ARG D 26 -37.07 6.05 38.30
N ALA D 27 -36.96 5.21 37.29
CA ALA D 27 -37.63 5.44 36.01
C ALA D 27 -39.14 5.63 36.11
N VAL D 28 -39.64 6.62 35.40
CA VAL D 28 -41.09 6.76 35.20
C VAL D 28 -41.36 6.99 33.72
N THR D 29 -42.61 6.78 33.31
CA THR D 29 -43.00 7.17 31.98
C THR D 29 -44.04 8.28 32.08
N VAL D 30 -44.03 9.17 31.11
CA VAL D 30 -45.11 10.13 30.92
C VAL D 30 -45.49 9.94 29.47
N ASP D 31 -46.67 9.37 29.24
CA ASP D 31 -47.11 9.06 27.88
C ASP D 31 -46.02 8.18 27.25
N THR D 32 -45.49 8.57 26.09
CA THR D 32 -44.45 7.73 25.45
C THR D 32 -43.02 7.96 25.94
N GLN D 33 -42.84 8.96 26.81
CA GLN D 33 -41.50 9.37 27.28
C GLN D 33 -41.07 8.58 28.50
N LEU D 34 -39.80 8.20 28.57
CA LEU D 34 -39.26 7.51 29.74
C LEU D 34 -38.19 8.42 30.36
N TYR D 35 -38.37 8.72 31.65
CA TYR D 35 -37.47 9.61 32.37
C TYR D 35 -36.63 8.82 33.36
N ARG D 36 -35.35 9.18 33.45
CA ARG D 36 -34.41 8.59 34.41
C ARG D 36 -33.72 9.71 35.17
N PHE D 37 -33.55 9.53 36.47
CA PHE D 37 -33.01 10.57 37.31
C PHE D 37 -31.64 10.15 37.83
N TYR D 38 -30.60 10.50 37.07
CA TYR D 38 -29.25 10.09 37.42
C TYR D 38 -28.70 10.83 38.61
N VAL D 39 -29.03 12.12 38.73
CA VAL D 39 -28.65 12.92 39.90
C VAL D 39 -29.94 13.57 40.36
N THR D 40 -30.25 13.43 41.63
CA THR D 40 -31.49 13.97 42.17
C THR D 40 -31.22 14.99 43.26
N GLY D 41 -32.30 15.54 43.79
CA GLY D 41 -32.21 16.43 44.92
C GLY D 41 -31.52 15.74 46.08
N PRO D 42 -32.08 14.64 46.56
CA PRO D 42 -31.44 13.89 47.65
C PRO D 42 -29.99 13.47 47.36
N SER D 43 -29.69 13.03 46.14
CA SER D 43 -28.33 12.54 45.86
C SER D 43 -27.31 13.67 45.74
N SER D 44 -27.79 14.88 45.47
CA SER D 44 -26.85 16.00 45.31
C SER D 44 -26.93 17.05 46.42
N GLY D 45 -27.68 16.76 47.47
CA GLY D 45 -27.84 17.74 48.53
C GLY D 45 -28.54 18.98 47.99
N TYR D 46 -29.42 18.73 47.00
CA TYR D 46 -30.26 19.74 46.36
C TYR D 46 -29.52 20.74 45.49
N ALA D 47 -28.29 20.39 45.12
CA ALA D 47 -27.50 21.24 44.25
C ALA D 47 -28.07 21.28 42.83
N PHE D 48 -28.42 20.11 42.31
CA PHE D 48 -28.94 20.00 40.95
C PHE D 48 -29.54 18.64 40.65
N THR D 49 -30.28 18.59 39.54
CA THR D 49 -30.87 17.35 39.04
C THR D 49 -30.27 17.13 37.67
N LEU D 50 -29.93 15.88 37.37
CA LEU D 50 -29.48 15.54 36.03
C LEU D 50 -30.34 14.37 35.61
N MET D 51 -31.18 14.58 34.61
CA MET D 51 -32.11 13.53 34.22
C MET D 51 -31.96 13.24 32.73
N GLY D 52 -32.37 12.05 32.32
CA GLY D 52 -32.37 11.73 30.90
C GLY D 52 -33.78 11.38 30.49
N THR D 53 -34.20 11.90 29.35
CA THR D 53 -35.52 11.58 28.80
C THR D 53 -35.31 10.90 27.46
N ASN D 54 -35.78 9.66 27.32
CA ASN D 54 -35.71 8.96 26.03
C ASN D 54 -37.12 8.85 25.48
N ALA D 55 -37.30 9.09 24.19
CA ALA D 55 -38.64 9.15 23.64
C ALA D 55 -38.64 9.02 22.14
N PRO D 56 -39.74 8.50 21.59
CA PRO D 56 -39.94 8.41 20.13
C PRO D 56 -40.48 9.70 19.51
N HIS D 57 -40.56 9.73 18.18
CA HIS D 57 -41.18 10.85 17.48
C HIS D 57 -42.59 11.09 17.97
N SER D 58 -42.98 12.36 18.08
CA SER D 58 -44.34 12.69 18.45
C SER D 58 -44.78 13.82 17.55
N ASP D 59 -46.05 13.81 17.16
CA ASP D 59 -46.57 14.89 16.33
C ASP D 59 -47.09 16.02 17.19
N ALA D 60 -47.08 15.82 18.50
CA ALA D 60 -47.60 16.81 19.43
C ALA D 60 -46.51 17.31 20.38
N LEU D 61 -46.75 18.47 20.98
CA LEU D 61 -45.85 18.97 22.01
C LEU D 61 -45.66 17.94 23.09
N GLY D 62 -44.47 17.91 23.68
CA GLY D 62 -44.14 16.98 24.73
C GLY D 62 -44.67 17.41 26.07
N VAL D 63 -44.97 18.70 26.17
CA VAL D 63 -45.52 19.29 27.39
C VAL D 63 -46.23 20.59 27.01
N LEU D 64 -47.21 21.00 27.79
CA LEU D 64 -47.86 22.27 27.48
C LEU D 64 -46.90 23.40 27.89
N PRO D 65 -46.94 24.52 27.19
CA PRO D 65 -46.04 25.65 27.50
C PRO D 65 -46.19 26.04 28.96
N HIS D 66 -45.07 26.28 29.64
CA HIS D 66 -45.10 26.61 31.04
C HIS D 66 -43.86 27.39 31.45
N ILE D 67 -43.88 27.86 32.70
CA ILE D 67 -42.77 28.58 33.26
C ILE D 67 -42.38 27.92 34.58
N HIS D 68 -41.12 28.06 34.96
CA HIS D 68 -40.68 27.69 36.31
C HIS D 68 -40.13 28.96 36.90
N GLN D 69 -40.59 29.34 38.07
CA GLN D 69 -40.14 30.59 38.67
C GLN D 69 -38.85 30.46 39.48
N LYS D 70 -38.56 29.26 39.94
CA LYS D 70 -37.45 29.06 40.86
C LYS D 70 -36.44 28.06 40.33
N HIS D 71 -36.64 27.58 39.11
CA HIS D 71 -35.69 26.64 38.55
C HIS D 71 -35.17 27.15 37.22
N TYR D 72 -33.92 26.81 36.93
CA TYR D 72 -33.26 27.15 35.69
C TYR D 72 -33.02 25.82 34.98
N GLU D 73 -33.54 25.65 33.77
CA GLU D 73 -33.35 24.35 33.10
C GLU D 73 -32.39 24.47 31.95
N ASN D 74 -31.75 23.34 31.68
CA ASN D 74 -30.79 23.23 30.60
C ASN D 74 -31.11 21.97 29.80
N PHE D 75 -31.31 22.15 28.49
CA PHE D 75 -31.66 21.06 27.59
C PHE D 75 -30.44 20.71 26.78
N TYR D 76 -30.04 19.43 26.84
CA TYR D 76 -28.89 19.00 26.05
C TYR D 76 -29.29 17.77 25.26
N CYS D 77 -29.04 17.78 23.96
CA CYS D 77 -29.43 16.63 23.16
C CYS D 77 -28.31 15.59 23.08
N ASN D 78 -28.52 14.42 23.69
CA ASN D 78 -27.50 13.35 23.63
C ASN D 78 -27.52 12.68 22.27
N LYS D 79 -28.73 12.44 21.78
CA LYS D 79 -28.91 11.83 20.48
C LYS D 79 -30.32 12.12 19.99
N GLY D 80 -30.54 11.86 18.71
CA GLY D 80 -31.81 12.12 18.08
C GLY D 80 -32.00 13.62 17.91
N SER D 81 -33.23 14.09 18.11
CA SER D 81 -33.51 15.52 17.95
C SER D 81 -34.85 15.90 18.54
N PHE D 82 -34.93 17.14 19.00
CA PHE D 82 -36.18 17.65 19.53
C PHE D 82 -36.17 19.13 19.34
N GLN D 83 -37.36 19.69 19.16
CA GLN D 83 -37.48 21.14 19.03
C GLN D 83 -37.76 21.73 20.42
N LEU D 84 -37.19 22.91 20.65
CA LEU D 84 -37.36 23.60 21.91
C LEU D 84 -37.80 25.02 21.59
N TRP D 85 -38.83 25.49 22.30
CA TRP D 85 -39.30 26.87 22.14
C TRP D 85 -39.06 27.60 23.45
N ALA D 86 -38.67 28.87 23.38
CA ALA D 86 -38.45 29.63 24.60
C ALA D 86 -38.71 31.12 24.44
N GLN D 87 -39.22 31.75 25.49
CA GLN D 87 -39.46 33.20 25.42
C GLN D 87 -39.38 33.84 26.78
N SER D 88 -38.66 34.96 26.87
CA SER D 88 -38.58 35.74 28.09
C SER D 88 -39.43 36.98 27.87
N GLY D 89 -40.37 37.21 28.77
CA GLY D 89 -41.23 38.38 28.71
C GLY D 89 -41.85 38.61 27.35
N ASN D 90 -41.60 39.78 26.78
CA ASN D 90 -42.10 40.10 25.46
C ASN D 90 -41.02 40.11 24.41
N GLU D 91 -39.86 39.53 24.73
CA GLU D 91 -38.81 39.45 23.74
C GLU D 91 -39.26 38.49 22.65
N THR D 92 -38.64 38.58 21.49
CA THR D 92 -39.01 37.70 20.39
C THR D 92 -38.94 36.23 20.80
N GLN D 93 -39.97 35.48 20.44
CA GLN D 93 -39.97 34.06 20.76
C GLN D 93 -38.86 33.37 19.95
N GLN D 94 -38.10 32.50 20.60
CA GLN D 94 -37.01 31.77 19.94
C GLN D 94 -37.28 30.28 19.86
N THR D 95 -36.86 29.65 18.77
CA THR D 95 -36.99 28.19 18.71
C THR D 95 -35.88 27.59 17.87
N ARG D 96 -35.40 26.44 18.30
CA ARG D 96 -34.38 25.71 17.56
C ARG D 96 -34.73 24.25 17.58
N VAL D 97 -34.33 23.54 16.53
CA VAL D 97 -34.39 22.08 16.52
C VAL D 97 -32.99 21.62 16.91
N LEU D 98 -32.89 21.00 18.08
CA LEU D 98 -31.60 20.54 18.58
C LEU D 98 -31.31 19.12 18.13
N SER D 99 -30.12 18.92 17.58
CA SER D 99 -29.66 17.56 17.29
C SER D 99 -28.49 17.21 18.22
N SER D 100 -27.85 16.07 17.98
CA SER D 100 -26.83 15.59 18.90
C SER D 100 -25.77 16.64 19.28
N GLY D 101 -25.59 16.84 20.58
CA GLY D 101 -24.59 17.76 21.09
C GLY D 101 -25.06 19.20 21.23
N ASP D 102 -26.26 19.51 20.73
CA ASP D 102 -26.79 20.88 20.83
C ASP D 102 -27.30 21.20 22.23
N TYR D 103 -27.35 22.50 22.54
CA TYR D 103 -27.71 22.94 23.86
C TYR D 103 -28.69 24.11 23.87
N GLY D 104 -29.62 24.09 24.81
CA GLY D 104 -30.60 25.16 24.98
C GLY D 104 -30.68 25.56 26.43
N SER D 105 -30.60 26.86 26.68
CA SER D 105 -30.61 27.41 28.03
C SER D 105 -31.96 28.04 28.36
N VAL D 106 -32.55 27.65 29.49
CA VAL D 106 -33.86 28.18 29.87
C VAL D 106 -33.88 28.71 31.29
N PRO D 107 -33.53 29.99 31.45
CA PRO D 107 -33.53 30.61 32.78
C PRO D 107 -34.91 30.64 33.44
N ARG D 108 -34.93 31.01 34.71
CA ARG D 108 -36.18 31.15 35.43
C ARG D 108 -37.08 32.14 34.71
N ASN D 109 -38.40 31.91 34.80
CA ASN D 109 -39.38 32.80 34.22
C ASN D 109 -39.27 32.92 32.72
N VAL D 110 -38.95 31.80 32.07
CA VAL D 110 -38.87 31.79 30.62
C VAL D 110 -39.87 30.74 30.18
N THR D 111 -40.84 31.14 29.36
CA THR D 111 -41.83 30.19 28.86
C THR D 111 -41.16 29.20 27.91
N HIS D 112 -41.49 27.92 28.04
CA HIS D 112 -40.85 26.95 27.13
C HIS D 112 -41.74 25.72 26.93
N THR D 113 -41.40 24.98 25.89
CA THR D 113 -41.99 23.68 25.62
C THR D 113 -41.06 22.97 24.62
N PHE D 114 -41.26 21.69 24.39
CA PHE D 114 -40.40 20.93 23.48
C PHE D 114 -41.25 19.94 22.71
N GLN D 115 -40.71 19.41 21.61
CA GLN D 115 -41.39 18.37 20.86
C GLN D 115 -40.33 17.40 20.34
N ILE D 116 -40.48 16.11 20.65
CA ILE D 116 -39.52 15.10 20.22
C ILE D 116 -39.72 14.79 18.74
N GLN D 117 -38.62 14.86 17.96
CA GLN D 117 -38.69 14.70 16.50
C GLN D 117 -38.25 13.31 16.02
N ASP D 118 -37.09 12.84 16.50
CA ASP D 118 -36.54 11.58 15.99
C ASP D 118 -36.87 10.35 16.81
N PRO D 119 -36.89 9.18 16.17
CA PRO D 119 -37.21 7.93 16.89
C PRO D 119 -36.31 7.60 18.09
N ASP D 120 -35.01 7.85 17.99
CA ASP D 120 -34.10 7.52 19.09
C ASP D 120 -33.58 8.80 19.72
N THR D 121 -34.48 9.56 20.33
CA THR D 121 -34.12 10.83 20.92
C THR D 121 -33.86 10.70 22.39
N GLU D 122 -32.77 11.35 22.82
CA GLU D 122 -32.44 11.39 24.24
C GLU D 122 -32.12 12.84 24.59
N MET D 123 -32.81 13.34 25.61
CA MET D 123 -32.72 14.71 26.05
C MET D 123 -32.18 14.68 27.47
N THR D 124 -31.00 15.27 27.68
CA THR D 124 -30.46 15.36 29.03
C THR D 124 -30.85 16.70 29.62
N GLY D 125 -31.45 16.66 30.79
CA GLY D 125 -31.89 17.88 31.43
C GLY D 125 -31.11 18.12 32.69
N VAL D 126 -30.54 19.31 32.81
CA VAL D 126 -29.83 19.70 34.02
C VAL D 126 -30.64 20.84 34.61
N ILE D 127 -31.15 20.66 35.83
CA ILE D 127 -31.99 21.64 36.48
C ILE D 127 -31.38 22.06 37.80
N VAL D 128 -31.39 23.36 38.06
CA VAL D 128 -30.81 23.95 39.26
C VAL D 128 -31.87 24.85 39.87
N PRO D 129 -32.14 24.71 41.16
CA PRO D 129 -31.51 23.74 42.05
C PRO D 129 -32.14 22.35 41.90
N GLY D 130 -31.67 21.41 42.72
CA GLY D 130 -32.14 20.04 42.67
C GLY D 130 -33.48 19.82 43.37
N GLY D 131 -34.11 18.70 43.04
CA GLY D 131 -35.39 18.32 43.63
C GLY D 131 -36.61 18.51 42.74
N PHE D 132 -36.43 19.14 41.59
CA PHE D 132 -37.54 19.37 40.68
C PHE D 132 -38.20 18.07 40.19
N GLU D 133 -37.42 16.99 40.21
CA GLU D 133 -37.87 15.69 39.71
C GLU D 133 -39.12 15.18 40.41
N ASP D 134 -39.45 15.71 41.58
CA ASP D 134 -40.65 15.23 42.26
C ASP D 134 -41.86 15.39 41.36
N LEU D 135 -41.85 16.42 40.53
CA LEU D 135 -42.94 16.66 39.59
C LEU D 135 -43.12 15.46 38.65
N PHE D 136 -42.00 14.88 38.21
CA PHE D 136 -42.05 13.78 37.27
C PHE D 136 -42.46 12.50 37.99
N TYR D 137 -42.08 12.36 39.26
CA TYR D 137 -42.57 11.19 39.98
C TYR D 137 -44.08 11.32 40.04
N TYR D 138 -44.55 12.53 40.33
CA TYR D 138 -45.98 12.76 40.56
C TYR D 138 -46.83 12.48 39.31
N LEU D 139 -46.46 13.11 38.21
CA LEU D 139 -47.23 12.99 36.96
C LEU D 139 -46.89 11.70 36.22
N GLY D 140 -45.76 11.11 36.57
CA GLY D 140 -45.32 9.91 35.87
C GLY D 140 -45.90 8.63 36.43
N THR D 141 -45.73 7.57 35.67
CA THR D 141 -46.15 6.25 36.09
C THR D 141 -44.86 5.47 36.30
N ASN D 142 -44.73 4.78 37.43
CA ASN D 142 -43.53 4.02 37.70
C ASN D 142 -43.23 3.04 36.56
N ALA D 143 -41.93 2.82 36.29
CA ALA D 143 -41.54 1.85 35.26
C ALA D 143 -40.48 0.93 35.82
N THR D 144 -40.82 -0.35 35.88
CA THR D 144 -39.88 -1.37 36.30
C THR D 144 -38.79 -1.51 35.24
N ASP D 145 -39.21 -1.51 33.98
CA ASP D 145 -38.29 -1.64 32.83
C ASP D 145 -37.17 -2.65 33.09
N THR D 146 -37.56 -3.91 33.24
CA THR D 146 -36.64 -4.98 33.57
C THR D 146 -35.44 -5.09 32.65
N THR D 147 -35.67 -4.98 31.35
CA THR D 147 -34.59 -5.10 30.36
C THR D 147 -33.73 -3.83 30.19
N HIS D 148 -34.05 -2.77 30.90
CA HIS D 148 -33.35 -1.48 30.73
C HIS D 148 -33.47 -0.91 29.31
N THR D 149 -34.56 -1.19 28.60
CA THR D 149 -34.73 -0.61 27.27
C THR D 149 -34.83 0.92 27.40
N PRO D 150 -34.20 1.68 26.51
CA PRO D 150 -34.19 3.15 26.63
C PRO D 150 -35.59 3.74 26.81
N TYR D 151 -36.54 3.32 25.99
CA TYR D 151 -37.92 3.73 26.23
C TYR D 151 -38.87 2.59 25.87
N ILE D 152 -40.12 2.67 26.32
CA ILE D 152 -41.03 1.53 26.12
C ILE D 152 -41.54 1.58 24.69
N PRO D 153 -41.30 0.53 23.91
CA PRO D 153 -41.78 0.53 22.52
C PRO D 153 -43.29 0.67 22.41
N SER D 154 -43.77 1.49 21.49
CA SER D 154 -45.20 1.71 21.32
C SER D 154 -45.56 2.29 19.97
N SER D 155 -46.75 2.90 19.94
CA SER D 155 -47.28 3.57 18.77
C SER D 155 -47.46 5.04 19.12
N SER D 170 -53.09 25.16 34.95
CA SER D 170 -53.25 23.94 35.74
C SER D 170 -53.16 24.24 37.25
N THR D 171 -52.81 23.21 38.02
CA THR D 171 -52.75 23.33 39.48
C THR D 171 -51.46 22.74 40.04
N LEU D 172 -50.38 22.87 39.28
CA LEU D 172 -49.09 22.32 39.65
C LEU D 172 -48.15 23.38 40.19
N GLN D 173 -48.72 24.47 40.72
CA GLN D 173 -47.92 25.56 41.23
C GLN D 173 -47.00 25.09 42.36
N SER D 174 -47.44 24.10 43.10
CA SER D 174 -46.67 23.55 44.20
C SER D 174 -45.34 22.95 43.74
N PHE D 175 -45.32 22.50 42.49
CA PHE D 175 -44.14 21.90 41.91
C PHE D 175 -43.32 22.89 41.09
N ASP D 176 -43.65 24.19 41.24
CA ASP D 176 -43.01 25.27 40.49
C ASP D 176 -43.31 25.16 39.00
N VAL D 177 -44.56 24.86 38.67
CA VAL D 177 -44.98 24.80 37.27
C VAL D 177 -46.16 25.73 37.11
N TYR D 178 -46.00 26.72 36.24
CA TYR D 178 -47.04 27.69 35.98
C TYR D 178 -47.45 27.67 34.52
N ALA D 179 -48.71 27.39 34.25
CA ALA D 179 -49.19 27.29 32.87
C ALA D 179 -49.08 28.61 32.12
N GLU D 180 -48.84 28.51 30.82
CA GLU D 180 -48.80 29.69 29.95
C GLU D 180 -49.71 29.37 28.79
N LEU D 181 -51.01 29.41 29.06
CA LEU D 181 -52.04 29.01 28.09
C LEU D 181 -52.09 29.87 26.84
N SER D 182 -51.63 31.11 26.93
CA SER D 182 -51.67 31.99 25.76
C SER D 182 -50.46 31.81 24.82
N PHE D 183 -49.44 31.09 25.25
CA PHE D 183 -48.24 30.89 24.43
C PHE D 183 -48.52 30.05 23.19
N THR D 184 -48.15 30.55 22.03
CA THR D 184 -48.32 29.81 20.79
C THR D 184 -46.94 29.52 20.21
N PRO D 185 -46.48 28.28 20.27
CA PRO D 185 -45.17 27.94 19.69
C PRO D 185 -45.16 28.32 18.22
N ARG D 186 -44.16 29.08 17.77
CA ARG D 186 -44.13 29.50 16.38
C ARG D 186 -43.88 28.32 15.45
N THR D 187 -44.41 28.41 14.24
CA THR D 187 -44.29 27.33 13.26
C THR D 187 -43.74 27.84 11.94
N ASP D 188 -42.85 28.83 12.02
CA ASP D 188 -42.23 29.37 10.82
C ASP D 188 -40.77 28.98 10.77
N THR D 189 -40.47 27.82 11.34
CA THR D 189 -39.12 27.31 11.37
C THR D 189 -38.61 26.98 9.97
N VAL D 190 -37.37 27.37 9.69
CA VAL D 190 -36.69 27.03 8.44
C VAL D 190 -35.28 26.65 8.79
N ASN D 191 -34.82 25.48 8.34
CA ASN D 191 -33.46 25.04 8.64
C ASN D 191 -33.20 24.91 10.15
N GLY D 192 -34.24 24.50 10.87
CA GLY D 192 -34.13 24.24 12.30
C GLY D 192 -34.12 25.46 13.21
N THR D 193 -34.49 26.63 12.71
CA THR D 193 -34.52 27.80 13.59
C THR D 193 -35.53 28.88 13.19
N ALA D 194 -35.96 29.66 14.19
CA ALA D 194 -36.76 30.87 13.94
C ALA D 194 -36.56 31.73 15.18
N PRO D 195 -36.60 33.05 15.06
CA PRO D 195 -36.87 33.77 13.80
C PRO D 195 -35.72 33.71 12.77
N ALA D 196 -35.95 34.32 11.61
CA ALA D 196 -35.00 34.27 10.49
C ALA D 196 -33.59 34.78 10.80
N ASN D 197 -33.50 35.81 11.64
CA ASN D 197 -32.21 36.41 11.97
C ASN D 197 -31.54 35.78 13.18
N THR D 198 -31.37 34.47 13.13
CA THR D 198 -30.65 33.75 14.16
C THR D 198 -29.61 32.91 13.45
N VAL D 199 -28.69 32.37 14.23
CA VAL D 199 -27.62 31.57 13.69
C VAL D 199 -27.75 30.16 14.29
N TRP D 200 -27.90 29.14 13.44
CA TRP D 200 -28.07 27.80 13.98
C TRP D 200 -27.39 26.83 13.05
N HIS D 201 -26.24 26.34 13.51
CA HIS D 201 -25.40 25.41 12.76
C HIS D 201 -24.78 26.06 11.52
N THR D 202 -24.80 27.38 11.45
CA THR D 202 -24.24 28.09 10.29
C THR D 202 -23.20 29.12 10.68
N GLY D 203 -22.95 29.25 11.96
CA GLY D 203 -21.96 30.20 12.43
C GLY D 203 -21.88 30.15 13.93
N ALA D 204 -21.03 30.98 14.50
CA ALA D 204 -20.81 30.95 15.94
C ALA D 204 -21.99 31.46 16.76
N ASN D 205 -22.13 30.88 17.96
CA ASN D 205 -23.16 31.31 18.90
C ASN D 205 -22.48 31.86 20.11
N ALA D 206 -23.05 32.89 20.72
CA ALA D 206 -22.54 33.40 21.99
C ALA D 206 -23.55 33.09 23.10
N LEU D 207 -23.06 32.99 24.33
CA LEU D 207 -23.95 32.84 25.47
C LEU D 207 -24.61 34.21 25.67
N ALA D 208 -25.85 34.23 26.14
CA ALA D 208 -26.53 35.51 26.36
C ALA D 208 -25.79 36.34 27.39
N SER D 209 -25.59 37.62 27.08
CA SER D 209 -24.97 38.52 28.03
C SER D 209 -26.05 39.09 28.94
N THR D 210 -27.29 39.05 28.47
CA THR D 210 -28.42 39.52 29.25
C THR D 210 -28.96 38.40 30.11
N ALA D 211 -28.96 38.57 31.41
CA ALA D 211 -29.46 37.53 32.29
C ALA D 211 -30.98 37.39 32.15
N GLY D 212 -31.45 36.17 32.30
CA GLY D 212 -32.87 35.86 32.18
C GLY D 212 -33.31 35.55 30.76
N ASP D 213 -32.41 35.73 29.80
CA ASP D 213 -32.75 35.47 28.41
C ASP D 213 -32.39 34.04 28.05
N PRO D 214 -33.24 33.37 27.29
CA PRO D 214 -32.91 32.02 26.81
C PRO D 214 -31.86 32.17 25.71
N TYR D 215 -31.09 31.13 25.48
CA TYR D 215 -30.11 31.14 24.39
C TYR D 215 -29.78 29.72 24.03
N PHE D 216 -29.21 29.56 22.85
CA PHE D 216 -28.92 28.24 22.30
C PHE D 216 -27.53 28.19 21.70
N ILE D 217 -26.85 27.06 21.87
CA ILE D 217 -25.52 26.86 21.31
C ILE D 217 -25.50 25.54 20.56
N ALA D 218 -25.22 25.61 19.26
CA ALA D 218 -25.14 24.41 18.42
C ALA D 218 -23.80 23.75 18.67
N ASN D 219 -23.79 22.41 18.56
CA ASN D 219 -22.61 21.61 18.83
C ASN D 219 -21.33 22.14 18.15
N GLY D 220 -20.39 22.61 18.97
CA GLY D 220 -19.10 23.03 18.45
C GLY D 220 -19.03 24.48 18.03
N TRP D 221 -20.14 25.20 18.14
CA TRP D 221 -20.19 26.57 17.63
C TRP D 221 -20.10 27.66 18.69
N GLY D 222 -20.09 27.28 19.96
CA GLY D 222 -19.98 28.28 21.02
C GLY D 222 -18.53 28.60 21.30
N PRO D 223 -18.28 29.47 22.28
CA PRO D 223 -16.90 29.82 22.67
C PRO D 223 -16.20 28.64 23.32
N LYS D 224 -14.91 28.52 23.08
CA LYS D 224 -14.13 27.41 23.62
C LYS D 224 -12.82 27.92 24.21
N TYR D 225 -12.32 27.19 25.21
CA TYR D 225 -11.06 27.52 25.85
C TYR D 225 -10.19 26.28 25.93
N LEU D 226 -8.92 26.42 25.58
CA LEU D 226 -7.99 25.30 25.62
C LEU D 226 -7.15 25.37 26.89
N ASN D 227 -7.19 24.33 27.71
CA ASN D 227 -6.33 24.26 28.88
C ASN D 227 -5.23 23.25 28.58
N SER D 228 -3.98 23.63 28.81
CA SER D 228 -2.87 22.75 28.48
C SER D 228 -2.05 22.33 29.70
N GLN D 229 -2.62 22.51 30.88
CA GLN D 229 -1.88 22.23 32.12
C GLN D 229 -1.76 20.74 32.45
N TYR D 230 -2.73 19.95 31.99
CA TYR D 230 -2.75 18.54 32.33
C TYR D 230 -3.10 17.73 31.10
N GLY D 231 -2.28 17.86 30.07
CA GLY D 231 -2.63 17.31 28.78
C GLY D 231 -3.55 18.38 28.20
N TYR D 232 -4.30 18.06 27.16
CA TYR D 232 -5.17 19.04 26.55
C TYR D 232 -6.61 18.83 26.94
N GLN D 233 -7.28 19.92 27.30
CA GLN D 233 -8.70 19.87 27.59
C GLN D 233 -9.32 21.12 26.99
N ILE D 234 -10.48 20.96 26.36
CA ILE D 234 -11.18 22.08 25.76
C ILE D 234 -12.51 22.23 26.46
N VAL D 235 -12.70 23.39 27.08
CA VAL D 235 -13.95 23.66 27.76
C VAL D 235 -14.83 24.50 26.86
N ALA D 236 -16.08 24.08 26.72
CA ALA D 236 -17.05 24.86 25.96
C ALA D 236 -18.16 25.25 26.92
N PRO D 237 -18.08 26.45 27.45
CA PRO D 237 -19.08 26.88 28.43
C PRO D 237 -20.50 26.96 27.89
N PHE D 238 -21.47 26.60 28.73
CA PHE D 238 -22.88 26.69 28.38
C PHE D 238 -23.52 27.69 29.33
N VAL D 239 -23.13 27.61 30.60
CA VAL D 239 -23.61 28.55 31.62
C VAL D 239 -22.45 29.01 32.48
N THR D 240 -22.34 30.32 32.66
CA THR D 240 -21.36 30.92 33.56
C THR D 240 -22.10 31.78 34.58
N ALA D 241 -21.34 32.40 35.47
CA ALA D 241 -21.91 33.27 36.49
C ALA D 241 -22.77 34.36 35.86
N THR D 242 -22.36 34.84 34.69
CA THR D 242 -23.14 35.87 34.00
C THR D 242 -24.60 35.45 33.84
N GLN D 243 -24.83 34.20 33.46
CA GLN D 243 -26.18 33.71 33.22
C GLN D 243 -26.78 33.10 34.51
N ALA D 244 -25.96 32.42 35.27
CA ALA D 244 -26.44 31.72 36.48
C ALA D 244 -26.87 32.68 37.58
N GLN D 245 -26.13 33.76 37.74
CA GLN D 245 -26.38 34.71 38.81
C GLN D 245 -26.53 33.94 40.12
N ASP D 246 -27.59 34.23 40.87
CA ASP D 246 -27.76 33.63 42.19
C ASP D 246 -28.04 32.12 42.18
N THR D 247 -28.29 31.51 41.02
CA THR D 247 -28.46 30.05 41.03
C THR D 247 -27.11 29.39 41.22
N ASN D 248 -26.05 30.15 40.95
CA ASN D 248 -24.73 29.76 41.43
C ASN D 248 -24.28 28.39 40.96
N TYR D 249 -24.06 28.27 39.65
CA TYR D 249 -23.56 27.05 39.07
C TYR D 249 -22.93 27.33 37.72
N THR D 250 -22.23 26.33 37.18
CA THR D 250 -21.70 26.38 35.83
C THR D 250 -22.01 25.07 35.12
N LEU D 251 -22.03 25.14 33.80
CA LEU D 251 -22.34 24.01 32.95
C LEU D 251 -21.52 24.20 31.69
N SER D 252 -20.99 23.10 31.18
CA SER D 252 -20.16 23.15 29.97
C SER D 252 -19.92 21.73 29.47
N THR D 253 -19.27 21.61 28.32
CA THR D 253 -18.71 20.30 27.96
C THR D 253 -17.20 20.45 28.16
N ILE D 254 -16.55 19.35 28.51
CA ILE D 254 -15.10 19.32 28.60
C ILE D 254 -14.65 18.18 27.71
N SER D 255 -13.87 18.54 26.69
CA SER D 255 -13.29 17.54 25.79
C SER D 255 -11.87 17.29 26.30
N MET D 256 -11.41 16.04 26.19
CA MET D 256 -10.11 15.65 26.76
C MET D 256 -9.25 14.82 25.82
N SER D 257 -7.95 15.10 25.85
CA SER D 257 -6.98 14.26 25.20
C SER D 257 -6.55 13.26 26.29
N THR D 258 -5.68 12.33 25.96
CA THR D 258 -5.10 11.46 26.98
C THR D 258 -4.10 12.29 27.79
N THR D 259 -3.72 11.78 28.95
CA THR D 259 -2.72 12.43 29.79
C THR D 259 -1.34 11.84 29.49
N PRO D 260 -0.44 12.65 28.96
CA PRO D 260 0.92 12.18 28.66
C PRO D 260 1.56 11.59 29.92
N SER D 261 2.39 10.57 29.75
CA SER D 261 3.06 9.89 30.86
C SER D 261 3.90 10.83 31.70
N THR D 262 4.37 11.91 31.10
CA THR D 262 5.20 12.86 31.85
C THR D 262 4.35 13.76 32.75
N VAL D 263 3.04 13.71 32.57
CA VAL D 263 2.14 14.57 33.32
C VAL D 263 1.39 13.82 34.43
N THR D 264 1.43 14.37 35.64
CA THR D 264 0.68 13.79 36.75
C THR D 264 -0.80 14.17 36.65
N VAL D 265 -1.66 13.17 36.68
CA VAL D 265 -3.10 13.43 36.67
C VAL D 265 -3.44 14.16 37.97
N PRO D 266 -3.94 15.38 37.86
CA PRO D 266 -4.19 16.21 39.05
C PRO D 266 -5.35 15.73 39.90
N THR D 267 -5.25 16.02 41.20
CA THR D 267 -6.31 15.73 42.15
C THR D 267 -7.07 17.02 42.39
N TRP D 268 -8.39 16.96 42.26
CA TRP D 268 -9.23 18.13 42.42
C TRP D 268 -10.10 18.03 43.65
N SER D 269 -10.51 19.18 44.16
CA SER D 269 -11.46 19.26 45.26
C SER D 269 -12.11 20.64 45.14
N PHE D 270 -13.43 20.68 45.18
CA PHE D 270 -14.16 21.93 45.06
C PHE D 270 -15.24 21.98 46.14
N PRO D 271 -15.63 23.18 46.58
CA PRO D 271 -16.60 23.32 47.68
C PRO D 271 -17.97 22.77 47.31
N GLY D 272 -18.39 22.95 46.07
CA GLY D 272 -19.70 22.49 45.64
C GLY D 272 -19.69 21.18 44.89
N ALA D 273 -20.80 20.46 44.96
CA ALA D 273 -20.95 19.20 44.24
C ALA D 273 -20.78 19.43 42.75
N CYS D 274 -20.35 18.40 42.06
CA CYS D 274 -20.29 18.49 40.60
C CYS D 274 -20.53 17.11 40.02
N ALA D 275 -20.79 17.05 38.72
CA ALA D 275 -21.05 15.78 38.07
C ALA D 275 -20.77 15.88 36.59
N PHE D 276 -20.61 14.74 35.95
CA PHE D 276 -20.49 14.75 34.50
C PHE D 276 -21.10 13.53 33.87
N GLN D 277 -21.61 13.71 32.66
CA GLN D 277 -22.12 12.58 31.89
C GLN D 277 -21.25 12.47 30.67
N VAL D 278 -20.68 11.29 30.45
CA VAL D 278 -19.85 11.08 29.28
C VAL D 278 -20.72 11.13 28.02
N GLN D 279 -20.29 11.88 27.01
CA GLN D 279 -21.00 11.90 25.73
C GLN D 279 -20.28 11.04 24.70
N GLU D 280 -18.97 11.14 24.67
CA GLU D 280 -18.14 10.40 23.74
C GLU D 280 -16.88 9.97 24.45
N GLY D 281 -16.40 8.76 24.16
CA GLY D 281 -15.11 8.35 24.68
C GLY D 281 -15.18 7.50 25.91
N ARG D 282 -14.07 7.47 26.64
CA ARG D 282 -13.90 6.58 27.77
C ARG D 282 -13.11 7.35 28.82
N VAL D 283 -13.77 7.63 29.93
CA VAL D 283 -13.16 8.47 30.96
C VAL D 283 -13.07 7.73 32.27
N VAL D 284 -11.88 7.70 32.86
CA VAL D 284 -11.71 7.03 34.14
C VAL D 284 -11.83 8.07 35.25
N VAL D 285 -12.63 7.76 36.26
CA VAL D 285 -12.81 8.65 37.40
C VAL D 285 -12.46 7.91 38.70
N GLN D 286 -11.83 8.62 39.63
CA GLN D 286 -11.48 8.07 40.93
C GLN D 286 -11.91 9.09 41.96
N ILE D 287 -12.85 8.71 42.83
CA ILE D 287 -13.46 9.64 43.78
C ILE D 287 -13.30 9.12 45.20
N GLY D 288 -12.80 9.97 46.07
CA GLY D 288 -12.60 9.59 47.46
C GLY D 288 -11.79 8.32 47.59
N ASP D 289 -12.26 7.39 48.42
CA ASP D 289 -11.55 6.13 48.62
C ASP D 289 -12.14 4.98 47.81
N TYR D 290 -12.92 5.32 46.78
CA TYR D 290 -13.51 4.30 45.92
C TYR D 290 -12.55 3.92 44.80
N ALA D 291 -12.74 2.72 44.26
CA ALA D 291 -11.91 2.24 43.17
C ALA D 291 -12.16 3.02 41.90
N ALA D 292 -11.10 3.22 41.11
CA ALA D 292 -11.21 3.92 39.84
C ALA D 292 -12.13 3.12 38.93
N THR D 293 -12.95 3.84 38.19
CA THR D 293 -13.92 3.21 37.31
C THR D 293 -13.93 3.90 35.96
N GLU D 294 -14.03 3.11 34.90
CA GLU D 294 -14.07 3.67 33.54
C GLU D 294 -15.52 3.86 33.08
N LEU D 295 -15.82 5.07 32.61
CA LEU D 295 -17.16 5.41 32.16
C LEU D 295 -17.23 5.48 30.65
N GLY D 296 -18.37 5.05 30.12
CA GLY D 296 -18.62 5.06 28.70
C GLY D 296 -19.81 5.94 28.37
N SER D 297 -20.35 5.83 27.16
CA SER D 297 -21.37 6.81 26.78
C SER D 297 -22.63 6.83 27.65
N GLY D 298 -23.00 8.03 28.06
CA GLY D 298 -24.19 8.23 28.87
C GLY D 298 -24.00 7.93 30.36
N ASP D 299 -22.87 7.36 30.74
CA ASP D 299 -22.60 7.08 32.16
C ASP D 299 -22.36 8.38 32.93
N VAL D 300 -22.74 8.40 34.21
CA VAL D 300 -22.66 9.63 35.00
C VAL D 300 -21.83 9.41 36.26
N ALA D 301 -20.99 10.40 36.57
CA ALA D 301 -20.21 10.39 37.82
C ALA D 301 -20.68 11.57 38.63
N PHE D 302 -20.87 11.35 39.93
CA PHE D 302 -21.25 12.41 40.86
C PHE D 302 -20.20 12.52 41.99
N ILE D 303 -19.74 13.75 42.24
CA ILE D 303 -18.72 14.01 43.25
C ILE D 303 -19.21 15.07 44.21
N PRO D 304 -19.37 14.70 45.47
CA PRO D 304 -19.82 15.64 46.51
C PRO D 304 -18.81 16.76 46.69
N GLY D 305 -19.28 17.93 47.10
CA GLY D 305 -18.37 19.02 47.38
C GLY D 305 -17.36 18.61 48.45
N GLY D 306 -16.12 19.07 48.30
CA GLY D 306 -15.09 18.80 49.28
C GLY D 306 -14.46 17.40 49.20
N VAL D 307 -14.95 16.59 48.28
CA VAL D 307 -14.39 15.26 48.09
C VAL D 307 -13.38 15.28 46.95
N GLU D 308 -12.19 14.75 47.19
CA GLU D 308 -11.15 14.76 46.17
C GLU D 308 -11.45 13.79 45.02
N PHE D 309 -11.09 14.18 43.81
CA PHE D 309 -11.28 13.29 42.67
C PHE D 309 -10.21 13.48 41.59
N LYS D 310 -10.03 12.44 40.78
CA LYS D 310 -9.10 12.48 39.66
C LYS D 310 -9.83 11.88 38.48
N TYR D 311 -9.60 12.42 37.30
CA TYR D 311 -10.19 11.85 36.10
C TYR D 311 -9.20 12.04 34.96
N TYR D 312 -9.30 11.14 33.99
CA TYR D 312 -8.47 11.20 32.79
C TYR D 312 -9.15 10.41 31.70
N SER D 313 -8.75 10.67 30.46
CA SER D 313 -9.32 9.97 29.32
C SER D 313 -8.48 8.79 28.89
N GLU D 314 -9.10 7.64 28.80
CA GLU D 314 -8.45 6.47 28.27
C GLU D 314 -8.58 6.50 26.74
N ALA D 315 -9.70 7.03 26.26
CA ALA D 315 -9.86 7.20 24.82
C ALA D 315 -8.95 8.33 24.36
N TYR D 316 -8.57 8.33 23.09
CA TYR D 316 -7.70 9.38 22.59
C TYR D 316 -8.40 10.75 22.60
N PHE D 317 -9.74 10.73 22.56
CA PHE D 317 -10.57 11.94 22.67
C PHE D 317 -11.88 11.56 23.34
N SER D 318 -12.24 12.30 24.38
CA SER D 318 -13.50 12.11 25.08
C SER D 318 -14.15 13.45 25.26
N LYS D 319 -15.48 13.45 25.38
CA LYS D 319 -16.22 14.69 25.65
C LYS D 319 -17.28 14.40 26.70
N VAL D 320 -17.34 15.22 27.73
CA VAL D 320 -18.34 15.03 28.76
C VAL D 320 -19.15 16.30 28.95
N LEU D 321 -20.38 16.14 29.41
CA LEU D 321 -21.24 17.26 29.83
C LEU D 321 -21.00 17.40 31.31
N PHE D 322 -20.63 18.61 31.75
CA PHE D 322 -20.21 18.84 33.13
C PHE D 322 -21.03 19.92 33.82
N VAL D 323 -21.47 19.62 35.05
CA VAL D 323 -22.21 20.60 35.84
C VAL D 323 -21.54 20.73 37.20
N SER D 324 -21.48 21.97 37.71
CA SER D 324 -20.88 22.23 39.01
C SER D 324 -21.65 23.27 39.79
N SER D 325 -21.86 23.00 41.08
CA SER D 325 -22.48 23.95 41.99
C SER D 325 -21.41 24.90 42.50
N GLY D 326 -21.69 26.20 42.43
CA GLY D 326 -20.72 27.22 42.78
C GLY D 326 -20.26 27.97 41.54
N SER D 327 -19.47 29.01 41.72
CA SER D 327 -19.02 29.81 40.58
C SER D 327 -17.59 29.47 40.10
N ASP D 328 -16.87 28.66 40.86
CA ASP D 328 -15.49 28.34 40.52
C ASP D 328 -15.13 26.86 40.54
N GLY D 329 -15.98 26.02 39.96
CA GLY D 329 -15.72 24.60 39.89
C GLY D 329 -14.72 24.23 38.80
N LEU D 330 -14.64 22.94 38.48
CA LEU D 330 -13.66 22.44 37.53
C LEU D 330 -13.61 23.15 36.18
N ASP D 331 -14.76 23.34 35.54
CA ASP D 331 -14.75 23.93 34.21
C ASP D 331 -14.25 25.36 34.19
N GLN D 332 -14.69 26.16 35.17
CA GLN D 332 -14.27 27.54 35.25
C GLN D 332 -12.76 27.61 35.59
N ASN D 333 -12.30 26.64 36.37
CA ASN D 333 -10.90 26.57 36.72
C ASN D 333 -10.03 26.33 35.49
N LEU D 334 -10.46 25.39 34.67
CA LEU D 334 -9.73 25.06 33.44
C LEU D 334 -9.74 26.24 32.48
N VAL D 335 -10.87 26.94 32.40
CA VAL D 335 -10.96 28.13 31.54
C VAL D 335 -9.98 29.20 32.03
N ASN D 336 -10.03 29.48 33.33
CA ASN D 336 -9.16 30.48 33.92
C ASN D 336 -7.68 30.16 33.73
N GLY D 337 -7.35 28.87 33.68
CA GLY D 337 -5.98 28.46 33.48
C GLY D 337 -5.63 28.21 32.03
N GLY D 338 -6.57 28.51 31.14
CA GLY D 338 -6.38 28.27 29.72
C GLY D 338 -6.33 29.52 28.87
N GLU D 339 -6.77 29.39 27.62
CA GLU D 339 -6.74 30.49 26.67
C GLU D 339 -7.89 30.29 25.70
N GLU D 340 -8.35 31.37 25.07
CA GLU D 340 -9.42 31.26 24.07
C GLU D 340 -8.92 30.38 22.94
N TRP D 341 -9.78 29.53 22.41
CA TRP D 341 -9.37 28.55 21.41
C TRP D 341 -10.46 28.42 20.35
N SER D 342 -10.06 28.30 19.09
CA SER D 342 -11.01 28.34 17.98
C SER D 342 -11.44 26.99 17.42
N SER D 343 -11.06 25.91 18.07
CA SER D 343 -11.33 24.60 17.49
C SER D 343 -11.88 23.59 18.48
N VAL D 344 -12.63 22.61 17.96
CA VAL D 344 -13.11 21.52 18.80
C VAL D 344 -12.00 20.48 18.97
N SER D 345 -10.97 20.57 18.14
CA SER D 345 -9.81 19.68 18.26
C SER D 345 -8.67 20.39 18.98
N PHE D 346 -7.88 19.62 19.74
CA PHE D 346 -6.71 20.19 20.43
C PHE D 346 -5.49 20.11 19.50
N PRO D 347 -4.36 20.72 19.87
CA PRO D 347 -3.17 20.67 19.01
C PRO D 347 -2.66 19.26 18.77
N ALA D 348 -2.06 19.06 17.61
CA ALA D 348 -1.54 17.78 17.18
C ALA D 348 -0.22 17.41 17.89
N ASP D 349 0.42 18.40 18.50
CA ASP D 349 1.65 18.17 19.26
C ASP D 349 1.49 18.62 20.70
N TRP D 350 2.23 17.96 21.61
CA TRP D 350 2.18 18.30 23.02
C TRP D 350 2.93 19.61 23.29
C1 NAG E . 23.10 -32.82 -12.33
C2 NAG E . 23.37 -34.02 -11.40
C3 NAG E . 22.15 -34.42 -10.57
C4 NAG E . 21.54 -33.22 -9.86
C5 NAG E . 21.40 -32.08 -10.87
C6 NAG E . 20.82 -30.83 -10.22
C7 NAG E . 25.13 -35.49 -12.19
C8 NAG E . 25.50 -36.77 -12.86
N2 NAG E . 23.83 -35.16 -12.17
O3 NAG E . 22.50 -35.40 -9.61
O4 NAG E . 20.25 -33.58 -9.38
O5 NAG E . 22.64 -31.77 -11.50
O6 NAG E . 20.34 -30.02 -11.26
O7 NAG E . 26.00 -34.78 -11.68
C1 NAG E . 20.24 -33.82 -7.95
C2 NAG E . 18.91 -33.38 -7.34
C3 NAG E . 18.96 -33.56 -5.84
C4 NAG E . 19.25 -35.01 -5.49
C5 NAG E . 20.53 -35.42 -6.22
C6 NAG E . 20.85 -36.90 -5.97
C7 NAG E . 17.65 -31.61 -8.47
C8 NAG E . 17.28 -30.16 -8.46
N2 NAG E . 18.62 -31.99 -7.64
O3 NAG E . 17.73 -33.18 -5.25
O4 NAG E . 19.43 -35.04 -4.10
O5 NAG E . 20.44 -35.18 -7.62
O6 NAG E . 20.16 -37.71 -6.90
O7 NAG E . 17.07 -32.38 -9.23
C1 BMA E . 18.75 -36.13 -3.47
C2 BMA E . 19.38 -36.33 -2.10
C3 BMA E . 18.72 -37.47 -1.34
C4 BMA E . 17.20 -37.31 -1.34
C5 BMA E . 16.68 -37.00 -2.75
C6 BMA E . 15.18 -36.72 -2.76
O2 BMA E . 19.24 -35.14 -1.35
O3 BMA E . 19.20 -37.51 -0.02
O4 BMA E . 16.62 -38.51 -0.88
O5 BMA E . 17.37 -35.89 -3.30
O6 BMA E . 14.88 -35.53 -2.06
C1 NAG F . 23.35 -33.75 -21.22
C2 NAG F . 23.02 -35.09 -21.87
C3 NAG F . 24.26 -35.66 -22.55
C4 NAG F . 24.87 -34.61 -23.47
C5 NAG F . 25.08 -33.31 -22.71
C6 NAG F . 25.71 -32.27 -23.61
C7 NAG F . 21.20 -36.33 -20.88
C8 NAG F . 20.77 -37.49 -20.02
N2 NAG F . 22.48 -36.00 -20.87
O3 NAG F . 23.90 -36.80 -23.29
O4 NAG F . 26.15 -34.99 -23.92
O5 NAG F . 23.84 -32.86 -22.20
O6 NAG F . 26.16 -31.21 -22.79
O7 NAG F . 20.36 -35.73 -21.55
C1 NAG F . 26.12 -35.64 -25.20
C2 NAG F . 27.46 -35.49 -25.91
C3 NAG F . 27.42 -36.17 -27.27
C4 NAG F . 26.81 -37.57 -27.18
C5 NAG F . 25.55 -37.58 -26.34
C6 NAG F . 25.02 -39.01 -26.18
C7 NAG F . 28.79 -33.55 -25.34
C8 NAG F . 29.19 -32.12 -25.65
N2 NAG F . 27.85 -34.09 -26.09
O3 NAG F . 28.71 -36.27 -27.83
O4 NAG F . 26.47 -37.94 -28.49
O5 NAG F . 25.82 -37.02 -25.07
O6 NAG F . 25.88 -39.69 -25.29
O7 NAG F . 29.32 -34.14 -24.41
C1 BMA F . 27.02 -39.24 -28.71
C2 BMA F . 26.46 -39.75 -30.03
C3 BMA F . 27.06 -41.10 -30.40
C4 BMA F . 28.58 -41.08 -30.23
C5 BMA F . 29.01 -40.48 -28.89
C6 BMA F . 30.53 -40.32 -28.83
O2 BMA F . 26.74 -38.80 -31.04
O3 BMA F . 26.70 -41.44 -31.72
O4 BMA F . 29.05 -42.42 -30.34
O5 BMA F . 28.43 -39.21 -28.72
O6 BMA F . 30.97 -39.57 -29.95
C1 NAG G . -31.64 26.70 4.38
C2 NAG G . -31.64 28.10 3.75
C3 NAG G . -31.05 28.12 2.34
C4 NAG G . -29.75 27.32 2.23
C5 NAG G . -29.86 26.03 3.02
C6 NAG G . -28.52 25.29 3.00
C7 NAG G . -33.28 29.67 4.48
C8 NAG G . -34.60 30.36 4.23
N2 NAG G . -32.98 28.64 3.69
O3 NAG G . -30.83 29.48 1.95
O4 NAG G . -29.52 26.92 0.88
O5 NAG G . -30.30 26.24 4.36
O6 NAG G . -28.72 23.89 3.07
O7 NAG G . -32.52 30.05 5.37
C1 NAG G . -28.58 27.78 0.21
C2 NAG G . -27.86 26.97 -0.85
C3 NAG G . -26.89 27.84 -1.65
C4 NAG G . -27.64 29.03 -2.22
C5 NAG G . -28.41 29.75 -1.11
C6 NAG G . -29.24 30.90 -1.67
C7 NAG G . -27.47 24.61 -0.45
C8 NAG G . -26.62 23.58 0.23
N2 NAG G . -27.10 25.87 -0.28
O3 NAG G . -26.30 27.09 -2.67
O4 NAG G . -26.69 29.91 -2.81
O5 NAG G . -29.25 28.85 -0.41
O6 NAG G . -30.23 30.39 -2.55
O7 NAG G . -28.45 24.27 -1.12
C5 DCD H . 39.76 -16.55 -28.09
C3 DCD H . 39.88 -16.77 -29.60
N1 DCD H . 39.49 -18.13 -29.95
C1 DCD H . 40.40 -19.11 -30.14
S2 DCD H . 39.96 -20.63 -30.51
S1 DCD H . 41.98 -18.75 -29.96
C2 DCD H . 38.05 -18.28 -30.07
C4 DCD H . 37.64 -18.05 -31.53
CU CU I . 42.79 -20.77 -30.17
C1 NAG J . 55.37 -24.37 -25.78
C2 NAG J . 56.48 -23.88 -24.85
C3 NAG J . 57.79 -23.72 -25.63
C4 NAG J . 58.10 -24.93 -26.48
C5 NAG J . 56.88 -25.27 -27.34
C6 NAG J . 57.12 -26.48 -28.24
C7 NAG J . 55.84 -22.48 -22.95
C8 NAG J . 55.58 -21.10 -22.42
N2 NAG J . 56.16 -22.60 -24.24
O3 NAG J . 58.85 -23.50 -24.72
O4 NAG J . 59.21 -24.60 -27.29
O5 NAG J . 55.79 -25.53 -26.48
O6 NAG J . 57.15 -27.65 -27.43
O7 NAG J . 55.72 -23.44 -22.18
C1 NAG K . 55.24 -5.71 -17.73
C2 NAG K . 56.68 -5.38 -18.14
C3 NAG K . 57.07 -3.94 -17.85
C4 NAG K . 55.98 -2.98 -18.35
C5 NAG K . 54.64 -3.43 -17.79
C6 NAG K . 53.50 -2.52 -18.22
C7 NAG K . 58.39 -7.10 -18.17
C8 NAG K . 59.36 -7.94 -17.40
N2 NAG K . 57.62 -6.27 -17.46
O3 NAG K . 58.30 -3.63 -18.46
O4 NAG K . 56.30 -1.68 -17.91
O5 NAG K . 54.39 -4.73 -18.29
O6 NAG K . 53.47 -2.51 -19.64
O7 NAG K . 58.32 -7.16 -19.40
C1 NAG L . 34.63 -7.16 -48.72
C2 NAG L . 33.13 -6.90 -48.93
C3 NAG L . 32.82 -6.56 -50.40
C4 NAG L . 33.77 -5.46 -50.87
C5 NAG L . 35.21 -5.89 -50.59
C6 NAG L . 36.25 -4.91 -51.13
C7 NAG L . 31.52 -8.01 -47.48
C8 NAG L . 30.78 -9.29 -47.23
N2 NAG L . 32.39 -8.06 -48.50
O3 NAG L . 31.46 -6.16 -50.54
O4 NAG L . 33.63 -5.21 -52.25
O5 NAG L . 35.35 -6.06 -49.19
O6 NAG L . 36.09 -3.61 -50.59
O7 NAG L . 31.32 -7.01 -46.79
C5 DCD M . -14.34 10.98 1.50
C3 DCD M . -15.75 10.47 1.22
N1 DCD M . -15.69 9.34 0.30
C1 DCD M . -15.84 9.46 -1.02
S2 DCD M . -15.74 8.16 -1.96
S1 DCD M . -16.12 10.87 -1.71
C2 DCD M . -15.41 8.05 0.94
C4 DCD M . -16.67 7.47 1.57
CU CU N . -16.45 8.88 -3.86
C1 NAG O . -20.96 1.57 -14.69
C2 NAG O . -21.41 0.17 -15.07
C3 NAG O . -20.54 -0.46 -16.17
C4 NAG O . -20.38 0.49 -17.32
C5 NAG O . -19.86 1.81 -16.76
C6 NAG O . -19.57 2.83 -17.86
C7 NAG O . -22.49 -1.04 -13.32
C8 NAG O . -22.34 -1.91 -12.11
N2 NAG O . -21.37 -0.69 -13.92
O3 NAG O . -21.15 -1.66 -16.59
O4 NAG O . -19.47 -0.01 -18.29
O5 NAG O . -20.83 2.34 -15.86
O6 NAG O . -20.76 3.10 -18.59
O7 NAG O . -23.61 -0.68 -13.71
C1 NAG P . -39.26 22.66 7.70
C2 NAG P . -40.63 22.78 7.02
C3 NAG P . -41.70 23.38 7.93
C4 NAG P . -41.72 22.60 9.23
C5 NAG P . -40.31 22.61 9.80
C6 NAG P . -40.26 21.92 11.16
C7 NAG P . -40.52 22.96 4.67
C8 NAG P . -40.30 23.80 3.44
N2 NAG P . -40.54 23.59 5.82
O3 NAG P . -42.94 23.30 7.26
O4 NAG P . -42.60 23.21 10.15
O5 NAG P . -39.42 21.97 8.92
O6 NAG P . -39.11 22.38 11.84
O7 NAG P . -40.65 21.73 4.59
C1 NAG Q . -19.36 -13.63 -1.35
C2 NAG Q . -18.55 -14.52 -2.30
C3 NAG Q . -18.26 -15.89 -1.66
C4 NAG Q . -17.62 -15.69 -0.29
C5 NAG Q . -18.42 -14.70 0.53
C6 NAG Q . -17.72 -14.48 1.85
C7 NAG Q . -18.67 -14.41 -4.68
C8 NAG Q . -19.45 -14.68 -5.93
N2 NAG Q . -19.27 -14.73 -3.53
O3 NAG Q . -17.40 -16.68 -2.47
O4 NAG Q . -17.60 -16.92 0.38
O5 NAG Q . -18.54 -13.51 -0.20
O6 NAG Q . -16.51 -13.80 1.63
O7 NAG Q . -17.53 -13.93 -4.73
C1 NAG R . 3.44 7.84 4.11
C2 NAG R . 4.84 7.87 3.48
C3 NAG R . 5.02 6.64 2.61
C4 NAG R . 4.69 5.39 3.42
C5 NAG R . 3.30 5.52 4.03
C6 NAG R . 2.89 4.27 4.81
C7 NAG R . 6.12 9.84 2.75
C8 NAG R . 6.21 10.98 1.78
N2 NAG R . 5.05 9.06 2.66
O3 NAG R . 6.35 6.57 2.14
O4 NAG R . 4.72 4.27 2.56
O5 NAG R . 3.28 6.65 4.86
O6 NAG R . 3.65 4.16 6.00
O7 NAG R . 7.02 9.69 3.59
C5 DCD S . 7.19 -14.09 -9.42
C3 DCD S . 7.01 -14.05 -7.90
N1 DCD S . 7.38 -15.31 -7.27
C1 DCD S . 6.47 -16.22 -6.90
S2 DCD S . 6.87 -17.62 -6.20
S1 DCD S . 4.92 -15.93 -7.16
C2 DCD S . 8.82 -15.48 -7.08
C4 DCD S . 9.24 -14.78 -5.80
CU CU T . 4.06 -17.80 -6.58
C1 NAG U . -8.56 -22.18 -10.25
C2 NAG U . -9.70 -21.85 -11.21
C3 NAG U . -11.02 -21.56 -10.51
C4 NAG U . -11.28 -22.55 -9.38
C5 NAG U . -10.03 -22.69 -8.52
C6 NAG U . -10.26 -23.62 -7.32
C7 NAG U . -8.97 -20.79 -13.28
C8 NAG U . -8.67 -19.50 -14.00
N2 NAG U . -9.33 -20.69 -12.01
O3 NAG U . -12.05 -21.59 -11.47
O4 NAG U . -12.35 -22.09 -8.58
O5 NAG U . -8.98 -23.16 -9.32
O6 NAG U . -10.45 -24.95 -7.77
O7 NAG U . -8.86 -21.86 -13.87
C1 NAG V . -7.99 -5.41 -21.72
C2 NAG V . -9.45 -4.99 -21.49
C3 NAG V . -9.78 -3.71 -22.26
C4 NAG V . -8.78 -2.62 -21.88
C5 NAG V . -7.37 -3.16 -22.13
C6 NAG V . -6.32 -2.10 -21.78
C7 NAG V . -11.03 -6.76 -21.01
C8 NAG V . -11.82 -7.92 -21.53
N2 NAG V . -10.35 -6.04 -21.91
O3 NAG V . -11.10 -3.29 -21.97
O4 NAG V . -8.98 -1.50 -22.69
O5 NAG V . -7.17 -4.32 -21.35
O6 NAG V . -6.34 -1.86 -20.39
O7 NAG V . -11.03 -6.50 -19.81
C1 NAG W . 7.79 -0.65 5.58
C2 NAG W . 7.22 0.00 6.86
C3 NAG W . 5.76 0.36 6.62
C4 NAG W . 5.69 1.28 5.42
C5 NAG W . 6.36 0.59 4.24
C6 NAG W . 6.28 1.39 2.94
C7 NAG W . 7.89 -0.43 9.12
C8 NAG W . 7.86 -1.36 10.28
N2 NAG W . 7.33 -0.87 8.00
O3 NAG W . 5.20 0.97 7.77
O4 NAG W . 4.34 1.55 5.12
O5 NAG W . 7.70 0.32 4.58
O6 NAG W . 6.96 2.61 3.05
O7 NAG W . 8.38 0.70 9.22
C5 DCD X . -38.93 17.34 30.20
C3 DCD X . -38.18 18.61 29.81
N1 DCD X . -38.07 19.45 31.00
C1 DCD X . -38.88 20.48 31.24
S2 DCD X . -38.65 21.30 32.59
S1 DCD X . -40.05 20.90 30.23
C2 DCD X . -37.01 19.08 31.92
C4 DCD X . -35.72 19.75 31.46
CU CU Y . -40.14 22.98 32.14
C1 NAG Z . -39.97 35.21 38.38
C2 NAG Z . -38.99 35.99 39.26
C3 NAG Z . -39.60 36.12 40.66
C4 NAG Z . -40.92 36.82 40.53
C5 NAG Z . -41.83 36.09 39.57
C6 NAG Z . -43.07 36.98 39.42
C7 NAG Z . -36.68 35.80 38.57
C8 NAG Z . -35.34 35.17 38.83
N2 NAG Z . -37.69 35.36 39.32
O3 NAG Z . -38.77 36.91 41.49
O4 NAG Z . -41.56 36.89 41.79
O5 NAG Z . -41.20 35.92 38.31
O6 NAG Z . -44.04 36.33 38.63
O7 NAG Z . -36.79 36.65 37.69
C1 NAG AA . -45.53 0.07 39.22
C2 NAG AA . -45.46 -1.12 38.24
C3 NAG AA . -46.45 -2.22 38.61
C4 NAG AA . -46.40 -2.58 40.09
C5 NAG AA . -46.47 -1.30 40.93
C6 NAG AA . -46.42 -1.58 42.44
C7 NAG AA . -44.88 -0.74 35.89
C8 NAG AA . -45.40 -0.26 34.57
N2 NAG AA . -45.75 -0.69 36.89
O3 NAG AA . -46.21 -3.37 37.80
O4 NAG AA . -47.50 -3.41 40.40
O5 NAG AA . -45.42 -0.43 40.55
O6 NAG AA . -45.17 -2.14 42.82
O7 NAG AA . -43.72 -1.14 35.99
C1 NAG BA . -22.27 29.00 45.58
C2 NAG BA . -22.41 29.61 46.98
C3 NAG BA . -21.24 29.22 47.89
C4 NAG BA . -21.08 27.71 47.90
C5 NAG BA . -20.89 27.28 46.45
C6 NAG BA . -20.60 25.79 46.36
C7 NAG BA . -23.63 31.68 46.99
C8 NAG BA . -23.60 33.16 46.75
N2 NAG BA . -22.46 31.04 46.91
O3 NAG BA . -21.47 29.71 49.19
O4 NAG BA . -19.93 27.37 48.62
O5 NAG BA . -22.06 27.61 45.74
O6 NAG BA . -21.76 25.08 46.75
O7 NAG BA . -24.68 31.10 47.24
#